data_3HNR
# 
_entry.id   3HNR 
# 
_audit_conform.dict_name       mmcif_pdbx.dic 
_audit_conform.dict_version    5.387 
_audit_conform.dict_location   http://mmcif.pdb.org/dictionaries/ascii/mmcif_pdbx.dic 
# 
loop_
_database_2.database_id 
_database_2.database_code 
_database_2.pdbx_database_accession 
_database_2.pdbx_DOI 
PDB   3HNR         pdb_00003hnr 10.2210/pdb3hnr/pdb 
RCSB  RCSB053360   ?            ?                   
WWPDB D_1000053360 ?            ?                   
# 
loop_
_pdbx_audit_revision_history.ordinal 
_pdbx_audit_revision_history.data_content_type 
_pdbx_audit_revision_history.major_revision 
_pdbx_audit_revision_history.minor_revision 
_pdbx_audit_revision_history.revision_date 
1 'Structure model' 1 0 2009-06-23 
2 'Structure model' 1 1 2011-07-13 
3 'Structure model' 1 2 2024-02-21 
# 
_pdbx_audit_revision_details.ordinal             1 
_pdbx_audit_revision_details.revision_ordinal    1 
_pdbx_audit_revision_details.data_content_type   'Structure model' 
_pdbx_audit_revision_details.provider            repository 
_pdbx_audit_revision_details.type                'Initial release' 
_pdbx_audit_revision_details.description         ? 
_pdbx_audit_revision_details.details             ? 
# 
loop_
_pdbx_audit_revision_group.ordinal 
_pdbx_audit_revision_group.revision_ordinal 
_pdbx_audit_revision_group.data_content_type 
_pdbx_audit_revision_group.group 
1 2 'Structure model' 'Version format compliance' 
2 3 'Structure model' 'Data collection'           
3 3 'Structure model' 'Database references'       
# 
loop_
_pdbx_audit_revision_category.ordinal 
_pdbx_audit_revision_category.revision_ordinal 
_pdbx_audit_revision_category.data_content_type 
_pdbx_audit_revision_category.category 
1 3 'Structure model' chem_comp_atom 
2 3 'Structure model' chem_comp_bond 
3 3 'Structure model' database_2     
# 
loop_
_pdbx_audit_revision_item.ordinal 
_pdbx_audit_revision_item.revision_ordinal 
_pdbx_audit_revision_item.data_content_type 
_pdbx_audit_revision_item.item 
1 3 'Structure model' '_database_2.pdbx_DOI'                
2 3 'Structure model' '_database_2.pdbx_database_accession' 
# 
_pdbx_database_status.status_code                     REL 
_pdbx_database_status.entry_id                        3HNR 
_pdbx_database_status.recvd_initial_deposition_date   2009-05-31 
_pdbx_database_status.deposit_site                    RCSB 
_pdbx_database_status.process_site                    RCSB 
_pdbx_database_status.status_code_sf                  REL 
_pdbx_database_status.status_code_mr                  ? 
_pdbx_database_status.SG_entry                        Y 
_pdbx_database_status.pdb_format_compatible           Y 
_pdbx_database_status.status_code_cs                  ? 
_pdbx_database_status.status_code_nmr_data            ? 
_pdbx_database_status.methods_development_category    ? 
# 
_pdbx_database_related.db_name        TargetDB 
_pdbx_database_related.db_id          BuR219 
_pdbx_database_related.details        . 
_pdbx_database_related.content_type   unspecified 
# 
loop_
_audit_author.name 
_audit_author.pdbx_ordinal 
'Seetharaman, J.'                                 1  
'Neely, H.'                                       2  
'Sahdev, S.'                                      3  
'Janjua, H.'                                      4  
'Xiao, R.'                                        5  
'Ciccosanti, C.'                                  6  
'Foote, E.L.'                                     7  
'Acton, T.B.'                                     8  
'Rost, B.'                                        9  
'Montelione, G.T.'                                10 
'Hunt, J.F.'                                      11 
'Tong, L.'                                        12 
'Northeast Structural Genomics Consortium (NESG)' 13 
# 
_citation.id                        primary 
_citation.title                     
;Crystal Structure of a probable methyltransferase BT9727_4108 from Bacillus thuringiensis subsp. Northeast Structural Genomics Consortium target id BuR219
;
_citation.journal_abbrev            'To be Published' 
_citation.journal_volume            ? 
_citation.page_first                ? 
_citation.page_last                 ? 
_citation.year                      ? 
_citation.journal_id_ASTM           ? 
_citation.country                   ? 
_citation.journal_id_ISSN           ? 
_citation.journal_id_CSD            0353 
_citation.book_publisher            ? 
_citation.pdbx_database_id_PubMed   ? 
_citation.pdbx_database_id_DOI      ? 
# 
loop_
_citation_author.citation_id 
_citation_author.name 
_citation_author.ordinal 
_citation_author.identifier_ORCID 
primary 'Seetharaman, J.'  1  ? 
primary 'Neely, H.'        2  ? 
primary 'Sahdev, S.'       3  ? 
primary 'Janjua, H.'       4  ? 
primary 'Xiao, R.'         5  ? 
primary 'Ciccosanti, C.'   6  ? 
primary 'Foote, E.L.'      7  ? 
primary 'Acton, T.B.'      8  ? 
primary 'Rost, B.'         9  ? 
primary 'Montelione, G.T.' 10 ? 
primary 'Hunt, J.F.'       11 ? 
primary 'Tong, L.'         12 ? 
# 
loop_
_entity.id 
_entity.type 
_entity.src_method 
_entity.pdbx_description 
_entity.formula_weight 
_entity.pdbx_number_of_molecules 
_entity.pdbx_ec 
_entity.pdbx_mutation 
_entity.pdbx_fragment 
_entity.details 
1 polymer man 'probable methyltransferase BT9727_4108' 25361.328 1  2.1.1.- ? ? ? 
2 water   nat water                                    18.015    40 ?       ? ? ? 
# 
_entity_poly.entity_id                      1 
_entity_poly.type                           'polypeptide(L)' 
_entity_poly.nstd_linkage                   no 
_entity_poly.nstd_monomer                   no 
_entity_poly.pdbx_seq_one_letter_code       
;MGTEFNGLFDEWAHTYDSFVQGEDIQYKEVFAHYEDILEDVVNKSFGNVLEFGVGTGNLTNKLLLAGRTVYGIEPSREMR
MIAKEKLPKEFSITEGDFLSFEVPTSIDTIVSTYAFHHLTDDEKNVAIAKYSQLLNKGGKIVFADTIFADQDAYDKTVEA
AKQRGFHQLANDLQTEYYTRIPVMQTIFENNGFHVTFTRLNHFVWVMEATKQLEHHHHHH
;
_entity_poly.pdbx_seq_one_letter_code_can   
;MGTEFNGLFDEWAHTYDSFVQGEDIQYKEVFAHYEDILEDVVNKSFGNVLEFGVGTGNLTNKLLLAGRTVYGIEPSREMR
MIAKEKLPKEFSITEGDFLSFEVPTSIDTIVSTYAFHHLTDDEKNVAIAKYSQLLNKGGKIVFADTIFADQDAYDKTVEA
AKQRGFHQLANDLQTEYYTRIPVMQTIFENNGFHVTFTRLNHFVWVMEATKQLEHHHHHH
;
_entity_poly.pdbx_strand_id                 A 
_entity_poly.pdbx_target_identifier         BuR219 
# 
_pdbx_entity_nonpoly.entity_id   2 
_pdbx_entity_nonpoly.name        water 
_pdbx_entity_nonpoly.comp_id     HOH 
# 
loop_
_entity_poly_seq.entity_id 
_entity_poly_seq.num 
_entity_poly_seq.mon_id 
_entity_poly_seq.hetero 
1 1   MET n 
1 2   GLY n 
1 3   THR n 
1 4   GLU n 
1 5   PHE n 
1 6   ASN n 
1 7   GLY n 
1 8   LEU n 
1 9   PHE n 
1 10  ASP n 
1 11  GLU n 
1 12  TRP n 
1 13  ALA n 
1 14  HIS n 
1 15  THR n 
1 16  TYR n 
1 17  ASP n 
1 18  SER n 
1 19  PHE n 
1 20  VAL n 
1 21  GLN n 
1 22  GLY n 
1 23  GLU n 
1 24  ASP n 
1 25  ILE n 
1 26  GLN n 
1 27  TYR n 
1 28  LYS n 
1 29  GLU n 
1 30  VAL n 
1 31  PHE n 
1 32  ALA n 
1 33  HIS n 
1 34  TYR n 
1 35  GLU n 
1 36  ASP n 
1 37  ILE n 
1 38  LEU n 
1 39  GLU n 
1 40  ASP n 
1 41  VAL n 
1 42  VAL n 
1 43  ASN n 
1 44  LYS n 
1 45  SER n 
1 46  PHE n 
1 47  GLY n 
1 48  ASN n 
1 49  VAL n 
1 50  LEU n 
1 51  GLU n 
1 52  PHE n 
1 53  GLY n 
1 54  VAL n 
1 55  GLY n 
1 56  THR n 
1 57  GLY n 
1 58  ASN n 
1 59  LEU n 
1 60  THR n 
1 61  ASN n 
1 62  LYS n 
1 63  LEU n 
1 64  LEU n 
1 65  LEU n 
1 66  ALA n 
1 67  GLY n 
1 68  ARG n 
1 69  THR n 
1 70  VAL n 
1 71  TYR n 
1 72  GLY n 
1 73  ILE n 
1 74  GLU n 
1 75  PRO n 
1 76  SER n 
1 77  ARG n 
1 78  GLU n 
1 79  MET n 
1 80  ARG n 
1 81  MET n 
1 82  ILE n 
1 83  ALA n 
1 84  LYS n 
1 85  GLU n 
1 86  LYS n 
1 87  LEU n 
1 88  PRO n 
1 89  LYS n 
1 90  GLU n 
1 91  PHE n 
1 92  SER n 
1 93  ILE n 
1 94  THR n 
1 95  GLU n 
1 96  GLY n 
1 97  ASP n 
1 98  PHE n 
1 99  LEU n 
1 100 SER n 
1 101 PHE n 
1 102 GLU n 
1 103 VAL n 
1 104 PRO n 
1 105 THR n 
1 106 SER n 
1 107 ILE n 
1 108 ASP n 
1 109 THR n 
1 110 ILE n 
1 111 VAL n 
1 112 SER n 
1 113 THR n 
1 114 TYR n 
1 115 ALA n 
1 116 PHE n 
1 117 HIS n 
1 118 HIS n 
1 119 LEU n 
1 120 THR n 
1 121 ASP n 
1 122 ASP n 
1 123 GLU n 
1 124 LYS n 
1 125 ASN n 
1 126 VAL n 
1 127 ALA n 
1 128 ILE n 
1 129 ALA n 
1 130 LYS n 
1 131 TYR n 
1 132 SER n 
1 133 GLN n 
1 134 LEU n 
1 135 LEU n 
1 136 ASN n 
1 137 LYS n 
1 138 GLY n 
1 139 GLY n 
1 140 LYS n 
1 141 ILE n 
1 142 VAL n 
1 143 PHE n 
1 144 ALA n 
1 145 ASP n 
1 146 THR n 
1 147 ILE n 
1 148 PHE n 
1 149 ALA n 
1 150 ASP n 
1 151 GLN n 
1 152 ASP n 
1 153 ALA n 
1 154 TYR n 
1 155 ASP n 
1 156 LYS n 
1 157 THR n 
1 158 VAL n 
1 159 GLU n 
1 160 ALA n 
1 161 ALA n 
1 162 LYS n 
1 163 GLN n 
1 164 ARG n 
1 165 GLY n 
1 166 PHE n 
1 167 HIS n 
1 168 GLN n 
1 169 LEU n 
1 170 ALA n 
1 171 ASN n 
1 172 ASP n 
1 173 LEU n 
1 174 GLN n 
1 175 THR n 
1 176 GLU n 
1 177 TYR n 
1 178 TYR n 
1 179 THR n 
1 180 ARG n 
1 181 ILE n 
1 182 PRO n 
1 183 VAL n 
1 184 MET n 
1 185 GLN n 
1 186 THR n 
1 187 ILE n 
1 188 PHE n 
1 189 GLU n 
1 190 ASN n 
1 191 ASN n 
1 192 GLY n 
1 193 PHE n 
1 194 HIS n 
1 195 VAL n 
1 196 THR n 
1 197 PHE n 
1 198 THR n 
1 199 ARG n 
1 200 LEU n 
1 201 ASN n 
1 202 HIS n 
1 203 PHE n 
1 204 VAL n 
1 205 TRP n 
1 206 VAL n 
1 207 MET n 
1 208 GLU n 
1 209 ALA n 
1 210 THR n 
1 211 LYS n 
1 212 GLN n 
1 213 LEU n 
1 214 GLU n 
1 215 HIS n 
1 216 HIS n 
1 217 HIS n 
1 218 HIS n 
1 219 HIS n 
1 220 HIS n 
# 
_entity_src_gen.entity_id                          1 
_entity_src_gen.pdbx_src_id                        1 
_entity_src_gen.pdbx_alt_source_flag               sample 
_entity_src_gen.pdbx_seq_type                      ? 
_entity_src_gen.pdbx_beg_seq_num                   ? 
_entity_src_gen.pdbx_end_seq_num                   ? 
_entity_src_gen.gene_src_common_name               ? 
_entity_src_gen.gene_src_genus                     ? 
_entity_src_gen.pdbx_gene_src_gene                 BT9727_4108 
_entity_src_gen.gene_src_species                   ? 
_entity_src_gen.gene_src_strain                    ? 
_entity_src_gen.gene_src_tissue                    ? 
_entity_src_gen.gene_src_tissue_fraction           ? 
_entity_src_gen.gene_src_details                   ? 
_entity_src_gen.pdbx_gene_src_fragment             ? 
_entity_src_gen.pdbx_gene_src_scientific_name      'Bacillus thuringiensis serovar konkukian' 
_entity_src_gen.pdbx_gene_src_ncbi_taxonomy_id     180856 
_entity_src_gen.pdbx_gene_src_variant              ? 
_entity_src_gen.pdbx_gene_src_cell_line            ? 
_entity_src_gen.pdbx_gene_src_atcc                 ? 
_entity_src_gen.pdbx_gene_src_organ                ? 
_entity_src_gen.pdbx_gene_src_organelle            ? 
_entity_src_gen.pdbx_gene_src_cell                 ? 
_entity_src_gen.pdbx_gene_src_cellular_location    ? 
_entity_src_gen.host_org_common_name               ? 
_entity_src_gen.pdbx_host_org_scientific_name      'Escherichia coli' 
_entity_src_gen.pdbx_host_org_ncbi_taxonomy_id     562 
_entity_src_gen.host_org_genus                     ? 
_entity_src_gen.pdbx_host_org_gene                 ? 
_entity_src_gen.pdbx_host_org_organ                ? 
_entity_src_gen.host_org_species                   ? 
_entity_src_gen.pdbx_host_org_tissue               ? 
_entity_src_gen.pdbx_host_org_tissue_fraction      ? 
_entity_src_gen.pdbx_host_org_strain               ? 
_entity_src_gen.pdbx_host_org_variant              ? 
_entity_src_gen.pdbx_host_org_cell_line            ? 
_entity_src_gen.pdbx_host_org_atcc                 ? 
_entity_src_gen.pdbx_host_org_culture_collection   ? 
_entity_src_gen.pdbx_host_org_cell                 ? 
_entity_src_gen.pdbx_host_org_organelle            ? 
_entity_src_gen.pdbx_host_org_cellular_location    ? 
_entity_src_gen.pdbx_host_org_vector_type          plasmid 
_entity_src_gen.pdbx_host_org_vector               ? 
_entity_src_gen.host_org_details                   ? 
_entity_src_gen.expression_system_id               ? 
_entity_src_gen.plasmid_name                       PET21 
_entity_src_gen.plasmid_details                    ? 
_entity_src_gen.pdbx_description                   ? 
# 
loop_
_chem_comp.id 
_chem_comp.type 
_chem_comp.mon_nstd_flag 
_chem_comp.name 
_chem_comp.pdbx_synonyms 
_chem_comp.formula 
_chem_comp.formula_weight 
ALA 'L-peptide linking' y ALANINE         ? 'C3 H7 N O2'     89.093  
ARG 'L-peptide linking' y ARGININE        ? 'C6 H15 N4 O2 1' 175.209 
ASN 'L-peptide linking' y ASPARAGINE      ? 'C4 H8 N2 O3'    132.118 
ASP 'L-peptide linking' y 'ASPARTIC ACID' ? 'C4 H7 N O4'     133.103 
GLN 'L-peptide linking' y GLUTAMINE       ? 'C5 H10 N2 O3'   146.144 
GLU 'L-peptide linking' y 'GLUTAMIC ACID' ? 'C5 H9 N O4'     147.129 
GLY 'peptide linking'   y GLYCINE         ? 'C2 H5 N O2'     75.067  
HIS 'L-peptide linking' y HISTIDINE       ? 'C6 H10 N3 O2 1' 156.162 
HOH non-polymer         . WATER           ? 'H2 O'           18.015  
ILE 'L-peptide linking' y ISOLEUCINE      ? 'C6 H13 N O2'    131.173 
LEU 'L-peptide linking' y LEUCINE         ? 'C6 H13 N O2'    131.173 
LYS 'L-peptide linking' y LYSINE          ? 'C6 H15 N2 O2 1' 147.195 
MET 'L-peptide linking' y METHIONINE      ? 'C5 H11 N O2 S'  149.211 
PHE 'L-peptide linking' y PHENYLALANINE   ? 'C9 H11 N O2'    165.189 
PRO 'L-peptide linking' y PROLINE         ? 'C5 H9 N O2'     115.130 
SER 'L-peptide linking' y SERINE          ? 'C3 H7 N O3'     105.093 
THR 'L-peptide linking' y THREONINE       ? 'C4 H9 N O3'     119.119 
TRP 'L-peptide linking' y TRYPTOPHAN      ? 'C11 H12 N2 O2'  204.225 
TYR 'L-peptide linking' y TYROSINE        ? 'C9 H11 N O3'    181.189 
VAL 'L-peptide linking' y VALINE          ? 'C5 H11 N O2'    117.146 
# 
loop_
_pdbx_poly_seq_scheme.asym_id 
_pdbx_poly_seq_scheme.entity_id 
_pdbx_poly_seq_scheme.seq_id 
_pdbx_poly_seq_scheme.mon_id 
_pdbx_poly_seq_scheme.ndb_seq_num 
_pdbx_poly_seq_scheme.pdb_seq_num 
_pdbx_poly_seq_scheme.auth_seq_num 
_pdbx_poly_seq_scheme.pdb_mon_id 
_pdbx_poly_seq_scheme.auth_mon_id 
_pdbx_poly_seq_scheme.pdb_strand_id 
_pdbx_poly_seq_scheme.pdb_ins_code 
_pdbx_poly_seq_scheme.hetero 
A 1 1   MET 1   1   ?   ?   ?   A . n 
A 1 2   GLY 2   2   ?   ?   ?   A . n 
A 1 3   THR 3   3   ?   ?   ?   A . n 
A 1 4   GLU 4   4   ?   ?   ?   A . n 
A 1 5   PHE 5   5   ?   ?   ?   A . n 
A 1 6   ASN 6   6   ?   ?   ?   A . n 
A 1 7   GLY 7   7   ?   ?   ?   A . n 
A 1 8   LEU 8   8   ?   ?   ?   A . n 
A 1 9   PHE 9   9   ?   ?   ?   A . n 
A 1 10  ASP 10  10  ?   ?   ?   A . n 
A 1 11  GLU 11  11  ?   ?   ?   A . n 
A 1 12  TRP 12  12  ?   ?   ?   A . n 
A 1 13  ALA 13  13  ?   ?   ?   A . n 
A 1 14  HIS 14  14  ?   ?   ?   A . n 
A 1 15  THR 15  15  ?   ?   ?   A . n 
A 1 16  TYR 16  16  ?   ?   ?   A . n 
A 1 17  ASP 17  17  ?   ?   ?   A . n 
A 1 18  SER 18  18  ?   ?   ?   A . n 
A 1 19  PHE 19  19  ?   ?   ?   A . n 
A 1 20  VAL 20  20  ?   ?   ?   A . n 
A 1 21  GLN 21  21  ?   ?   ?   A . n 
A 1 22  GLY 22  22  ?   ?   ?   A . n 
A 1 23  GLU 23  23  ?   ?   ?   A . n 
A 1 24  ASP 24  24  24  ASP ASP A . n 
A 1 25  ILE 25  25  25  ILE ILE A . n 
A 1 26  GLN 26  26  26  GLN GLN A . n 
A 1 27  TYR 27  27  27  TYR TYR A . n 
A 1 28  LYS 28  28  28  LYS LYS A . n 
A 1 29  GLU 29  29  29  GLU GLU A . n 
A 1 30  VAL 30  30  30  VAL VAL A . n 
A 1 31  PHE 31  31  31  PHE PHE A . n 
A 1 32  ALA 32  32  32  ALA ALA A . n 
A 1 33  HIS 33  33  33  HIS HIS A . n 
A 1 34  TYR 34  34  34  TYR TYR A . n 
A 1 35  GLU 35  35  35  GLU GLU A . n 
A 1 36  ASP 36  36  36  ASP ASP A . n 
A 1 37  ILE 37  37  37  ILE ILE A . n 
A 1 38  LEU 38  38  38  LEU LEU A . n 
A 1 39  GLU 39  39  39  GLU GLU A . n 
A 1 40  ASP 40  40  40  ASP ASP A . n 
A 1 41  VAL 41  41  41  VAL VAL A . n 
A 1 42  VAL 42  42  42  VAL VAL A . n 
A 1 43  ASN 43  43  43  ASN ASN A . n 
A 1 44  LYS 44  44  44  LYS LYS A . n 
A 1 45  SER 45  45  45  SER SER A . n 
A 1 46  PHE 46  46  46  PHE PHE A . n 
A 1 47  GLY 47  47  47  GLY GLY A . n 
A 1 48  ASN 48  48  48  ASN ASN A . n 
A 1 49  VAL 49  49  49  VAL VAL A . n 
A 1 50  LEU 50  50  50  LEU LEU A . n 
A 1 51  GLU 51  51  51  GLU GLU A . n 
A 1 52  PHE 52  52  52  PHE PHE A . n 
A 1 53  GLY 53  53  53  GLY GLY A . n 
A 1 54  VAL 54  54  54  VAL VAL A . n 
A 1 55  GLY 55  55  55  GLY GLY A . n 
A 1 56  THR 56  56  56  THR THR A . n 
A 1 57  GLY 57  57  57  GLY GLY A . n 
A 1 58  ASN 58  58  58  ASN ASN A . n 
A 1 59  LEU 59  59  59  LEU LEU A . n 
A 1 60  THR 60  60  60  THR THR A . n 
A 1 61  ASN 61  61  61  ASN ASN A . n 
A 1 62  LYS 62  62  62  LYS LYS A . n 
A 1 63  LEU 63  63  63  LEU LEU A . n 
A 1 64  LEU 64  64  64  LEU LEU A . n 
A 1 65  LEU 65  65  65  LEU LEU A . n 
A 1 66  ALA 66  66  66  ALA ALA A . n 
A 1 67  GLY 67  67  67  GLY GLY A . n 
A 1 68  ARG 68  68  68  ARG ARG A . n 
A 1 69  THR 69  69  69  THR THR A . n 
A 1 70  VAL 70  70  70  VAL VAL A . n 
A 1 71  TYR 71  71  71  TYR TYR A . n 
A 1 72  GLY 72  72  72  GLY GLY A . n 
A 1 73  ILE 73  73  73  ILE ILE A . n 
A 1 74  GLU 74  74  74  GLU GLU A . n 
A 1 75  PRO 75  75  75  PRO PRO A . n 
A 1 76  SER 76  76  76  SER SER A . n 
A 1 77  ARG 77  77  77  ARG ARG A . n 
A 1 78  GLU 78  78  78  GLU GLU A . n 
A 1 79  MET 79  79  79  MET MET A . n 
A 1 80  ARG 80  80  80  ARG ARG A . n 
A 1 81  MET 81  81  81  MET MET A . n 
A 1 82  ILE 82  82  82  ILE ILE A . n 
A 1 83  ALA 83  83  83  ALA ALA A . n 
A 1 84  LYS 84  84  84  LYS LYS A . n 
A 1 85  GLU 85  85  85  GLU GLU A . n 
A 1 86  LYS 86  86  86  LYS LYS A . n 
A 1 87  LEU 87  87  87  LEU LEU A . n 
A 1 88  PRO 88  88  88  PRO PRO A . n 
A 1 89  LYS 89  89  89  LYS LYS A . n 
A 1 90  GLU 90  90  90  GLU GLU A . n 
A 1 91  PHE 91  91  91  PHE PHE A . n 
A 1 92  SER 92  92  92  SER SER A . n 
A 1 93  ILE 93  93  93  ILE ILE A . n 
A 1 94  THR 94  94  94  THR THR A . n 
A 1 95  GLU 95  95  95  GLU GLU A . n 
A 1 96  GLY 96  96  96  GLY GLY A . n 
A 1 97  ASP 97  97  97  ASP ASP A . n 
A 1 98  PHE 98  98  98  PHE PHE A . n 
A 1 99  LEU 99  99  99  LEU LEU A . n 
A 1 100 SER 100 100 100 SER SER A . n 
A 1 101 PHE 101 101 101 PHE PHE A . n 
A 1 102 GLU 102 102 102 GLU GLU A . n 
A 1 103 VAL 103 103 103 VAL VAL A . n 
A 1 104 PRO 104 104 104 PRO PRO A . n 
A 1 105 THR 105 105 105 THR THR A . n 
A 1 106 SER 106 106 106 SER SER A . n 
A 1 107 ILE 107 107 107 ILE ILE A . n 
A 1 108 ASP 108 108 108 ASP ASP A . n 
A 1 109 THR 109 109 109 THR THR A . n 
A 1 110 ILE 110 110 110 ILE ILE A . n 
A 1 111 VAL 111 111 111 VAL VAL A . n 
A 1 112 SER 112 112 112 SER SER A . n 
A 1 113 THR 113 113 113 THR THR A . n 
A 1 114 TYR 114 114 114 TYR TYR A . n 
A 1 115 ALA 115 115 115 ALA ALA A . n 
A 1 116 PHE 116 116 116 PHE PHE A . n 
A 1 117 HIS 117 117 117 HIS HIS A . n 
A 1 118 HIS 118 118 118 HIS HIS A . n 
A 1 119 LEU 119 119 119 LEU LEU A . n 
A 1 120 THR 120 120 120 THR THR A . n 
A 1 121 ASP 121 121 121 ASP ASP A . n 
A 1 122 ASP 122 122 122 ASP ASP A . n 
A 1 123 GLU 123 123 123 GLU GLU A . n 
A 1 124 LYS 124 124 124 LYS LYS A . n 
A 1 125 ASN 125 125 125 ASN ASN A . n 
A 1 126 VAL 126 126 126 VAL VAL A . n 
A 1 127 ALA 127 127 127 ALA ALA A . n 
A 1 128 ILE 128 128 128 ILE ILE A . n 
A 1 129 ALA 129 129 129 ALA ALA A . n 
A 1 130 LYS 130 130 130 LYS LYS A . n 
A 1 131 TYR 131 131 131 TYR TYR A . n 
A 1 132 SER 132 132 132 SER SER A . n 
A 1 133 GLN 133 133 133 GLN GLN A . n 
A 1 134 LEU 134 134 134 LEU LEU A . n 
A 1 135 LEU 135 135 135 LEU LEU A . n 
A 1 136 ASN 136 136 136 ASN ASN A . n 
A 1 137 LYS 137 137 137 LYS LYS A . n 
A 1 138 GLY 138 138 138 GLY GLY A . n 
A 1 139 GLY 139 139 139 GLY GLY A . n 
A 1 140 LYS 140 140 140 LYS LYS A . n 
A 1 141 ILE 141 141 141 ILE ILE A . n 
A 1 142 VAL 142 142 142 VAL VAL A . n 
A 1 143 PHE 143 143 143 PHE PHE A . n 
A 1 144 ALA 144 144 144 ALA ALA A . n 
A 1 145 ASP 145 145 145 ASP ASP A . n 
A 1 146 THR 146 146 146 THR THR A . n 
A 1 147 ILE 147 147 147 ILE ILE A . n 
A 1 148 PHE 148 148 148 PHE PHE A . n 
A 1 149 ALA 149 149 149 ALA ALA A . n 
A 1 150 ASP 150 150 150 ASP ASP A . n 
A 1 151 GLN 151 151 151 GLN GLN A . n 
A 1 152 ASP 152 152 152 ASP ASP A . n 
A 1 153 ALA 153 153 153 ALA ALA A . n 
A 1 154 TYR 154 154 154 TYR TYR A . n 
A 1 155 ASP 155 155 155 ASP ASP A . n 
A 1 156 LYS 156 156 156 LYS LYS A . n 
A 1 157 THR 157 157 157 THR THR A . n 
A 1 158 VAL 158 158 158 VAL VAL A . n 
A 1 159 GLU 159 159 159 GLU GLU A . n 
A 1 160 ALA 160 160 160 ALA ALA A . n 
A 1 161 ALA 161 161 161 ALA ALA A . n 
A 1 162 LYS 162 162 162 LYS LYS A . n 
A 1 163 GLN 163 163 163 GLN GLN A . n 
A 1 164 ARG 164 164 164 ARG ARG A . n 
A 1 165 GLY 165 165 165 GLY GLY A . n 
A 1 166 PHE 166 166 166 PHE PHE A . n 
A 1 167 HIS 167 167 167 HIS HIS A . n 
A 1 168 GLN 168 168 168 GLN GLN A . n 
A 1 169 LEU 169 169 169 LEU LEU A . n 
A 1 170 ALA 170 170 170 ALA ALA A . n 
A 1 171 ASN 171 171 171 ASN ASN A . n 
A 1 172 ASP 172 172 172 ASP ASP A . n 
A 1 173 LEU 173 173 173 LEU LEU A . n 
A 1 174 GLN 174 174 174 GLN GLN A . n 
A 1 175 THR 175 175 175 THR THR A . n 
A 1 176 GLU 176 176 176 GLU GLU A . n 
A 1 177 TYR 177 177 177 TYR TYR A . n 
A 1 178 TYR 178 178 178 TYR TYR A . n 
A 1 179 THR 179 179 179 THR THR A . n 
A 1 180 ARG 180 180 180 ARG ARG A . n 
A 1 181 ILE 181 181 181 ILE ILE A . n 
A 1 182 PRO 182 182 182 PRO PRO A . n 
A 1 183 VAL 183 183 183 VAL VAL A . n 
A 1 184 MET 184 184 184 MET MET A . n 
A 1 185 GLN 185 185 185 GLN GLN A . n 
A 1 186 THR 186 186 186 THR THR A . n 
A 1 187 ILE 187 187 187 ILE ILE A . n 
A 1 188 PHE 188 188 188 PHE PHE A . n 
A 1 189 GLU 189 189 189 GLU GLU A . n 
A 1 190 ASN 190 190 190 ASN ASN A . n 
A 1 191 ASN 191 191 191 ASN ASN A . n 
A 1 192 GLY 192 192 192 GLY GLY A . n 
A 1 193 PHE 193 193 193 PHE PHE A . n 
A 1 194 HIS 194 194 194 HIS HIS A . n 
A 1 195 VAL 195 195 195 VAL VAL A . n 
A 1 196 THR 196 196 196 THR THR A . n 
A 1 197 PHE 197 197 197 PHE PHE A . n 
A 1 198 THR 198 198 198 THR THR A . n 
A 1 199 ARG 199 199 199 ARG ARG A . n 
A 1 200 LEU 200 200 200 LEU LEU A . n 
A 1 201 ASN 201 201 201 ASN ASN A . n 
A 1 202 HIS 202 202 202 HIS HIS A . n 
A 1 203 PHE 203 203 203 PHE PHE A . n 
A 1 204 VAL 204 204 204 VAL VAL A . n 
A 1 205 TRP 205 205 205 TRP TRP A . n 
A 1 206 VAL 206 206 206 VAL VAL A . n 
A 1 207 MET 207 207 207 MET MET A . n 
A 1 208 GLU 208 208 208 GLU GLU A . n 
A 1 209 ALA 209 209 209 ALA ALA A . n 
A 1 210 THR 210 210 210 THR THR A . n 
A 1 211 LYS 211 211 211 LYS LYS A . n 
A 1 212 GLN 212 212 212 GLN GLN A . n 
A 1 213 LEU 213 213 213 LEU LEU A . n 
A 1 214 GLU 214 214 214 GLU GLU A . n 
A 1 215 HIS 215 215 215 HIS HIS A . n 
A 1 216 HIS 216 216 216 HIS HIS A . n 
A 1 217 HIS 217 217 ?   ?   ?   A . n 
A 1 218 HIS 218 218 ?   ?   ?   A . n 
A 1 219 HIS 219 219 ?   ?   ?   A . n 
A 1 220 HIS 220 220 ?   ?   ?   A . n 
# 
loop_
_pdbx_nonpoly_scheme.asym_id 
_pdbx_nonpoly_scheme.entity_id 
_pdbx_nonpoly_scheme.mon_id 
_pdbx_nonpoly_scheme.ndb_seq_num 
_pdbx_nonpoly_scheme.pdb_seq_num 
_pdbx_nonpoly_scheme.auth_seq_num 
_pdbx_nonpoly_scheme.pdb_mon_id 
_pdbx_nonpoly_scheme.auth_mon_id 
_pdbx_nonpoly_scheme.pdb_strand_id 
_pdbx_nonpoly_scheme.pdb_ins_code 
B 2 HOH 1  221 1  HOH TIP A . 
B 2 HOH 2  222 2  HOH TIP A . 
B 2 HOH 3  223 3  HOH TIP A . 
B 2 HOH 4  224 4  HOH TIP A . 
B 2 HOH 5  225 5  HOH TIP A . 
B 2 HOH 6  226 6  HOH TIP A . 
B 2 HOH 7  227 7  HOH TIP A . 
B 2 HOH 8  228 8  HOH TIP A . 
B 2 HOH 9  229 9  HOH TIP A . 
B 2 HOH 10 230 10 HOH TIP A . 
B 2 HOH 11 231 11 HOH TIP A . 
B 2 HOH 12 232 12 HOH TIP A . 
B 2 HOH 13 233 13 HOH TIP A . 
B 2 HOH 14 234 14 HOH TIP A . 
B 2 HOH 15 235 15 HOH TIP A . 
B 2 HOH 16 236 16 HOH TIP A . 
B 2 HOH 17 237 17 HOH TIP A . 
B 2 HOH 18 238 18 HOH TIP A . 
B 2 HOH 19 239 19 HOH TIP A . 
B 2 HOH 20 240 20 HOH TIP A . 
B 2 HOH 21 241 21 HOH TIP A . 
B 2 HOH 22 242 22 HOH TIP A . 
B 2 HOH 23 243 23 HOH TIP A . 
B 2 HOH 24 244 24 HOH TIP A . 
B 2 HOH 25 245 25 HOH TIP A . 
B 2 HOH 26 246 26 HOH TIP A . 
B 2 HOH 27 247 27 HOH TIP A . 
B 2 HOH 28 248 28 HOH TIP A . 
B 2 HOH 29 249 29 HOH TIP A . 
B 2 HOH 30 250 30 HOH TIP A . 
B 2 HOH 31 251 31 HOH TIP A . 
B 2 HOH 32 252 32 HOH TIP A . 
B 2 HOH 33 253 33 HOH TIP A . 
B 2 HOH 34 254 34 HOH TIP A . 
B 2 HOH 35 255 35 HOH TIP A . 
B 2 HOH 36 256 36 HOH TIP A . 
B 2 HOH 37 257 37 HOH TIP A . 
B 2 HOH 38 258 38 HOH TIP A . 
B 2 HOH 39 259 39 HOH TIP A . 
B 2 HOH 40 260 40 HOH TIP A . 
# 
loop_
_software.name 
_software.classification 
_software.version 
_software.citation_id 
_software.pdbx_ordinal 
ADSC     'data collection' Quantum ? 1 
SOLVE    phasing           .       ? 2 
CNS      refinement        1.2     ? 3 
HKL-2000 'data reduction'  .       ? 4 
HKL-2000 'data scaling'    .       ? 5 
# 
_cell.entry_id           3HNR 
_cell.length_a           40.478 
_cell.length_b           40.478 
_cell.length_c           264.216 
_cell.angle_alpha        90.00 
_cell.angle_beta         90.00 
_cell.angle_gamma        90.00 
_cell.Z_PDB              8 
_cell.pdbx_unique_axis   ? 
_cell.length_a_esd       ? 
_cell.length_b_esd       ? 
_cell.length_c_esd       ? 
_cell.angle_alpha_esd    ? 
_cell.angle_beta_esd     ? 
_cell.angle_gamma_esd    ? 
# 
_symmetry.entry_id                         3HNR 
_symmetry.space_group_name_H-M             'P 43 2 2' 
_symmetry.pdbx_full_space_group_name_H-M   ? 
_symmetry.cell_setting                     ? 
_symmetry.Int_Tables_number                95 
_symmetry.space_group_name_Hall            ? 
# 
_exptl.entry_id          3HNR 
_exptl.method            'X-RAY DIFFRACTION' 
_exptl.crystals_number   1 
# 
_exptl_crystal.id                    1 
_exptl_crystal.density_meas          ? 
_exptl_crystal.density_Matthews      2.13 
_exptl_crystal.density_percent_sol   42.35 
_exptl_crystal.description           ? 
_exptl_crystal.F_000                 ? 
_exptl_crystal.preparation           ? 
# 
_exptl_crystal_grow.crystal_id      1 
_exptl_crystal_grow.method          'VAPOR DIFFUSION, HANGING DROP' 
_exptl_crystal_grow.temp            293 
_exptl_crystal_grow.temp_details    ? 
_exptl_crystal_grow.pH              5.5 
_exptl_crystal_grow.pdbx_details    
'2M NH4SO4, 0.1M Bis Tris ph 5.5, VAPOR DIFFUSION, HANGING DROP, temperature 20K, temperature 293K' 
_exptl_crystal_grow.pdbx_pH_range   ? 
# 
_diffrn.id                     1 
_diffrn.ambient_temp           100 
_diffrn.ambient_temp_details   ? 
_diffrn.crystal_id             1 
# 
_diffrn_detector.diffrn_id              1 
_diffrn_detector.detector               CCD 
_diffrn_detector.type                   'ADSC QUANTUM 4' 
_diffrn_detector.pdbx_collection_date   2009-03-20 
_diffrn_detector.details                ? 
# 
_diffrn_radiation.diffrn_id                        1 
_diffrn_radiation.wavelength_id                    1 
_diffrn_radiation.pdbx_monochromatic_or_laue_m_l   M 
_diffrn_radiation.monochromator                    ? 
_diffrn_radiation.pdbx_diffrn_protocol             'SINGLE WAVELENGTH' 
_diffrn_radiation.pdbx_scattering_type             x-ray 
# 
_diffrn_radiation_wavelength.id           1 
_diffrn_radiation_wavelength.wavelength   0.979 
_diffrn_radiation_wavelength.wt           1.0 
# 
_diffrn_source.diffrn_id                   1 
_diffrn_source.source                      SYNCHROTRON 
_diffrn_source.type                        'NSLS BEAMLINE X4A' 
_diffrn_source.pdbx_synchrotron_site       NSLS 
_diffrn_source.pdbx_synchrotron_beamline   X4A 
_diffrn_source.pdbx_wavelength             ? 
_diffrn_source.pdbx_wavelength_list        0.979 
# 
_reflns.entry_id                     3HNR 
_reflns.observed_criterion_sigma_I   0 
_reflns.observed_criterion_sigma_F   0 
_reflns.d_resolution_low             50.0 
_reflns.d_resolution_high            2.8 
_reflns.number_obs                   10304 
_reflns.number_all                   10304 
_reflns.percent_possible_obs         99.0 
_reflns.pdbx_Rmerge_I_obs            0.05 
_reflns.pdbx_Rsym_value              0.051 
_reflns.pdbx_netI_over_sigmaI        48.0 
_reflns.B_iso_Wilson_estimate        34.1 
_reflns.pdbx_redundancy              5.0 
_reflns.R_free_details               ? 
_reflns.limit_h_max                  ? 
_reflns.limit_h_min                  ? 
_reflns.limit_k_max                  ? 
_reflns.limit_k_min                  ? 
_reflns.limit_l_max                  ? 
_reflns.limit_l_min                  ? 
_reflns.observed_criterion_F_max     ? 
_reflns.observed_criterion_F_min     ? 
_reflns.pdbx_chi_squared             ? 
_reflns.pdbx_scaling_rejects         ? 
_reflns.pdbx_diffrn_id               1 
_reflns.pdbx_ordinal                 1 
# 
_reflns_shell.d_res_high             2.8 
_reflns_shell.d_res_low              2.9 
_reflns_shell.percent_possible_all   99.0 
_reflns_shell.Rmerge_I_obs           0.05 
_reflns_shell.pdbx_Rsym_value        0.05 
_reflns_shell.meanI_over_sigI_obs    ? 
_reflns_shell.pdbx_redundancy        4.8 
_reflns_shell.percent_possible_obs   ? 
_reflns_shell.number_unique_all      1051 
_reflns_shell.number_measured_all    ? 
_reflns_shell.number_measured_obs    ? 
_reflns_shell.number_unique_obs      ? 
_reflns_shell.pdbx_chi_squared       ? 
_reflns_shell.pdbx_diffrn_id         ? 
_reflns_shell.pdbx_ordinal           1 
# 
_refine.entry_id                                 3HNR 
_refine.ls_number_reflns_obs                     10229 
_refine.ls_number_reflns_all                     ? 
_refine.pdbx_ls_sigma_I                          ? 
_refine.pdbx_ls_sigma_F                          0.0 
_refine.pdbx_data_cutoff_high_absF               234772.95 
_refine.pdbx_data_cutoff_low_absF                0.000000 
_refine.pdbx_data_cutoff_high_rms_absF           ? 
_refine.ls_d_res_low                             40.48 
_refine.ls_d_res_high                            2.80 
_refine.ls_percent_reflns_obs                    98.8 
_refine.ls_R_factor_obs                          0.243 
_refine.ls_R_factor_all                          ? 
_refine.ls_R_factor_R_work                       0.243 
_refine.ls_R_factor_R_free                       0.256 
_refine.ls_R_factor_R_free_error                 0.008 
_refine.ls_R_factor_R_free_error_details         ? 
_refine.ls_percent_reflns_R_free                 10.1 
_refine.ls_number_reflns_R_free                  1038 
_refine.ls_number_parameters                     ? 
_refine.ls_number_restraints                     ? 
_refine.occupancy_min                            ? 
_refine.occupancy_max                            ? 
_refine.correlation_coeff_Fo_to_Fc               ? 
_refine.correlation_coeff_Fo_to_Fc_free          ? 
_refine.B_iso_mean                               31.1 
_refine.aniso_B[1][1]                            5.17 
_refine.aniso_B[2][2]                            5.17 
_refine.aniso_B[3][3]                            -10.35 
_refine.aniso_B[1][2]                            0.00 
_refine.aniso_B[1][3]                            0.00 
_refine.aniso_B[2][3]                            0.00 
_refine.solvent_model_details                    'FLAT MODEL' 
_refine.solvent_model_param_ksol                 0.4 
_refine.solvent_model_param_bsol                 28.7364 
_refine.pdbx_solvent_vdw_probe_radii             ? 
_refine.pdbx_solvent_ion_probe_radii             ? 
_refine.pdbx_solvent_shrinkage_radii             ? 
_refine.pdbx_ls_cross_valid_method               THROUGHOUT 
_refine.details                                  'BULK SOLVENT MODEL USED' 
_refine.pdbx_starting_model                      ? 
_refine.pdbx_method_to_determine_struct          SAD 
_refine.pdbx_isotropic_thermal_model             RESTRAINED 
_refine.pdbx_stereochemistry_target_values       'Engh & Huber' 
_refine.pdbx_stereochem_target_val_spec_case     ? 
_refine.pdbx_R_Free_selection_details            RANDOM 
_refine.pdbx_overall_ESU_R                       ? 
_refine.pdbx_overall_ESU_R_Free                  ? 
_refine.overall_SU_ML                            ? 
_refine.overall_SU_B                             ? 
_refine.ls_redundancy_reflns_obs                 ? 
_refine.B_iso_min                                ? 
_refine.B_iso_max                                ? 
_refine.overall_SU_R_Cruickshank_DPI             ? 
_refine.overall_SU_R_free                        ? 
_refine.ls_wR_factor_R_free                      ? 
_refine.ls_wR_factor_R_work                      ? 
_refine.overall_FOM_free_R_set                   ? 
_refine.overall_FOM_work_R_set                   ? 
_refine.pdbx_overall_phase_error                 ? 
_refine.pdbx_refine_id                           'X-RAY DIFFRACTION' 
_refine.pdbx_diffrn_id                           1 
_refine.pdbx_TLS_residual_ADP_flag               ? 
_refine.pdbx_overall_SU_R_free_Cruickshank_DPI   ? 
_refine.pdbx_overall_SU_R_Blow_DPI               ? 
_refine.pdbx_overall_SU_R_free_Blow_DPI          ? 
# 
_refine_analyze.entry_id                        3HNR 
_refine_analyze.Luzzati_coordinate_error_obs    0.35 
_refine_analyze.Luzzati_sigma_a_obs             0.32 
_refine_analyze.Luzzati_d_res_low_obs           5.00 
_refine_analyze.Luzzati_coordinate_error_free   0.40 
_refine_analyze.Luzzati_sigma_a_free            0.48 
_refine_analyze.Luzzati_d_res_low_free          ? 
_refine_analyze.number_disordered_residues      ? 
_refine_analyze.occupancy_sum_hydrogen          ? 
_refine_analyze.occupancy_sum_non_hydrogen      ? 
_refine_analyze.pdbx_Luzzati_d_res_high_obs     ? 
_refine_analyze.pdbx_refine_id                  'X-RAY DIFFRACTION' 
# 
_refine_hist.pdbx_refine_id                   'X-RAY DIFFRACTION' 
_refine_hist.cycle_id                         LAST 
_refine_hist.pdbx_number_atoms_protein        1563 
_refine_hist.pdbx_number_atoms_nucleic_acid   0 
_refine_hist.pdbx_number_atoms_ligand         0 
_refine_hist.number_atoms_solvent             40 
_refine_hist.number_atoms_total               1603 
_refine_hist.d_res_high                       2.80 
_refine_hist.d_res_low                        40.48 
# 
loop_
_refine_ls_restr.type 
_refine_ls_restr.dev_ideal 
_refine_ls_restr.dev_ideal_target 
_refine_ls_restr.weight 
_refine_ls_restr.number 
_refine_ls_restr.pdbx_refine_id 
_refine_ls_restr.pdbx_restraint_function 
c_bond_d           0.007 ? ? ? 'X-RAY DIFFRACTION' ? 
c_angle_deg        1.3   ? ? ? 'X-RAY DIFFRACTION' ? 
c_dihedral_angle_d 22.2  ? ? ? 'X-RAY DIFFRACTION' ? 
c_improper_angle_d 0.73  ? ? ? 'X-RAY DIFFRACTION' ? 
# 
_refine_ls_shell.pdbx_total_number_of_bins_used   6 
_refine_ls_shell.d_res_high                       2.80 
_refine_ls_shell.d_res_low                        2.98 
_refine_ls_shell.number_reflns_R_work             1549 
_refine_ls_shell.R_factor_R_work                  0.278 
_refine_ls_shell.percent_reflns_obs               97.3 
_refine_ls_shell.R_factor_R_free                  0.313 
_refine_ls_shell.R_factor_R_free_error            0.026 
_refine_ls_shell.percent_reflns_R_free            8.8 
_refine_ls_shell.number_reflns_R_free             149 
_refine_ls_shell.number_reflns_all                ? 
_refine_ls_shell.R_factor_all                     ? 
_refine_ls_shell.number_reflns_obs                ? 
_refine_ls_shell.redundancy_reflns_obs            ? 
_refine_ls_shell.pdbx_refine_id                   'X-RAY DIFFRACTION' 
# 
loop_
_pdbx_xplor_file.serial_no 
_pdbx_xplor_file.param_file 
_pdbx_xplor_file.topol_file 
_pdbx_xplor_file.pdbx_refine_id 
1 protein_rep.param protein.top 'X-RAY DIFFRACTION' 
2 water_rep.param   water.top   'X-RAY DIFFRACTION' 
3 ion.param         ion.top     'X-RAY DIFFRACTION' 
# 
_struct.entry_id                  3HNR 
_struct.title                     
;Crystal Structure of a probable methyltransferase BT9727_4108 from Bacillus thuringiensis subsp. Northeast Structural Genomics Consortium target id BuR219
;
_struct.pdbx_model_details        ? 
_struct.pdbx_CASP_flag            ? 
_struct.pdbx_model_type_details   ? 
# 
_struct_keywords.entry_id        3HNR 
_struct_keywords.pdbx_keywords   TRANSFERASE 
_struct_keywords.text            
;methyltransferase BT9727_4108, Structural Genomics, PSI-2, Protein Structure Initiative, Northeast Structural Genomics Consortium, NESG, Methyltransferase, S-adenosyl-L-methionine, Transferase
;
# 
loop_
_struct_asym.id 
_struct_asym.pdbx_blank_PDB_chainid_flag 
_struct_asym.pdbx_modified 
_struct_asym.entity_id 
_struct_asym.details 
A N N 1 ? 
B N N 2 ? 
# 
_struct_ref.id                         1 
_struct_ref.db_name                    UNP 
_struct_ref.db_code                    Y4108_BACHK 
_struct_ref.pdbx_db_accession          Q6HDF0 
_struct_ref.entity_id                  1 
_struct_ref.pdbx_seq_one_letter_code   
;MGTEFNGLFDEWAHTYDSFVQGEDIQYKEVFAHYEDILEDVVNKSFGNVLEFGVGTGNLTNKLLLAGRTVYGIEPSREMR
MIAKEKLPKEFSITEGDFLSFEVPTSIDTIVSTYAFHHLTDDEKNVAIAKYSQLLNKGGKIVFADTIFADQDAYDKTVEA
AKQRGFHQLANDLQTEYYTRIPVMQTIFENNGFHVTFTRLNHFVWVMEATKQ
;
_struct_ref.pdbx_align_begin           1 
_struct_ref.pdbx_db_isoform            ? 
# 
_struct_ref_seq.align_id                      1 
_struct_ref_seq.ref_id                        1 
_struct_ref_seq.pdbx_PDB_id_code              3HNR 
_struct_ref_seq.pdbx_strand_id                A 
_struct_ref_seq.seq_align_beg                 1 
_struct_ref_seq.pdbx_seq_align_beg_ins_code   ? 
_struct_ref_seq.seq_align_end                 212 
_struct_ref_seq.pdbx_seq_align_end_ins_code   ? 
_struct_ref_seq.pdbx_db_accession             Q6HDF0 
_struct_ref_seq.db_align_beg                  1 
_struct_ref_seq.pdbx_db_align_beg_ins_code    ? 
_struct_ref_seq.db_align_end                  212 
_struct_ref_seq.pdbx_db_align_end_ins_code    ? 
_struct_ref_seq.pdbx_auth_seq_align_beg       1 
_struct_ref_seq.pdbx_auth_seq_align_end       212 
# 
loop_
_struct_ref_seq_dif.align_id 
_struct_ref_seq_dif.pdbx_pdb_id_code 
_struct_ref_seq_dif.mon_id 
_struct_ref_seq_dif.pdbx_pdb_strand_id 
_struct_ref_seq_dif.seq_num 
_struct_ref_seq_dif.pdbx_pdb_ins_code 
_struct_ref_seq_dif.pdbx_seq_db_name 
_struct_ref_seq_dif.pdbx_seq_db_accession_code 
_struct_ref_seq_dif.db_mon_id 
_struct_ref_seq_dif.pdbx_seq_db_seq_num 
_struct_ref_seq_dif.details 
_struct_ref_seq_dif.pdbx_auth_seq_num 
_struct_ref_seq_dif.pdbx_ordinal 
1 3HNR LEU A 213 ? UNP Q6HDF0 ? ? 'expression tag' 213 1 
1 3HNR GLU A 214 ? UNP Q6HDF0 ? ? 'expression tag' 214 2 
1 3HNR HIS A 215 ? UNP Q6HDF0 ? ? 'expression tag' 215 3 
1 3HNR HIS A 216 ? UNP Q6HDF0 ? ? 'expression tag' 216 4 
1 3HNR HIS A 217 ? UNP Q6HDF0 ? ? 'expression tag' 217 5 
1 3HNR HIS A 218 ? UNP Q6HDF0 ? ? 'expression tag' 218 6 
1 3HNR HIS A 219 ? UNP Q6HDF0 ? ? 'expression tag' 219 7 
1 3HNR HIS A 220 ? UNP Q6HDF0 ? ? 'expression tag' 220 8 
# 
_pdbx_struct_assembly.id                   1 
_pdbx_struct_assembly.details              author_and_software_defined_assembly 
_pdbx_struct_assembly.method_details       PISA 
_pdbx_struct_assembly.oligomeric_details   monomeric 
_pdbx_struct_assembly.oligomeric_count     1 
# 
_pdbx_struct_assembly_gen.assembly_id       1 
_pdbx_struct_assembly_gen.oper_expression   1 
_pdbx_struct_assembly_gen.asym_id_list      A,B 
# 
_pdbx_struct_oper_list.id                   1 
_pdbx_struct_oper_list.type                 'identity operation' 
_pdbx_struct_oper_list.name                 1_555 
_pdbx_struct_oper_list.symmetry_operation   x,y,z 
_pdbx_struct_oper_list.matrix[1][1]         1.0000000000 
_pdbx_struct_oper_list.matrix[1][2]         0.0000000000 
_pdbx_struct_oper_list.matrix[1][3]         0.0000000000 
_pdbx_struct_oper_list.vector[1]            0.0000000000 
_pdbx_struct_oper_list.matrix[2][1]         0.0000000000 
_pdbx_struct_oper_list.matrix[2][2]         1.0000000000 
_pdbx_struct_oper_list.matrix[2][3]         0.0000000000 
_pdbx_struct_oper_list.vector[2]            0.0000000000 
_pdbx_struct_oper_list.matrix[3][1]         0.0000000000 
_pdbx_struct_oper_list.matrix[3][2]         0.0000000000 
_pdbx_struct_oper_list.matrix[3][3]         1.0000000000 
_pdbx_struct_oper_list.vector[3]            0.0000000000 
# 
_struct_biol.id   1 
# 
loop_
_struct_conf.conf_type_id 
_struct_conf.id 
_struct_conf.pdbx_PDB_helix_id 
_struct_conf.beg_label_comp_id 
_struct_conf.beg_label_asym_id 
_struct_conf.beg_label_seq_id 
_struct_conf.pdbx_beg_PDB_ins_code 
_struct_conf.end_label_comp_id 
_struct_conf.end_label_asym_id 
_struct_conf.end_label_seq_id 
_struct_conf.pdbx_end_PDB_ins_code 
_struct_conf.beg_auth_comp_id 
_struct_conf.beg_auth_asym_id 
_struct_conf.beg_auth_seq_id 
_struct_conf.end_auth_comp_id 
_struct_conf.end_auth_asym_id 
_struct_conf.end_auth_seq_id 
_struct_conf.pdbx_PDB_helix_class 
_struct_conf.details 
_struct_conf.pdbx_PDB_helix_length 
HELX_P HELX_P1 1 HIS A 33  ? LYS A 44  ? HIS A 33  LYS A 44  1 ? 12 
HELX_P HELX_P2 2 GLY A 57  ? ALA A 66  ? GLY A 57  ALA A 66  1 ? 10 
HELX_P HELX_P3 3 SER A 76  ? LEU A 87  ? SER A 76  LEU A 87  1 ? 12 
HELX_P HELX_P4 4 ALA A 115 ? LEU A 119 ? ALA A 115 LEU A 119 5 ? 5  
HELX_P HELX_P5 5 THR A 120 ? LEU A 135 ? THR A 120 LEU A 135 1 ? 16 
HELX_P HELX_P6 6 ASP A 150 ? ARG A 164 ? ASP A 150 ARG A 164 1 ? 15 
HELX_P HELX_P7 7 PHE A 166 ? GLU A 176 ? PHE A 166 GLU A 176 1 ? 11 
HELX_P HELX_P8 8 ARG A 180 ? ASN A 191 ? ARG A 180 ASN A 191 1 ? 12 
# 
_struct_conf_type.id          HELX_P 
_struct_conf_type.criteria    ? 
_struct_conf_type.reference   ? 
# 
_struct_sheet.id               A 
_struct_sheet.type             ? 
_struct_sheet.number_strands   7 
_struct_sheet.details          ? 
# 
loop_
_struct_sheet_order.sheet_id 
_struct_sheet_order.range_id_1 
_struct_sheet_order.range_id_2 
_struct_sheet_order.offset 
_struct_sheet_order.sense 
A 1 2 ? parallel      
A 2 3 ? parallel      
A 3 4 ? parallel      
A 4 5 ? parallel      
A 5 6 ? anti-parallel 
A 6 7 ? anti-parallel 
# 
loop_
_struct_sheet_range.sheet_id 
_struct_sheet_range.id 
_struct_sheet_range.beg_label_comp_id 
_struct_sheet_range.beg_label_asym_id 
_struct_sheet_range.beg_label_seq_id 
_struct_sheet_range.pdbx_beg_PDB_ins_code 
_struct_sheet_range.end_label_comp_id 
_struct_sheet_range.end_label_asym_id 
_struct_sheet_range.end_label_seq_id 
_struct_sheet_range.pdbx_end_PDB_ins_code 
_struct_sheet_range.beg_auth_comp_id 
_struct_sheet_range.beg_auth_asym_id 
_struct_sheet_range.beg_auth_seq_id 
_struct_sheet_range.end_auth_comp_id 
_struct_sheet_range.end_auth_asym_id 
_struct_sheet_range.end_auth_seq_id 
A 1 ILE A 93  ? THR A 94  ? ILE A 93  THR A 94  
A 2 THR A 69  ? ILE A 73  ? THR A 69  ILE A 73  
A 3 ASN A 48  ? PHE A 52  ? ASN A 48  PHE A 52  
A 4 THR A 109 ? THR A 113 ? THR A 109 THR A 113 
A 5 LYS A 140 ? THR A 146 ? LYS A 140 THR A 146 
A 6 VAL A 204 ? LYS A 211 ? VAL A 204 LYS A 211 
A 7 PHE A 193 ? ARG A 199 ? PHE A 193 ARG A 199 
# 
loop_
_pdbx_struct_sheet_hbond.sheet_id 
_pdbx_struct_sheet_hbond.range_id_1 
_pdbx_struct_sheet_hbond.range_id_2 
_pdbx_struct_sheet_hbond.range_1_label_atom_id 
_pdbx_struct_sheet_hbond.range_1_label_comp_id 
_pdbx_struct_sheet_hbond.range_1_label_asym_id 
_pdbx_struct_sheet_hbond.range_1_label_seq_id 
_pdbx_struct_sheet_hbond.range_1_PDB_ins_code 
_pdbx_struct_sheet_hbond.range_1_auth_atom_id 
_pdbx_struct_sheet_hbond.range_1_auth_comp_id 
_pdbx_struct_sheet_hbond.range_1_auth_asym_id 
_pdbx_struct_sheet_hbond.range_1_auth_seq_id 
_pdbx_struct_sheet_hbond.range_2_label_atom_id 
_pdbx_struct_sheet_hbond.range_2_label_comp_id 
_pdbx_struct_sheet_hbond.range_2_label_asym_id 
_pdbx_struct_sheet_hbond.range_2_label_seq_id 
_pdbx_struct_sheet_hbond.range_2_PDB_ins_code 
_pdbx_struct_sheet_hbond.range_2_auth_atom_id 
_pdbx_struct_sheet_hbond.range_2_auth_comp_id 
_pdbx_struct_sheet_hbond.range_2_auth_asym_id 
_pdbx_struct_sheet_hbond.range_2_auth_seq_id 
A 1 2 O THR A 94  ? O THR A 94  N GLY A 72  ? N GLY A 72  
A 2 3 O THR A 69  ? O THR A 69  N VAL A 49  ? N VAL A 49  
A 3 4 N PHE A 52  ? N PHE A 52  O VAL A 111 ? O VAL A 111 
A 4 5 N ILE A 110 ? N ILE A 110 O LYS A 140 ? O LYS A 140 
A 5 6 N PHE A 143 ? N PHE A 143 O MET A 207 ? O MET A 207 
A 6 7 O VAL A 206 ? O VAL A 206 N THR A 198 ? N THR A 198 
# 
loop_
_pdbx_validate_torsion.id 
_pdbx_validate_torsion.PDB_model_num 
_pdbx_validate_torsion.auth_comp_id 
_pdbx_validate_torsion.auth_asym_id 
_pdbx_validate_torsion.auth_seq_id 
_pdbx_validate_torsion.PDB_ins_code 
_pdbx_validate_torsion.label_alt_id 
_pdbx_validate_torsion.phi 
_pdbx_validate_torsion.psi 
1 1 GLU A 90  ? ? 80.06   -24.88 
2 1 THR A 105 ? ? 167.64  -82.26 
3 1 ALA A 115 ? ? -138.56 -41.04 
4 1 PHE A 166 ? ? -69.29  85.51  
5 1 THR A 175 ? ? -101.95 -64.44 
6 1 GLU A 176 ? ? -53.69  171.30 
7 1 TYR A 177 ? ? -102.49 69.68  
# 
_pdbx_SG_project.id                    1 
_pdbx_SG_project.project_name          'PSI, Protein Structure Initiative' 
_pdbx_SG_project.full_name_of_center   'Northeast Structural Genomics Consortium' 
_pdbx_SG_project.initial_of_center     NESG 
# 
loop_
_pdbx_unobs_or_zero_occ_residues.id 
_pdbx_unobs_or_zero_occ_residues.PDB_model_num 
_pdbx_unobs_or_zero_occ_residues.polymer_flag 
_pdbx_unobs_or_zero_occ_residues.occupancy_flag 
_pdbx_unobs_or_zero_occ_residues.auth_asym_id 
_pdbx_unobs_or_zero_occ_residues.auth_comp_id 
_pdbx_unobs_or_zero_occ_residues.auth_seq_id 
_pdbx_unobs_or_zero_occ_residues.PDB_ins_code 
_pdbx_unobs_or_zero_occ_residues.label_asym_id 
_pdbx_unobs_or_zero_occ_residues.label_comp_id 
_pdbx_unobs_or_zero_occ_residues.label_seq_id 
1  1 Y 1 A MET 1   ? A MET 1   
2  1 Y 1 A GLY 2   ? A GLY 2   
3  1 Y 1 A THR 3   ? A THR 3   
4  1 Y 1 A GLU 4   ? A GLU 4   
5  1 Y 1 A PHE 5   ? A PHE 5   
6  1 Y 1 A ASN 6   ? A ASN 6   
7  1 Y 1 A GLY 7   ? A GLY 7   
8  1 Y 1 A LEU 8   ? A LEU 8   
9  1 Y 1 A PHE 9   ? A PHE 9   
10 1 Y 1 A ASP 10  ? A ASP 10  
11 1 Y 1 A GLU 11  ? A GLU 11  
12 1 Y 1 A TRP 12  ? A TRP 12  
13 1 Y 1 A ALA 13  ? A ALA 13  
14 1 Y 1 A HIS 14  ? A HIS 14  
15 1 Y 1 A THR 15  ? A THR 15  
16 1 Y 1 A TYR 16  ? A TYR 16  
17 1 Y 1 A ASP 17  ? A ASP 17  
18 1 Y 1 A SER 18  ? A SER 18  
19 1 Y 1 A PHE 19  ? A PHE 19  
20 1 Y 1 A VAL 20  ? A VAL 20  
21 1 Y 1 A GLN 21  ? A GLN 21  
22 1 Y 1 A GLY 22  ? A GLY 22  
23 1 Y 1 A GLU 23  ? A GLU 23  
24 1 Y 1 A HIS 217 ? A HIS 217 
25 1 Y 1 A HIS 218 ? A HIS 218 
26 1 Y 1 A HIS 219 ? A HIS 219 
27 1 Y 1 A HIS 220 ? A HIS 220 
# 
loop_
_chem_comp_atom.comp_id 
_chem_comp_atom.atom_id 
_chem_comp_atom.type_symbol 
_chem_comp_atom.pdbx_aromatic_flag 
_chem_comp_atom.pdbx_stereo_config 
_chem_comp_atom.pdbx_ordinal 
ALA N    N N N 1   
ALA CA   C N S 2   
ALA C    C N N 3   
ALA O    O N N 4   
ALA CB   C N N 5   
ALA OXT  O N N 6   
ALA H    H N N 7   
ALA H2   H N N 8   
ALA HA   H N N 9   
ALA HB1  H N N 10  
ALA HB2  H N N 11  
ALA HB3  H N N 12  
ALA HXT  H N N 13  
ARG N    N N N 14  
ARG CA   C N S 15  
ARG C    C N N 16  
ARG O    O N N 17  
ARG CB   C N N 18  
ARG CG   C N N 19  
ARG CD   C N N 20  
ARG NE   N N N 21  
ARG CZ   C N N 22  
ARG NH1  N N N 23  
ARG NH2  N N N 24  
ARG OXT  O N N 25  
ARG H    H N N 26  
ARG H2   H N N 27  
ARG HA   H N N 28  
ARG HB2  H N N 29  
ARG HB3  H N N 30  
ARG HG2  H N N 31  
ARG HG3  H N N 32  
ARG HD2  H N N 33  
ARG HD3  H N N 34  
ARG HE   H N N 35  
ARG HH11 H N N 36  
ARG HH12 H N N 37  
ARG HH21 H N N 38  
ARG HH22 H N N 39  
ARG HXT  H N N 40  
ASN N    N N N 41  
ASN CA   C N S 42  
ASN C    C N N 43  
ASN O    O N N 44  
ASN CB   C N N 45  
ASN CG   C N N 46  
ASN OD1  O N N 47  
ASN ND2  N N N 48  
ASN OXT  O N N 49  
ASN H    H N N 50  
ASN H2   H N N 51  
ASN HA   H N N 52  
ASN HB2  H N N 53  
ASN HB3  H N N 54  
ASN HD21 H N N 55  
ASN HD22 H N N 56  
ASN HXT  H N N 57  
ASP N    N N N 58  
ASP CA   C N S 59  
ASP C    C N N 60  
ASP O    O N N 61  
ASP CB   C N N 62  
ASP CG   C N N 63  
ASP OD1  O N N 64  
ASP OD2  O N N 65  
ASP OXT  O N N 66  
ASP H    H N N 67  
ASP H2   H N N 68  
ASP HA   H N N 69  
ASP HB2  H N N 70  
ASP HB3  H N N 71  
ASP HD2  H N N 72  
ASP HXT  H N N 73  
GLN N    N N N 74  
GLN CA   C N S 75  
GLN C    C N N 76  
GLN O    O N N 77  
GLN CB   C N N 78  
GLN CG   C N N 79  
GLN CD   C N N 80  
GLN OE1  O N N 81  
GLN NE2  N N N 82  
GLN OXT  O N N 83  
GLN H    H N N 84  
GLN H2   H N N 85  
GLN HA   H N N 86  
GLN HB2  H N N 87  
GLN HB3  H N N 88  
GLN HG2  H N N 89  
GLN HG3  H N N 90  
GLN HE21 H N N 91  
GLN HE22 H N N 92  
GLN HXT  H N N 93  
GLU N    N N N 94  
GLU CA   C N S 95  
GLU C    C N N 96  
GLU O    O N N 97  
GLU CB   C N N 98  
GLU CG   C N N 99  
GLU CD   C N N 100 
GLU OE1  O N N 101 
GLU OE2  O N N 102 
GLU OXT  O N N 103 
GLU H    H N N 104 
GLU H2   H N N 105 
GLU HA   H N N 106 
GLU HB2  H N N 107 
GLU HB3  H N N 108 
GLU HG2  H N N 109 
GLU HG3  H N N 110 
GLU HE2  H N N 111 
GLU HXT  H N N 112 
GLY N    N N N 113 
GLY CA   C N N 114 
GLY C    C N N 115 
GLY O    O N N 116 
GLY OXT  O N N 117 
GLY H    H N N 118 
GLY H2   H N N 119 
GLY HA2  H N N 120 
GLY HA3  H N N 121 
GLY HXT  H N N 122 
HIS N    N N N 123 
HIS CA   C N S 124 
HIS C    C N N 125 
HIS O    O N N 126 
HIS CB   C N N 127 
HIS CG   C Y N 128 
HIS ND1  N Y N 129 
HIS CD2  C Y N 130 
HIS CE1  C Y N 131 
HIS NE2  N Y N 132 
HIS OXT  O N N 133 
HIS H    H N N 134 
HIS H2   H N N 135 
HIS HA   H N N 136 
HIS HB2  H N N 137 
HIS HB3  H N N 138 
HIS HD1  H N N 139 
HIS HD2  H N N 140 
HIS HE1  H N N 141 
HIS HE2  H N N 142 
HIS HXT  H N N 143 
HOH O    O N N 144 
HOH H1   H N N 145 
HOH H2   H N N 146 
ILE N    N N N 147 
ILE CA   C N S 148 
ILE C    C N N 149 
ILE O    O N N 150 
ILE CB   C N S 151 
ILE CG1  C N N 152 
ILE CG2  C N N 153 
ILE CD1  C N N 154 
ILE OXT  O N N 155 
ILE H    H N N 156 
ILE H2   H N N 157 
ILE HA   H N N 158 
ILE HB   H N N 159 
ILE HG12 H N N 160 
ILE HG13 H N N 161 
ILE HG21 H N N 162 
ILE HG22 H N N 163 
ILE HG23 H N N 164 
ILE HD11 H N N 165 
ILE HD12 H N N 166 
ILE HD13 H N N 167 
ILE HXT  H N N 168 
LEU N    N N N 169 
LEU CA   C N S 170 
LEU C    C N N 171 
LEU O    O N N 172 
LEU CB   C N N 173 
LEU CG   C N N 174 
LEU CD1  C N N 175 
LEU CD2  C N N 176 
LEU OXT  O N N 177 
LEU H    H N N 178 
LEU H2   H N N 179 
LEU HA   H N N 180 
LEU HB2  H N N 181 
LEU HB3  H N N 182 
LEU HG   H N N 183 
LEU HD11 H N N 184 
LEU HD12 H N N 185 
LEU HD13 H N N 186 
LEU HD21 H N N 187 
LEU HD22 H N N 188 
LEU HD23 H N N 189 
LEU HXT  H N N 190 
LYS N    N N N 191 
LYS CA   C N S 192 
LYS C    C N N 193 
LYS O    O N N 194 
LYS CB   C N N 195 
LYS CG   C N N 196 
LYS CD   C N N 197 
LYS CE   C N N 198 
LYS NZ   N N N 199 
LYS OXT  O N N 200 
LYS H    H N N 201 
LYS H2   H N N 202 
LYS HA   H N N 203 
LYS HB2  H N N 204 
LYS HB3  H N N 205 
LYS HG2  H N N 206 
LYS HG3  H N N 207 
LYS HD2  H N N 208 
LYS HD3  H N N 209 
LYS HE2  H N N 210 
LYS HE3  H N N 211 
LYS HZ1  H N N 212 
LYS HZ2  H N N 213 
LYS HZ3  H N N 214 
LYS HXT  H N N 215 
MET N    N N N 216 
MET CA   C N S 217 
MET C    C N N 218 
MET O    O N N 219 
MET CB   C N N 220 
MET CG   C N N 221 
MET SD   S N N 222 
MET CE   C N N 223 
MET OXT  O N N 224 
MET H    H N N 225 
MET H2   H N N 226 
MET HA   H N N 227 
MET HB2  H N N 228 
MET HB3  H N N 229 
MET HG2  H N N 230 
MET HG3  H N N 231 
MET HE1  H N N 232 
MET HE2  H N N 233 
MET HE3  H N N 234 
MET HXT  H N N 235 
PHE N    N N N 236 
PHE CA   C N S 237 
PHE C    C N N 238 
PHE O    O N N 239 
PHE CB   C N N 240 
PHE CG   C Y N 241 
PHE CD1  C Y N 242 
PHE CD2  C Y N 243 
PHE CE1  C Y N 244 
PHE CE2  C Y N 245 
PHE CZ   C Y N 246 
PHE OXT  O N N 247 
PHE H    H N N 248 
PHE H2   H N N 249 
PHE HA   H N N 250 
PHE HB2  H N N 251 
PHE HB3  H N N 252 
PHE HD1  H N N 253 
PHE HD2  H N N 254 
PHE HE1  H N N 255 
PHE HE2  H N N 256 
PHE HZ   H N N 257 
PHE HXT  H N N 258 
PRO N    N N N 259 
PRO CA   C N S 260 
PRO C    C N N 261 
PRO O    O N N 262 
PRO CB   C N N 263 
PRO CG   C N N 264 
PRO CD   C N N 265 
PRO OXT  O N N 266 
PRO H    H N N 267 
PRO HA   H N N 268 
PRO HB2  H N N 269 
PRO HB3  H N N 270 
PRO HG2  H N N 271 
PRO HG3  H N N 272 
PRO HD2  H N N 273 
PRO HD3  H N N 274 
PRO HXT  H N N 275 
SER N    N N N 276 
SER CA   C N S 277 
SER C    C N N 278 
SER O    O N N 279 
SER CB   C N N 280 
SER OG   O N N 281 
SER OXT  O N N 282 
SER H    H N N 283 
SER H2   H N N 284 
SER HA   H N N 285 
SER HB2  H N N 286 
SER HB3  H N N 287 
SER HG   H N N 288 
SER HXT  H N N 289 
THR N    N N N 290 
THR CA   C N S 291 
THR C    C N N 292 
THR O    O N N 293 
THR CB   C N R 294 
THR OG1  O N N 295 
THR CG2  C N N 296 
THR OXT  O N N 297 
THR H    H N N 298 
THR H2   H N N 299 
THR HA   H N N 300 
THR HB   H N N 301 
THR HG1  H N N 302 
THR HG21 H N N 303 
THR HG22 H N N 304 
THR HG23 H N N 305 
THR HXT  H N N 306 
TRP N    N N N 307 
TRP CA   C N S 308 
TRP C    C N N 309 
TRP O    O N N 310 
TRP CB   C N N 311 
TRP CG   C Y N 312 
TRP CD1  C Y N 313 
TRP CD2  C Y N 314 
TRP NE1  N Y N 315 
TRP CE2  C Y N 316 
TRP CE3  C Y N 317 
TRP CZ2  C Y N 318 
TRP CZ3  C Y N 319 
TRP CH2  C Y N 320 
TRP OXT  O N N 321 
TRP H    H N N 322 
TRP H2   H N N 323 
TRP HA   H N N 324 
TRP HB2  H N N 325 
TRP HB3  H N N 326 
TRP HD1  H N N 327 
TRP HE1  H N N 328 
TRP HE3  H N N 329 
TRP HZ2  H N N 330 
TRP HZ3  H N N 331 
TRP HH2  H N N 332 
TRP HXT  H N N 333 
TYR N    N N N 334 
TYR CA   C N S 335 
TYR C    C N N 336 
TYR O    O N N 337 
TYR CB   C N N 338 
TYR CG   C Y N 339 
TYR CD1  C Y N 340 
TYR CD2  C Y N 341 
TYR CE1  C Y N 342 
TYR CE2  C Y N 343 
TYR CZ   C Y N 344 
TYR OH   O N N 345 
TYR OXT  O N N 346 
TYR H    H N N 347 
TYR H2   H N N 348 
TYR HA   H N N 349 
TYR HB2  H N N 350 
TYR HB3  H N N 351 
TYR HD1  H N N 352 
TYR HD2  H N N 353 
TYR HE1  H N N 354 
TYR HE2  H N N 355 
TYR HH   H N N 356 
TYR HXT  H N N 357 
VAL N    N N N 358 
VAL CA   C N S 359 
VAL C    C N N 360 
VAL O    O N N 361 
VAL CB   C N N 362 
VAL CG1  C N N 363 
VAL CG2  C N N 364 
VAL OXT  O N N 365 
VAL H    H N N 366 
VAL H2   H N N 367 
VAL HA   H N N 368 
VAL HB   H N N 369 
VAL HG11 H N N 370 
VAL HG12 H N N 371 
VAL HG13 H N N 372 
VAL HG21 H N N 373 
VAL HG22 H N N 374 
VAL HG23 H N N 375 
VAL HXT  H N N 376 
# 
loop_
_chem_comp_bond.comp_id 
_chem_comp_bond.atom_id_1 
_chem_comp_bond.atom_id_2 
_chem_comp_bond.value_order 
_chem_comp_bond.pdbx_aromatic_flag 
_chem_comp_bond.pdbx_stereo_config 
_chem_comp_bond.pdbx_ordinal 
ALA N   CA   sing N N 1   
ALA N   H    sing N N 2   
ALA N   H2   sing N N 3   
ALA CA  C    sing N N 4   
ALA CA  CB   sing N N 5   
ALA CA  HA   sing N N 6   
ALA C   O    doub N N 7   
ALA C   OXT  sing N N 8   
ALA CB  HB1  sing N N 9   
ALA CB  HB2  sing N N 10  
ALA CB  HB3  sing N N 11  
ALA OXT HXT  sing N N 12  
ARG N   CA   sing N N 13  
ARG N   H    sing N N 14  
ARG N   H2   sing N N 15  
ARG CA  C    sing N N 16  
ARG CA  CB   sing N N 17  
ARG CA  HA   sing N N 18  
ARG C   O    doub N N 19  
ARG C   OXT  sing N N 20  
ARG CB  CG   sing N N 21  
ARG CB  HB2  sing N N 22  
ARG CB  HB3  sing N N 23  
ARG CG  CD   sing N N 24  
ARG CG  HG2  sing N N 25  
ARG CG  HG3  sing N N 26  
ARG CD  NE   sing N N 27  
ARG CD  HD2  sing N N 28  
ARG CD  HD3  sing N N 29  
ARG NE  CZ   sing N N 30  
ARG NE  HE   sing N N 31  
ARG CZ  NH1  sing N N 32  
ARG CZ  NH2  doub N N 33  
ARG NH1 HH11 sing N N 34  
ARG NH1 HH12 sing N N 35  
ARG NH2 HH21 sing N N 36  
ARG NH2 HH22 sing N N 37  
ARG OXT HXT  sing N N 38  
ASN N   CA   sing N N 39  
ASN N   H    sing N N 40  
ASN N   H2   sing N N 41  
ASN CA  C    sing N N 42  
ASN CA  CB   sing N N 43  
ASN CA  HA   sing N N 44  
ASN C   O    doub N N 45  
ASN C   OXT  sing N N 46  
ASN CB  CG   sing N N 47  
ASN CB  HB2  sing N N 48  
ASN CB  HB3  sing N N 49  
ASN CG  OD1  doub N N 50  
ASN CG  ND2  sing N N 51  
ASN ND2 HD21 sing N N 52  
ASN ND2 HD22 sing N N 53  
ASN OXT HXT  sing N N 54  
ASP N   CA   sing N N 55  
ASP N   H    sing N N 56  
ASP N   H2   sing N N 57  
ASP CA  C    sing N N 58  
ASP CA  CB   sing N N 59  
ASP CA  HA   sing N N 60  
ASP C   O    doub N N 61  
ASP C   OXT  sing N N 62  
ASP CB  CG   sing N N 63  
ASP CB  HB2  sing N N 64  
ASP CB  HB3  sing N N 65  
ASP CG  OD1  doub N N 66  
ASP CG  OD2  sing N N 67  
ASP OD2 HD2  sing N N 68  
ASP OXT HXT  sing N N 69  
GLN N   CA   sing N N 70  
GLN N   H    sing N N 71  
GLN N   H2   sing N N 72  
GLN CA  C    sing N N 73  
GLN CA  CB   sing N N 74  
GLN CA  HA   sing N N 75  
GLN C   O    doub N N 76  
GLN C   OXT  sing N N 77  
GLN CB  CG   sing N N 78  
GLN CB  HB2  sing N N 79  
GLN CB  HB3  sing N N 80  
GLN CG  CD   sing N N 81  
GLN CG  HG2  sing N N 82  
GLN CG  HG3  sing N N 83  
GLN CD  OE1  doub N N 84  
GLN CD  NE2  sing N N 85  
GLN NE2 HE21 sing N N 86  
GLN NE2 HE22 sing N N 87  
GLN OXT HXT  sing N N 88  
GLU N   CA   sing N N 89  
GLU N   H    sing N N 90  
GLU N   H2   sing N N 91  
GLU CA  C    sing N N 92  
GLU CA  CB   sing N N 93  
GLU CA  HA   sing N N 94  
GLU C   O    doub N N 95  
GLU C   OXT  sing N N 96  
GLU CB  CG   sing N N 97  
GLU CB  HB2  sing N N 98  
GLU CB  HB3  sing N N 99  
GLU CG  CD   sing N N 100 
GLU CG  HG2  sing N N 101 
GLU CG  HG3  sing N N 102 
GLU CD  OE1  doub N N 103 
GLU CD  OE2  sing N N 104 
GLU OE2 HE2  sing N N 105 
GLU OXT HXT  sing N N 106 
GLY N   CA   sing N N 107 
GLY N   H    sing N N 108 
GLY N   H2   sing N N 109 
GLY CA  C    sing N N 110 
GLY CA  HA2  sing N N 111 
GLY CA  HA3  sing N N 112 
GLY C   O    doub N N 113 
GLY C   OXT  sing N N 114 
GLY OXT HXT  sing N N 115 
HIS N   CA   sing N N 116 
HIS N   H    sing N N 117 
HIS N   H2   sing N N 118 
HIS CA  C    sing N N 119 
HIS CA  CB   sing N N 120 
HIS CA  HA   sing N N 121 
HIS C   O    doub N N 122 
HIS C   OXT  sing N N 123 
HIS CB  CG   sing N N 124 
HIS CB  HB2  sing N N 125 
HIS CB  HB3  sing N N 126 
HIS CG  ND1  sing Y N 127 
HIS CG  CD2  doub Y N 128 
HIS ND1 CE1  doub Y N 129 
HIS ND1 HD1  sing N N 130 
HIS CD2 NE2  sing Y N 131 
HIS CD2 HD2  sing N N 132 
HIS CE1 NE2  sing Y N 133 
HIS CE1 HE1  sing N N 134 
HIS NE2 HE2  sing N N 135 
HIS OXT HXT  sing N N 136 
HOH O   H1   sing N N 137 
HOH O   H2   sing N N 138 
ILE N   CA   sing N N 139 
ILE N   H    sing N N 140 
ILE N   H2   sing N N 141 
ILE CA  C    sing N N 142 
ILE CA  CB   sing N N 143 
ILE CA  HA   sing N N 144 
ILE C   O    doub N N 145 
ILE C   OXT  sing N N 146 
ILE CB  CG1  sing N N 147 
ILE CB  CG2  sing N N 148 
ILE CB  HB   sing N N 149 
ILE CG1 CD1  sing N N 150 
ILE CG1 HG12 sing N N 151 
ILE CG1 HG13 sing N N 152 
ILE CG2 HG21 sing N N 153 
ILE CG2 HG22 sing N N 154 
ILE CG2 HG23 sing N N 155 
ILE CD1 HD11 sing N N 156 
ILE CD1 HD12 sing N N 157 
ILE CD1 HD13 sing N N 158 
ILE OXT HXT  sing N N 159 
LEU N   CA   sing N N 160 
LEU N   H    sing N N 161 
LEU N   H2   sing N N 162 
LEU CA  C    sing N N 163 
LEU CA  CB   sing N N 164 
LEU CA  HA   sing N N 165 
LEU C   O    doub N N 166 
LEU C   OXT  sing N N 167 
LEU CB  CG   sing N N 168 
LEU CB  HB2  sing N N 169 
LEU CB  HB3  sing N N 170 
LEU CG  CD1  sing N N 171 
LEU CG  CD2  sing N N 172 
LEU CG  HG   sing N N 173 
LEU CD1 HD11 sing N N 174 
LEU CD1 HD12 sing N N 175 
LEU CD1 HD13 sing N N 176 
LEU CD2 HD21 sing N N 177 
LEU CD2 HD22 sing N N 178 
LEU CD2 HD23 sing N N 179 
LEU OXT HXT  sing N N 180 
LYS N   CA   sing N N 181 
LYS N   H    sing N N 182 
LYS N   H2   sing N N 183 
LYS CA  C    sing N N 184 
LYS CA  CB   sing N N 185 
LYS CA  HA   sing N N 186 
LYS C   O    doub N N 187 
LYS C   OXT  sing N N 188 
LYS CB  CG   sing N N 189 
LYS CB  HB2  sing N N 190 
LYS CB  HB3  sing N N 191 
LYS CG  CD   sing N N 192 
LYS CG  HG2  sing N N 193 
LYS CG  HG3  sing N N 194 
LYS CD  CE   sing N N 195 
LYS CD  HD2  sing N N 196 
LYS CD  HD3  sing N N 197 
LYS CE  NZ   sing N N 198 
LYS CE  HE2  sing N N 199 
LYS CE  HE3  sing N N 200 
LYS NZ  HZ1  sing N N 201 
LYS NZ  HZ2  sing N N 202 
LYS NZ  HZ3  sing N N 203 
LYS OXT HXT  sing N N 204 
MET N   CA   sing N N 205 
MET N   H    sing N N 206 
MET N   H2   sing N N 207 
MET CA  C    sing N N 208 
MET CA  CB   sing N N 209 
MET CA  HA   sing N N 210 
MET C   O    doub N N 211 
MET C   OXT  sing N N 212 
MET CB  CG   sing N N 213 
MET CB  HB2  sing N N 214 
MET CB  HB3  sing N N 215 
MET CG  SD   sing N N 216 
MET CG  HG2  sing N N 217 
MET CG  HG3  sing N N 218 
MET SD  CE   sing N N 219 
MET CE  HE1  sing N N 220 
MET CE  HE2  sing N N 221 
MET CE  HE3  sing N N 222 
MET OXT HXT  sing N N 223 
PHE N   CA   sing N N 224 
PHE N   H    sing N N 225 
PHE N   H2   sing N N 226 
PHE CA  C    sing N N 227 
PHE CA  CB   sing N N 228 
PHE CA  HA   sing N N 229 
PHE C   O    doub N N 230 
PHE C   OXT  sing N N 231 
PHE CB  CG   sing N N 232 
PHE CB  HB2  sing N N 233 
PHE CB  HB3  sing N N 234 
PHE CG  CD1  doub Y N 235 
PHE CG  CD2  sing Y N 236 
PHE CD1 CE1  sing Y N 237 
PHE CD1 HD1  sing N N 238 
PHE CD2 CE2  doub Y N 239 
PHE CD2 HD2  sing N N 240 
PHE CE1 CZ   doub Y N 241 
PHE CE1 HE1  sing N N 242 
PHE CE2 CZ   sing Y N 243 
PHE CE2 HE2  sing N N 244 
PHE CZ  HZ   sing N N 245 
PHE OXT HXT  sing N N 246 
PRO N   CA   sing N N 247 
PRO N   CD   sing N N 248 
PRO N   H    sing N N 249 
PRO CA  C    sing N N 250 
PRO CA  CB   sing N N 251 
PRO CA  HA   sing N N 252 
PRO C   O    doub N N 253 
PRO C   OXT  sing N N 254 
PRO CB  CG   sing N N 255 
PRO CB  HB2  sing N N 256 
PRO CB  HB3  sing N N 257 
PRO CG  CD   sing N N 258 
PRO CG  HG2  sing N N 259 
PRO CG  HG3  sing N N 260 
PRO CD  HD2  sing N N 261 
PRO CD  HD3  sing N N 262 
PRO OXT HXT  sing N N 263 
SER N   CA   sing N N 264 
SER N   H    sing N N 265 
SER N   H2   sing N N 266 
SER CA  C    sing N N 267 
SER CA  CB   sing N N 268 
SER CA  HA   sing N N 269 
SER C   O    doub N N 270 
SER C   OXT  sing N N 271 
SER CB  OG   sing N N 272 
SER CB  HB2  sing N N 273 
SER CB  HB3  sing N N 274 
SER OG  HG   sing N N 275 
SER OXT HXT  sing N N 276 
THR N   CA   sing N N 277 
THR N   H    sing N N 278 
THR N   H2   sing N N 279 
THR CA  C    sing N N 280 
THR CA  CB   sing N N 281 
THR CA  HA   sing N N 282 
THR C   O    doub N N 283 
THR C   OXT  sing N N 284 
THR CB  OG1  sing N N 285 
THR CB  CG2  sing N N 286 
THR CB  HB   sing N N 287 
THR OG1 HG1  sing N N 288 
THR CG2 HG21 sing N N 289 
THR CG2 HG22 sing N N 290 
THR CG2 HG23 sing N N 291 
THR OXT HXT  sing N N 292 
TRP N   CA   sing N N 293 
TRP N   H    sing N N 294 
TRP N   H2   sing N N 295 
TRP CA  C    sing N N 296 
TRP CA  CB   sing N N 297 
TRP CA  HA   sing N N 298 
TRP C   O    doub N N 299 
TRP C   OXT  sing N N 300 
TRP CB  CG   sing N N 301 
TRP CB  HB2  sing N N 302 
TRP CB  HB3  sing N N 303 
TRP CG  CD1  doub Y N 304 
TRP CG  CD2  sing Y N 305 
TRP CD1 NE1  sing Y N 306 
TRP CD1 HD1  sing N N 307 
TRP CD2 CE2  doub Y N 308 
TRP CD2 CE3  sing Y N 309 
TRP NE1 CE2  sing Y N 310 
TRP NE1 HE1  sing N N 311 
TRP CE2 CZ2  sing Y N 312 
TRP CE3 CZ3  doub Y N 313 
TRP CE3 HE3  sing N N 314 
TRP CZ2 CH2  doub Y N 315 
TRP CZ2 HZ2  sing N N 316 
TRP CZ3 CH2  sing Y N 317 
TRP CZ3 HZ3  sing N N 318 
TRP CH2 HH2  sing N N 319 
TRP OXT HXT  sing N N 320 
TYR N   CA   sing N N 321 
TYR N   H    sing N N 322 
TYR N   H2   sing N N 323 
TYR CA  C    sing N N 324 
TYR CA  CB   sing N N 325 
TYR CA  HA   sing N N 326 
TYR C   O    doub N N 327 
TYR C   OXT  sing N N 328 
TYR CB  CG   sing N N 329 
TYR CB  HB2  sing N N 330 
TYR CB  HB3  sing N N 331 
TYR CG  CD1  doub Y N 332 
TYR CG  CD2  sing Y N 333 
TYR CD1 CE1  sing Y N 334 
TYR CD1 HD1  sing N N 335 
TYR CD2 CE2  doub Y N 336 
TYR CD2 HD2  sing N N 337 
TYR CE1 CZ   doub Y N 338 
TYR CE1 HE1  sing N N 339 
TYR CE2 CZ   sing Y N 340 
TYR CE2 HE2  sing N N 341 
TYR CZ  OH   sing N N 342 
TYR OH  HH   sing N N 343 
TYR OXT HXT  sing N N 344 
VAL N   CA   sing N N 345 
VAL N   H    sing N N 346 
VAL N   H2   sing N N 347 
VAL CA  C    sing N N 348 
VAL CA  CB   sing N N 349 
VAL CA  HA   sing N N 350 
VAL C   O    doub N N 351 
VAL C   OXT  sing N N 352 
VAL CB  CG1  sing N N 353 
VAL CB  CG2  sing N N 354 
VAL CB  HB   sing N N 355 
VAL CG1 HG11 sing N N 356 
VAL CG1 HG12 sing N N 357 
VAL CG1 HG13 sing N N 358 
VAL CG2 HG21 sing N N 359 
VAL CG2 HG22 sing N N 360 
VAL CG2 HG23 sing N N 361 
VAL OXT HXT  sing N N 362 
# 
_atom_sites.entry_id                    3HNR 
_atom_sites.fract_transf_matrix[1][1]   0.01120229 
_atom_sites.fract_transf_matrix[1][2]   -0.01495825 
_atom_sites.fract_transf_matrix[1][3]   -0.01615848 
_atom_sites.fract_transf_matrix[2][1]   0.02195509 
_atom_sites.fract_transf_matrix[2][2]   0.00897046 
_atom_sites.fract_transf_matrix[2][3]   0.00691678 
_atom_sites.fract_transf_matrix[3][1]   0.00025728 
_atom_sites.fract_transf_matrix[3][2]   -0.00268056 
_atom_sites.fract_transf_matrix[3][3]   0.00265982 
_atom_sites.fract_transf_vector[1]      0.509409 
_atom_sites.fract_transf_vector[2]      0.187165 
_atom_sites.fract_transf_vector[3]      0.434705 
# 
loop_
_atom_type.symbol 
C 
N 
O 
S 
# 
loop_
_atom_site.group_PDB 
_atom_site.id 
_atom_site.type_symbol 
_atom_site.label_atom_id 
_atom_site.label_alt_id 
_atom_site.label_comp_id 
_atom_site.label_asym_id 
_atom_site.label_entity_id 
_atom_site.label_seq_id 
_atom_site.pdbx_PDB_ins_code 
_atom_site.Cartn_x 
_atom_site.Cartn_y 
_atom_site.Cartn_z 
_atom_site.occupancy 
_atom_site.B_iso_or_equiv 
_atom_site.pdbx_formal_charge 
_atom_site.auth_seq_id 
_atom_site.auth_comp_id 
_atom_site.auth_asym_id 
_atom_site.auth_atom_id 
_atom_site.pdbx_PDB_model_num 
ATOM   1    N N   . ASP A 1 24  ? -11.769 19.078  -3.930  1.00 52.48 ? 24  ASP A N   1 
ATOM   2    C CA  . ASP A 1 24  ? -10.561 18.220  -3.776  1.00 50.20 ? 24  ASP A CA  1 
ATOM   3    C C   . ASP A 1 24  ? -9.278  19.037  -3.802  1.00 48.40 ? 24  ASP A C   1 
ATOM   4    O O   . ASP A 1 24  ? -8.205  18.514  -4.093  1.00 48.85 ? 24  ASP A O   1 
ATOM   5    C CB  . ASP A 1 24  ? -10.506 17.161  -4.882  1.00 51.29 ? 24  ASP A CB  1 
ATOM   6    C CG  . ASP A 1 24  ? -10.583 17.761  -6.272  1.00 51.86 ? 24  ASP A CG  1 
ATOM   7    O OD1 . ASP A 1 24  ? -10.342 17.024  -7.253  1.00 49.96 ? 24  ASP A OD1 1 
ATOM   8    O OD2 . ASP A 1 24  ? -10.896 18.970  -6.383  1.00 51.93 ? 24  ASP A OD2 1 
ATOM   9    N N   . ILE A 1 25  ? -9.384  20.327  -3.515  1.00 45.52 ? 25  ILE A N   1 
ATOM   10   C CA  . ILE A 1 25  ? -8.199  21.168  -3.487  1.00 43.39 ? 25  ILE A CA  1 
ATOM   11   C C   . ILE A 1 25  ? -7.415  20.755  -2.246  1.00 41.42 ? 25  ILE A C   1 
ATOM   12   O O   . ILE A 1 25  ? -6.210  20.988  -2.155  1.00 41.42 ? 25  ILE A O   1 
ATOM   13   C CB  . ILE A 1 25  ? -8.562  22.672  -3.379  1.00 42.99 ? 25  ILE A CB  1 
ATOM   14   C CG1 . ILE A 1 25  ? -9.586  23.040  -4.457  1.00 44.33 ? 25  ILE A CG1 1 
ATOM   15   C CG2 . ILE A 1 25  ? -7.308  23.520  -3.550  1.00 41.47 ? 25  ILE A CG2 1 
ATOM   16   C CD1 . ILE A 1 25  ? -10.219 24.412  -4.290  1.00 43.89 ? 25  ILE A CD1 1 
ATOM   17   N N   . GLN A 1 26  ? -8.108  20.133  -1.295  1.00 39.68 ? 26  GLN A N   1 
ATOM   18   C CA  . GLN A 1 26  ? -7.486  19.689  -0.048  1.00 38.26 ? 26  GLN A CA  1 
ATOM   19   C C   . GLN A 1 26  ? -6.543  18.511  -0.243  1.00 36.57 ? 26  GLN A C   1 
ATOM   20   O O   . GLN A 1 26  ? -5.514  18.416  0.423   1.00 35.13 ? 26  GLN A O   1 
ATOM   21   C CB  . GLN A 1 26  ? -8.547  19.276  0.976   1.00 37.25 ? 26  GLN A CB  1 
ATOM   22   C CG  . GLN A 1 26  ? -9.460  20.380  1.444   1.00 37.06 ? 26  GLN A CG  1 
ATOM   23   C CD  . GLN A 1 26  ? -10.227 19.986  2.690   1.00 37.17 ? 26  GLN A CD  1 
ATOM   24   O OE1 . GLN A 1 26  ? -9.636  19.781  3.751   1.00 36.43 ? 26  GLN A OE1 1 
ATOM   25   N NE2 . GLN A 1 26  ? -11.546 19.872  2.570   1.00 35.08 ? 26  GLN A NE2 1 
ATOM   26   N N   . TYR A 1 27  ? -6.906  17.604  -1.144  1.00 35.50 ? 27  TYR A N   1 
ATOM   27   C CA  . TYR A 1 27  ? -6.094  16.425  -1.404  1.00 35.19 ? 27  TYR A CA  1 
ATOM   28   C C   . TYR A 1 27  ? -5.237  16.574  -2.648  1.00 35.75 ? 27  TYR A C   1 
ATOM   29   O O   . TYR A 1 27  ? -4.657  15.600  -3.139  1.00 36.86 ? 27  TYR A O   1 
ATOM   30   C CB  . TYR A 1 27  ? -6.982  15.184  -1.516  1.00 32.54 ? 27  TYR A CB  1 
ATOM   31   C CG  . TYR A 1 27  ? -7.537  14.750  -0.183  1.00 31.11 ? 27  TYR A CG  1 
ATOM   32   C CD1 . TYR A 1 27  ? -8.568  15.464  0.438   1.00 29.46 ? 27  TYR A CD1 1 
ATOM   33   C CD2 . TYR A 1 27  ? -6.994  13.658  0.490   1.00 30.72 ? 27  TYR A CD2 1 
ATOM   34   C CE1 . TYR A 1 27  ? -9.043  15.101  1.702   1.00 28.33 ? 27  TYR A CE1 1 
ATOM   35   C CE2 . TYR A 1 27  ? -7.462  13.282  1.754   1.00 31.98 ? 27  TYR A CE2 1 
ATOM   36   C CZ  . TYR A 1 27  ? -8.485  14.006  2.353   1.00 29.30 ? 27  TYR A CZ  1 
ATOM   37   O OH  . TYR A 1 27  ? -8.936  13.618  3.596   1.00 29.51 ? 27  TYR A OH  1 
ATOM   38   N N   . LYS A 1 28  ? -5.158  17.804  -3.146  1.00 35.36 ? 28  LYS A N   1 
ATOM   39   C CA  . LYS A 1 28  ? -4.359  18.128  -4.321  1.00 34.26 ? 28  LYS A CA  1 
ATOM   40   C C   . LYS A 1 28  ? -2.906  17.686  -4.118  1.00 34.52 ? 28  LYS A C   1 
ATOM   41   O O   . LYS A 1 28  ? -2.302  17.106  -5.021  1.00 34.37 ? 28  LYS A O   1 
ATOM   42   C CB  . LYS A 1 28  ? -4.426  19.640  -4.582  1.00 33.65 ? 28  LYS A CB  1 
ATOM   43   C CG  . LYS A 1 28  ? -3.390  20.213  -5.539  1.00 29.74 ? 28  LYS A CG  1 
ATOM   44   C CD  . LYS A 1 28  ? -3.652  19.815  -6.971  1.00 31.31 ? 28  LYS A CD  1 
ATOM   45   C CE  . LYS A 1 28  ? -3.101  20.860  -7.927  1.00 28.70 ? 28  LYS A CE  1 
ATOM   46   N NZ  . LYS A 1 28  ? -1.743  21.283  -7.528  1.00 30.34 ? 28  LYS A NZ  1 
ATOM   47   N N   . GLU A 1 29  ? -2.357  17.933  -2.930  1.00 33.32 ? 29  GLU A N   1 
ATOM   48   C CA  . GLU A 1 29  ? -0.970  17.560  -2.666  1.00 34.24 ? 29  GLU A CA  1 
ATOM   49   C C   . GLU A 1 29  ? -0.802  16.091  -2.300  1.00 33.39 ? 29  GLU A C   1 
ATOM   50   O O   . GLU A 1 29  ? 0.209   15.477  -2.631  1.00 32.14 ? 29  GLU A O   1 
ATOM   51   C CB  . GLU A 1 29  ? -0.378  18.436  -1.559  1.00 37.55 ? 29  GLU A CB  1 
ATOM   52   C CG  . GLU A 1 29  ? 1.144   18.319  -1.419  1.00 44.12 ? 29  GLU A CG  1 
ATOM   53   C CD  . GLU A 1 29  ? 1.885   18.636  -2.723  1.00 48.25 ? 29  GLU A CD  1 
ATOM   54   O OE1 . GLU A 1 29  ? 1.589   19.692  -3.338  1.00 49.13 ? 29  GLU A OE1 1 
ATOM   55   O OE2 . GLU A 1 29  ? 2.767   17.833  -3.122  1.00 47.50 ? 29  GLU A OE2 1 
ATOM   56   N N   . VAL A 1 30  ? -1.793  15.532  -1.614  1.00 31.38 ? 30  VAL A N   1 
ATOM   57   C CA  . VAL A 1 30  ? -1.752  14.131  -1.212  1.00 26.47 ? 30  VAL A CA  1 
ATOM   58   C C   . VAL A 1 30  ? -1.705  13.219  -2.441  1.00 26.36 ? 30  VAL A C   1 
ATOM   59   O O   . VAL A 1 30  ? -1.111  12.138  -2.410  1.00 24.71 ? 30  VAL A O   1 
ATOM   60   C CB  . VAL A 1 30  ? -2.998  13.771  -0.373  1.00 24.97 ? 30  VAL A CB  1 
ATOM   61   C CG1 . VAL A 1 30  ? -2.971  12.305  0.011   1.00 19.77 ? 30  VAL A CG1 1 
ATOM   62   C CG2 . VAL A 1 30  ? -3.055  14.645  0.868   1.00 23.84 ? 30  VAL A CG2 1 
ATOM   63   N N   . PHE A 1 31  ? -2.332  13.657  -3.525  1.00 25.90 ? 31  PHE A N   1 
ATOM   64   C CA  . PHE A 1 31  ? -2.362  12.858  -4.739  1.00 25.50 ? 31  PHE A CA  1 
ATOM   65   C C   . PHE A 1 31  ? -1.419  13.378  -5.820  1.00 25.70 ? 31  PHE A C   1 
ATOM   66   O O   . PHE A 1 31  ? -1.484  12.950  -6.976  1.00 24.89 ? 31  PHE A O   1 
ATOM   67   C CB  . PHE A 1 31  ? -3.798  12.768  -5.275  1.00 27.95 ? 31  PHE A CB  1 
ATOM   68   C CG  . PHE A 1 31  ? -4.706  11.916  -4.426  1.00 28.74 ? 31  PHE A CG  1 
ATOM   69   C CD1 . PHE A 1 31  ? -4.509  10.539  -4.335  1.00 28.34 ? 31  PHE A CD1 1 
ATOM   70   C CD2 . PHE A 1 31  ? -5.748  12.495  -3.703  1.00 28.30 ? 31  PHE A CD2 1 
ATOM   71   C CE1 . PHE A 1 31  ? -5.334  9.752   -3.539  1.00 28.88 ? 31  PHE A CE1 1 
ATOM   72   C CE2 . PHE A 1 31  ? -6.575  11.718  -2.907  1.00 29.15 ? 31  PHE A CE2 1 
ATOM   73   C CZ  . PHE A 1 31  ? -6.369  10.342  -2.822  1.00 31.69 ? 31  PHE A CZ  1 
ATOM   74   N N   . ALA A 1 32  ? -0.542  14.300  -5.439  1.00 24.91 ? 32  ALA A N   1 
ATOM   75   C CA  . ALA A 1 32  ? 0.433   14.843  -6.373  1.00 25.01 ? 32  ALA A CA  1 
ATOM   76   C C   . ALA A 1 32  ? 1.252   13.681  -6.941  1.00 27.09 ? 32  ALA A C   1 
ATOM   77   O O   . ALA A 1 32  ? 1.686   12.813  -6.190  1.00 28.36 ? 32  ALA A O   1 
ATOM   78   C CB  . ALA A 1 32  ? 1.344   15.805  -5.652  1.00 21.37 ? 32  ALA A CB  1 
ATOM   79   N N   . HIS A 1 33  ? 1.456   13.653  -8.255  1.00 27.75 ? 33  HIS A N   1 
ATOM   80   C CA  . HIS A 1 33  ? 2.245   12.584  -8.869  1.00 29.66 ? 33  HIS A CA  1 
ATOM   81   C C   . HIS A 1 33  ? 1.602   11.203  -8.687  1.00 30.32 ? 33  HIS A C   1 
ATOM   82   O O   . HIS A 1 33  ? 2.281   10.173  -8.691  1.00 29.11 ? 33  HIS A O   1 
ATOM   83   C CB  . HIS A 1 33  ? 3.657   12.566  -8.274  1.00 31.51 ? 33  HIS A CB  1 
ATOM   84   C CG  . HIS A 1 33  ? 4.386   13.865  -8.412  1.00 33.82 ? 33  HIS A CG  1 
ATOM   85   N ND1 . HIS A 1 33  ? 4.646   14.443  -9.636  1.00 34.45 ? 33  HIS A ND1 1 
ATOM   86   C CD2 . HIS A 1 33  ? 4.901   14.699  -7.481  1.00 33.00 ? 33  HIS A CD2 1 
ATOM   87   C CE1 . HIS A 1 33  ? 5.289   15.582  -9.451  1.00 32.96 ? 33  HIS A CE1 1 
ATOM   88   N NE2 . HIS A 1 33  ? 5.456   15.763  -8.155  1.00 32.86 ? 33  HIS A NE2 1 
ATOM   89   N N   . TYR A 1 34  ? 0.286   11.192  -8.528  1.00 30.90 ? 34  TYR A N   1 
ATOM   90   C CA  . TYR A 1 34  ? -0.462  9.954   -8.357  1.00 31.60 ? 34  TYR A CA  1 
ATOM   91   C C   . TYR A 1 34  ? -0.008  8.843   -9.302  1.00 32.25 ? 34  TYR A C   1 
ATOM   92   O O   . TYR A 1 34  ? 0.350   7.747   -8.864  1.00 32.76 ? 34  TYR A O   1 
ATOM   93   C CB  . TYR A 1 34  ? -1.946  10.227  -8.587  1.00 30.09 ? 34  TYR A CB  1 
ATOM   94   C CG  . TYR A 1 34  ? -2.848  9.031   -8.420  1.00 28.05 ? 34  TYR A CG  1 
ATOM   95   C CD1 . TYR A 1 34  ? -3.013  8.425   -7.172  1.00 28.22 ? 34  TYR A CD1 1 
ATOM   96   C CD2 . TYR A 1 34  ? -3.568  8.537   -9.495  1.00 26.38 ? 34  TYR A CD2 1 
ATOM   97   C CE1 . TYR A 1 34  ? -3.873  7.360   -6.994  1.00 26.92 ? 34  TYR A CE1 1 
ATOM   98   C CE2 . TYR A 1 34  ? -4.432  7.471   -9.337  1.00 28.64 ? 34  TYR A CE2 1 
ATOM   99   C CZ  . TYR A 1 34  ? -4.589  6.883   -8.078  1.00 27.35 ? 34  TYR A CZ  1 
ATOM   100  O OH  . TYR A 1 34  ? -5.476  5.839   -7.909  1.00 27.16 ? 34  TYR A OH  1 
ATOM   101  N N   . GLU A 1 35  ? -0.044  9.135   -10.600 1.00 32.91 ? 35  GLU A N   1 
ATOM   102  C CA  . GLU A 1 35  ? 0.337   8.171   -11.637 1.00 34.81 ? 35  GLU A CA  1 
ATOM   103  C C   . GLU A 1 35  ? 1.766   7.677   -11.490 1.00 34.48 ? 35  GLU A C   1 
ATOM   104  O O   . GLU A 1 35  ? 2.037   6.488   -11.649 1.00 33.61 ? 35  GLU A O   1 
ATOM   105  C CB  . GLU A 1 35  ? 0.190   8.790   -13.028 1.00 36.44 ? 35  GLU A CB  1 
ATOM   106  C CG  . GLU A 1 35  ? -1.198  9.279   -13.363 1.00 40.31 ? 35  GLU A CG  1 
ATOM   107  C CD  . GLU A 1 35  ? -2.262  8.235   -13.095 1.00 43.00 ? 35  GLU A CD  1 
ATOM   108  O OE1 . GLU A 1 35  ? -2.023  7.041   -13.405 1.00 45.05 ? 35  GLU A OE1 1 
ATOM   109  O OE2 . GLU A 1 35  ? -3.339  8.618   -12.587 1.00 44.55 ? 35  GLU A OE2 1 
ATOM   110  N N   . ASP A 1 36  ? 2.681   8.602   -11.220 1.00 34.58 ? 36  ASP A N   1 
ATOM   111  C CA  . ASP A 1 36  ? 4.078   8.243   -11.063 1.00 33.52 ? 36  ASP A CA  1 
ATOM   112  C C   . ASP A 1 36  ? 4.197   7.286   -9.888  1.00 33.16 ? 36  ASP A C   1 
ATOM   113  O O   . ASP A 1 36  ? 5.015   6.362   -9.904  1.00 32.39 ? 36  ASP A O   1 
ATOM   114  C CB  . ASP A 1 36  ? 4.928   9.488   -10.809 1.00 35.23 ? 36  ASP A CB  1 
ATOM   115  C CG  . ASP A 1 36  ? 4.895   10.470  -11.974 1.00 38.53 ? 36  ASP A CG  1 
ATOM   116  O OD1 . ASP A 1 36  ? 5.322   10.101  -13.097 1.00 39.61 ? 36  ASP A OD1 1 
ATOM   117  O OD2 . ASP A 1 36  ? 4.440   11.618  -11.759 1.00 40.94 ? 36  ASP A OD2 1 
ATOM   118  N N   . ILE A 1 37  ? 3.370   7.515   -8.871  1.00 31.66 ? 37  ILE A N   1 
ATOM   119  C CA  . ILE A 1 37  ? 3.370   6.669   -7.688  1.00 30.01 ? 37  ILE A CA  1 
ATOM   120  C C   . ILE A 1 37  ? 3.000   5.231   -8.036  1.00 29.74 ? 37  ILE A C   1 
ATOM   121  O O   . ILE A 1 37  ? 3.645   4.297   -7.566  1.00 31.24 ? 37  ILE A O   1 
ATOM   122  C CB  . ILE A 1 37  ? 2.382   7.183   -6.605  1.00 30.00 ? 37  ILE A CB  1 
ATOM   123  C CG1 . ILE A 1 37  ? 2.854   8.538   -6.065  1.00 30.36 ? 37  ILE A CG1 1 
ATOM   124  C CG2 . ILE A 1 37  ? 2.294   6.175   -5.473  1.00 28.67 ? 37  ILE A CG2 1 
ATOM   125  C CD1 . ILE A 1 37  ? 2.067   9.062   -4.869  1.00 29.73 ? 37  ILE A CD1 1 
ATOM   126  N N   . LEU A 1 38  ? 1.965   5.045   -8.847  1.00 27.18 ? 38  LEU A N   1 
ATOM   127  C CA  . LEU A 1 38  ? 1.549   3.699   -9.222  1.00 27.57 ? 38  LEU A CA  1 
ATOM   128  C C   . LEU A 1 38  ? 2.621   3.073   -10.107 1.00 29.41 ? 38  LEU A C   1 
ATOM   129  O O   . LEU A 1 38  ? 2.898   1.870   -10.030 1.00 29.69 ? 38  LEU A O   1 
ATOM   130  C CB  . LEU A 1 38  ? 0.213   3.730   -9.974  1.00 26.74 ? 38  LEU A CB  1 
ATOM   131  C CG  . LEU A 1 38  ? -0.969  4.451   -9.320  1.00 25.88 ? 38  LEU A CG  1 
ATOM   132  C CD1 . LEU A 1 38  ? -2.209  4.237   -10.167 1.00 22.78 ? 38  LEU A CD1 1 
ATOM   133  C CD2 . LEU A 1 38  ? -1.199  3.936   -7.916  1.00 23.39 ? 38  LEU A CD2 1 
ATOM   134  N N   . GLU A 1 39  ? 3.211   3.921   -10.946 1.00 31.11 ? 39  GLU A N   1 
ATOM   135  C CA  . GLU A 1 39  ? 4.269   3.546   -11.879 1.00 32.10 ? 39  GLU A CA  1 
ATOM   136  C C   . GLU A 1 39  ? 5.441   2.982   -11.075 1.00 30.62 ? 39  GLU A C   1 
ATOM   137  O O   . GLU A 1 39  ? 5.953   1.897   -11.362 1.00 29.84 ? 39  GLU A O   1 
ATOM   138  C CB  . GLU A 1 39  ? 4.729   4.794   -12.648 1.00 36.62 ? 39  GLU A CB  1 
ATOM   139  C CG  . GLU A 1 39  ? 5.572   4.538   -13.898 1.00 42.44 ? 39  GLU A CG  1 
ATOM   140  C CD  . GLU A 1 39  ? 4.726   4.460   -15.164 1.00 47.37 ? 39  GLU A CD  1 
ATOM   141  O OE1 . GLU A 1 39  ? 3.538   4.076   -15.059 1.00 49.17 ? 39  GLU A OE1 1 
ATOM   142  O OE2 . GLU A 1 39  ? 5.254   4.767   -16.262 1.00 47.55 ? 39  GLU A OE2 1 
ATOM   143  N N   . ASP A 1 40  ? 5.857   3.734   -10.062 1.00 28.82 ? 40  ASP A N   1 
ATOM   144  C CA  . ASP A 1 40  ? 6.969   3.328   -9.212  1.00 29.35 ? 40  ASP A CA  1 
ATOM   145  C C   . ASP A 1 40  ? 6.727   1.965   -8.542  1.00 29.39 ? 40  ASP A C   1 
ATOM   146  O O   . ASP A 1 40  ? 7.626   1.115   -8.495  1.00 28.82 ? 40  ASP A O   1 
ATOM   147  C CB  . ASP A 1 40  ? 7.230   4.398   -8.155  1.00 29.16 ? 40  ASP A CB  1 
ATOM   148  C CG  . ASP A 1 40  ? 8.399   4.054   -7.268  1.00 33.14 ? 40  ASP A CG  1 
ATOM   149  O OD1 . ASP A 1 40  ? 8.335   2.997   -6.610  1.00 38.19 ? 40  ASP A OD1 1 
ATOM   150  O OD2 . ASP A 1 40  ? 9.382   4.824   -7.226  1.00 35.79 ? 40  ASP A OD2 1 
ATOM   151  N N   . VAL A 1 41  ? 5.520   1.760   -8.019  1.00 26.76 ? 41  VAL A N   1 
ATOM   152  C CA  . VAL A 1 41  ? 5.178   0.497   -7.379  1.00 25.81 ? 41  VAL A CA  1 
ATOM   153  C C   . VAL A 1 41  ? 5.203   -0.622  -8.422  1.00 26.58 ? 41  VAL A C   1 
ATOM   154  O O   . VAL A 1 41  ? 5.729   -1.711  -8.176  1.00 26.52 ? 41  VAL A O   1 
ATOM   155  C CB  . VAL A 1 41  ? 3.783   0.579   -6.692  1.00 24.11 ? 41  VAL A CB  1 
ATOM   156  C CG1 . VAL A 1 41  ? 3.364   -0.787  -6.154  1.00 21.02 ? 41  VAL A CG1 1 
ATOM   157  C CG2 . VAL A 1 41  ? 3.842   1.581   -5.543  1.00 21.17 ? 41  VAL A CG2 1 
ATOM   158  N N   . VAL A 1 42  ? 4.653   -0.346  -9.597  1.00 28.01 ? 42  VAL A N   1 
ATOM   159  C CA  . VAL A 1 42  ? 4.646   -1.334  -10.668 1.00 29.64 ? 42  VAL A CA  1 
ATOM   160  C C   . VAL A 1 42  ? 6.066   -1.776  -11.056 1.00 31.40 ? 42  VAL A C   1 
ATOM   161  O O   . VAL A 1 42  ? 6.350   -2.979  -11.139 1.00 31.68 ? 42  VAL A O   1 
ATOM   162  C CB  . VAL A 1 42  ? 3.951   -0.784  -11.934 1.00 30.34 ? 42  VAL A CB  1 
ATOM   163  C CG1 . VAL A 1 42  ? 4.071   -1.795  -13.067 1.00 28.15 ? 42  VAL A CG1 1 
ATOM   164  C CG2 . VAL A 1 42  ? 2.488   -0.476  -11.634 1.00 28.12 ? 42  VAL A CG2 1 
ATOM   165  N N   . ASN A 1 43  ? 6.954   -0.805  -11.282 1.00 32.33 ? 43  ASN A N   1 
ATOM   166  C CA  . ASN A 1 43  ? 8.335   -1.095  -11.681 1.00 33.21 ? 43  ASN A CA  1 
ATOM   167  C C   . ASN A 1 43  ? 9.180   -1.878  -10.672 1.00 32.73 ? 43  ASN A C   1 
ATOM   168  O O   . ASN A 1 43  ? 10.264  -2.372  -11.014 1.00 33.26 ? 43  ASN A O   1 
ATOM   169  C CB  . ASN A 1 43  ? 9.073   0.204   -12.049 1.00 35.93 ? 43  ASN A CB  1 
ATOM   170  C CG  . ASN A 1 43  ? 8.656   0.753   -13.407 1.00 37.81 ? 43  ASN A CG  1 
ATOM   171  O OD1 . ASN A 1 43  ? 9.299   1.655   -13.951 1.00 39.49 ? 43  ASN A OD1 1 
ATOM   172  N ND2 . ASN A 1 43  ? 7.573   0.213   -13.959 1.00 38.71 ? 43  ASN A ND2 1 
ATOM   173  N N   . LYS A 1 44  ? 8.701   -1.988  -9.435  1.00 30.94 ? 44  LYS A N   1 
ATOM   174  C CA  . LYS A 1 44  ? 9.430   -2.716  -8.398  1.00 29.27 ? 44  LYS A CA  1 
ATOM   175  C C   . LYS A 1 44  ? 8.794   -4.060  -8.068  1.00 29.05 ? 44  LYS A C   1 
ATOM   176  O O   . LYS A 1 44  ? 9.180   -4.706  -7.100  1.00 30.05 ? 44  LYS A O   1 
ATOM   177  C CB  . LYS A 1 44  ? 9.518   -1.873  -7.128  1.00 29.29 ? 44  LYS A CB  1 
ATOM   178  C CG  . LYS A 1 44  ? 10.254  -0.577  -7.337  1.00 31.01 ? 44  LYS A CG  1 
ATOM   179  C CD  . LYS A 1 44  ? 10.310  0.258   -6.090  1.00 31.48 ? 44  LYS A CD  1 
ATOM   180  C CE  . LYS A 1 44  ? 10.956  1.589   -6.421  1.00 32.65 ? 44  LYS A CE  1 
ATOM   181  N NZ  . LYS A 1 44  ? 10.973  2.541   -5.280  1.00 33.23 ? 44  LYS A NZ  1 
ATOM   182  N N   . SER A 1 45  ? 7.830   -4.479  -8.887  1.00 28.39 ? 45  SER A N   1 
ATOM   183  C CA  . SER A 1 45  ? 7.114   -5.740  -8.681  1.00 27.53 ? 45  SER A CA  1 
ATOM   184  C C   . SER A 1 45  ? 7.346   -6.754  -9.815  1.00 28.37 ? 45  SER A C   1 
ATOM   185  O O   . SER A 1 45  ? 7.511   -6.377  -10.979 1.00 27.33 ? 45  SER A O   1 
ATOM   186  C CB  . SER A 1 45  ? 5.617   -5.462  -8.571  1.00 24.76 ? 45  SER A CB  1 
ATOM   187  O OG  . SER A 1 45  ? 5.113   -5.060  -9.828  1.00 25.19 ? 45  SER A OG  1 
ATOM   188  N N   . PHE A 1 46  ? 7.323   -8.042  -9.474  1.00 28.94 ? 46  PHE A N   1 
ATOM   189  C CA  . PHE A 1 46  ? 7.546   -9.092  -10.464 1.00 29.06 ? 46  PHE A CA  1 
ATOM   190  C C   . PHE A 1 46  ? 6.698   -10.354 -10.242 1.00 30.17 ? 46  PHE A C   1 
ATOM   191  O O   . PHE A 1 46  ? 6.159   -10.586 -9.161  1.00 29.89 ? 46  PHE A O   1 
ATOM   192  C CB  . PHE A 1 46  ? 9.032   -9.470  -10.470 1.00 27.69 ? 46  PHE A CB  1 
ATOM   193  C CG  . PHE A 1 46  ? 9.481   -10.181 -9.224  1.00 25.02 ? 46  PHE A CG  1 
ATOM   194  C CD1 . PHE A 1 46  ? 9.486   -11.575 -9.161  1.00 24.74 ? 46  PHE A CD1 1 
ATOM   195  C CD2 . PHE A 1 46  ? 9.868   -9.462  -8.100  1.00 23.77 ? 46  PHE A CD2 1 
ATOM   196  C CE1 . PHE A 1 46  ? 9.873   -12.237 -7.986  1.00 23.80 ? 46  PHE A CE1 1 
ATOM   197  C CE2 . PHE A 1 46  ? 10.255  -10.117 -6.924  1.00 21.99 ? 46  PHE A CE2 1 
ATOM   198  C CZ  . PHE A 1 46  ? 10.259  -11.505 -6.869  1.00 19.95 ? 46  PHE A CZ  1 
ATOM   199  N N   . GLY A 1 47  ? 6.598   -11.167 -11.288 1.00 31.12 ? 47  GLY A N   1 
ATOM   200  C CA  . GLY A 1 47  ? 5.847   -12.405 -11.203 1.00 29.48 ? 47  GLY A CA  1 
ATOM   201  C C   . GLY A 1 47  ? 4.405   -12.234 -10.784 1.00 28.90 ? 47  GLY A C   1 
ATOM   202  O O   . GLY A 1 47  ? 3.735   -11.297 -11.211 1.00 29.75 ? 47  GLY A O   1 
ATOM   203  N N   . ASN A 1 48  ? 3.925   -13.154 -9.951  1.00 28.50 ? 48  ASN A N   1 
ATOM   204  C CA  . ASN A 1 48  ? 2.552   -13.118 -9.471  1.00 28.23 ? 48  ASN A CA  1 
ATOM   205  C C   . ASN A 1 48  ? 2.382   -12.051 -8.407  1.00 26.13 ? 48  ASN A C   1 
ATOM   206  O O   . ASN A 1 48  ? 2.970   -12.136 -7.326  1.00 23.52 ? 48  ASN A O   1 
ATOM   207  C CB  . ASN A 1 48  ? 2.151   -14.480 -8.904  1.00 30.01 ? 48  ASN A CB  1 
ATOM   208  C CG  . ASN A 1 48  ? 2.315   -15.608 -9.912  1.00 30.60 ? 48  ASN A CG  1 
ATOM   209  O OD1 . ASN A 1 48  ? 2.082   -15.435 -11.113 1.00 29.44 ? 48  ASN A OD1 1 
ATOM   210  N ND2 . ASN A 1 48  ? 2.693   -16.780 -9.421  1.00 31.17 ? 48  ASN A ND2 1 
ATOM   211  N N   . VAL A 1 49  ? 1.558   -11.055 -8.719  1.00 25.08 ? 49  VAL A N   1 
ATOM   212  C CA  . VAL A 1 49  ? 1.308   -9.948  -7.804  1.00 24.61 ? 49  VAL A CA  1 
ATOM   213  C C   . VAL A 1 49  ? -0.018  -10.008 -7.044  1.00 23.19 ? 49  VAL A C   1 
ATOM   214  O O   . VAL A 1 49  ? -1.081  -10.165 -7.630  1.00 22.22 ? 49  VAL A O   1 
ATOM   215  C CB  . VAL A 1 49  ? 1.377   -8.605  -8.563  1.00 24.66 ? 49  VAL A CB  1 
ATOM   216  C CG1 . VAL A 1 49  ? 1.086   -7.449  -7.612  1.00 24.40 ? 49  VAL A CG1 1 
ATOM   217  C CG2 . VAL A 1 49  ? 2.750   -8.449  -9.197  1.00 22.92 ? 49  VAL A CG2 1 
ATOM   218  N N   . LEU A 1 50  ? 0.061   -9.865  -5.727  1.00 22.64 ? 50  LEU A N   1 
ATOM   219  C CA  . LEU A 1 50  ? -1.114  -9.880  -4.862  1.00 22.60 ? 50  LEU A CA  1 
ATOM   220  C C   . LEU A 1 50  ? -1.379  -8.452  -4.401  1.00 22.99 ? 50  LEU A C   1 
ATOM   221  O O   . LEU A 1 50  ? -0.617  -7.898  -3.600  1.00 22.23 ? 50  LEU A O   1 
ATOM   222  C CB  . LEU A 1 50  ? -0.855  -10.777 -3.654  1.00 24.51 ? 50  LEU A CB  1 
ATOM   223  C CG  . LEU A 1 50  ? -1.947  -10.853 -2.586  1.00 26.62 ? 50  LEU A CG  1 
ATOM   224  C CD1 . LEU A 1 50  ? -3.256  -11.274 -3.235  1.00 26.46 ? 50  LEU A CD1 1 
ATOM   225  C CD2 . LEU A 1 50  ? -1.539  -11.837 -1.495  1.00 26.87 ? 50  LEU A CD2 1 
ATOM   226  N N   . GLU A 1 51  ? -2.455  -7.853  -4.908  1.00 23.42 ? 51  GLU A N   1 
ATOM   227  C CA  . GLU A 1 51  ? -2.786  -6.479  -4.552  1.00 23.73 ? 51  GLU A CA  1 
ATOM   228  C C   . GLU A 1 51  ? -3.885  -6.329  -3.507  1.00 23.81 ? 51  GLU A C   1 
ATOM   229  O O   . GLU A 1 51  ? -4.967  -6.888  -3.634  1.00 23.01 ? 51  GLU A O   1 
ATOM   230  C CB  . GLU A 1 51  ? -3.205  -5.692  -5.793  1.00 24.87 ? 51  GLU A CB  1 
ATOM   231  C CG  . GLU A 1 51  ? -3.226  -4.191  -5.552  1.00 27.41 ? 51  GLU A CG  1 
ATOM   232  C CD  . GLU A 1 51  ? -4.052  -3.443  -6.572  1.00 27.68 ? 51  GLU A CD  1 
ATOM   233  O OE1 . GLU A 1 51  ? -4.264  -3.985  -7.675  1.00 31.85 ? 51  GLU A OE1 1 
ATOM   234  O OE2 . GLU A 1 51  ? -4.482  -2.307  -6.274  1.00 30.62 ? 51  GLU A OE2 1 
ATOM   235  N N   . PHE A 1 52  ? -3.591  -5.552  -2.478  1.00 23.11 ? 52  PHE A N   1 
ATOM   236  C CA  . PHE A 1 52  ? -4.551  -5.298  -1.430  1.00 24.24 ? 52  PHE A CA  1 
ATOM   237  C C   . PHE A 1 52  ? -5.111  -3.902  -1.624  1.00 25.18 ? 52  PHE A C   1 
ATOM   238  O O   . PHE A 1 52  ? -4.379  -2.968  -1.964  1.00 26.33 ? 52  PHE A O   1 
ATOM   239  C CB  . PHE A 1 52  ? -3.881  -5.403  -0.062  1.00 24.04 ? 52  PHE A CB  1 
ATOM   240  C CG  . PHE A 1 52  ? -3.590  -6.815  0.359   1.00 25.03 ? 52  PHE A CG  1 
ATOM   241  C CD1 . PHE A 1 52  ? -4.609  -7.644  0.801   1.00 21.56 ? 52  PHE A CD1 1 
ATOM   242  C CD2 . PHE A 1 52  ? -2.295  -7.320  0.295   1.00 24.95 ? 52  PHE A CD2 1 
ATOM   243  C CE1 . PHE A 1 52  ? -4.353  -8.948  1.178   1.00 23.19 ? 52  PHE A CE1 1 
ATOM   244  C CE2 . PHE A 1 52  ? -2.033  -8.632  0.672   1.00 25.19 ? 52  PHE A CE2 1 
ATOM   245  C CZ  . PHE A 1 52  ? -3.065  -9.447  1.114   1.00 23.64 ? 52  PHE A CZ  1 
ATOM   246  N N   . GLY A 1 53  ? -6.417  -3.765  -1.417  1.00 25.14 ? 53  GLY A N   1 
ATOM   247  C CA  . GLY A 1 53  ? -7.051  -2.468  -1.553  1.00 24.09 ? 53  GLY A CA  1 
ATOM   248  C C   . GLY A 1 53  ? -7.110  -2.021  -2.995  1.00 24.39 ? 53  GLY A C   1 
ATOM   249  O O   . GLY A 1 53  ? -6.687  -0.917  -3.332  1.00 22.64 ? 53  GLY A O   1 
ATOM   250  N N   . VAL A 1 54  ? -7.647  -2.892  -3.837  1.00 23.82 ? 54  VAL A N   1 
ATOM   251  C CA  . VAL A 1 54  ? -7.770  -2.622  -5.261  1.00 24.60 ? 54  VAL A CA  1 
ATOM   252  C C   . VAL A 1 54  ? -8.532  -1.330  -5.576  1.00 24.83 ? 54  VAL A C   1 
ATOM   253  O O   . VAL A 1 54  ? -8.283  -0.701  -6.605  1.00 26.33 ? 54  VAL A O   1 
ATOM   254  C CB  . VAL A 1 54  ? -8.438  -3.825  -5.978  1.00 25.36 ? 54  VAL A CB  1 
ATOM   255  C CG1 . VAL A 1 54  ? -8.611  -3.540  -7.460  1.00 23.91 ? 54  VAL A CG1 1 
ATOM   256  C CG2 . VAL A 1 54  ? -7.575  -5.077  -5.782  1.00 24.67 ? 54  VAL A CG2 1 
ATOM   257  N N   . GLY A 1 55  ? -9.438  -0.922  -4.693  1.00 24.38 ? 55  GLY A N   1 
ATOM   258  C CA  . GLY A 1 55  ? -10.194 0.290   -4.941  1.00 25.64 ? 55  GLY A CA  1 
ATOM   259  C C   . GLY A 1 55  ? -10.859 0.222   -6.303  1.00 27.34 ? 55  GLY A C   1 
ATOM   260  O O   . GLY A 1 55  ? -11.501 -0.777  -6.630  1.00 28.17 ? 55  GLY A O   1 
ATOM   261  N N   . THR A 1 56  ? -10.688 1.264   -7.114  1.00 26.09 ? 56  THR A N   1 
ATOM   262  C CA  . THR A 1 56  ? -11.299 1.291   -8.435  1.00 26.45 ? 56  THR A CA  1 
ATOM   263  C C   . THR A 1 56  ? -10.399 0.666   -9.509  1.00 26.86 ? 56  THR A C   1 
ATOM   264  O O   . THR A 1 56  ? -10.658 0.805   -10.708 1.00 26.92 ? 56  THR A O   1 
ATOM   265  C CB  . THR A 1 56  ? -11.681 2.730   -8.830  1.00 27.91 ? 56  THR A CB  1 
ATOM   266  O OG1 . THR A 1 56  ? -10.553 3.390   -9.421  1.00 30.33 ? 56  THR A OG1 1 
ATOM   267  C CG2 . THR A 1 56  ? -12.139 3.502   -7.585  1.00 25.69 ? 56  THR A CG2 1 
ATOM   268  N N   . GLY A 1 57  ? -9.345  -0.017  -9.056  1.00 25.83 ? 57  GLY A N   1 
ATOM   269  C CA  . GLY A 1 57  ? -8.427  -0.701  -9.958  1.00 23.71 ? 57  GLY A CA  1 
ATOM   270  C C   . GLY A 1 57  ? -7.348  0.100   -10.659 1.00 23.08 ? 57  GLY A C   1 
ATOM   271  O O   . GLY A 1 57  ? -6.780  -0.374  -11.641 1.00 21.69 ? 57  GLY A O   1 
ATOM   272  N N   . ASN A 1 58  ? -7.024  1.290   -10.168 1.00 23.30 ? 58  ASN A N   1 
ATOM   273  C CA  . ASN A 1 58  ? -6.010  2.076   -10.862 1.00 22.69 ? 58  ASN A CA  1 
ATOM   274  C C   . ASN A 1 58  ? -4.650  1.408   -10.888 1.00 23.66 ? 58  ASN A C   1 
ATOM   275  O O   . ASN A 1 58  ? -3.999  1.360   -11.932 1.00 21.76 ? 58  ASN A O   1 
ATOM   276  C CB  . ASN A 1 58  ? -5.889  3.474   -10.260 1.00 22.72 ? 58  ASN A CB  1 
ATOM   277  C CG  . ASN A 1 58  ? -7.065  4.362   -10.608 1.00 21.75 ? 58  ASN A CG  1 
ATOM   278  O OD1 . ASN A 1 58  ? -7.796  4.108   -11.570 1.00 18.20 ? 58  ASN A OD1 1 
ATOM   279  N ND2 . ASN A 1 58  ? -7.242  5.426   -9.833  1.00 20.11 ? 58  ASN A ND2 1 
ATOM   280  N N   . LEU A 1 59  ? -4.221  0.889   -9.742  1.00 24.15 ? 59  LEU A N   1 
ATOM   281  C CA  . LEU A 1 59  ? -2.924  0.229   -9.656  1.00 24.37 ? 59  LEU A CA  1 
ATOM   282  C C   . LEU A 1 59  ? -2.915  -1.039  -10.504 1.00 25.03 ? 59  LEU A C   1 
ATOM   283  O O   . LEU A 1 59  ? -1.968  -1.302  -11.242 1.00 26.48 ? 59  LEU A O   1 
ATOM   284  C CB  . LEU A 1 59  ? -2.609  -0.138  -8.213  1.00 23.68 ? 59  LEU A CB  1 
ATOM   285  C CG  . LEU A 1 59  ? -1.291  -0.898  -8.083  1.00 23.82 ? 59  LEU A CG  1 
ATOM   286  C CD1 . LEU A 1 59  ? -0.170  0.073   -8.390  1.00 24.91 ? 59  LEU A CD1 1 
ATOM   287  C CD2 . LEU A 1 59  ? -1.124  -1.501  -6.690  1.00 22.70 ? 59  LEU A CD2 1 
ATOM   288  N N   . THR A 1 60  ? -3.977  -1.824  -10.381 1.00 24.80 ? 60  THR A N   1 
ATOM   289  C CA  . THR A 1 60  ? -4.116  -3.068  -11.127 1.00 26.93 ? 60  THR A CA  1 
ATOM   290  C C   . THR A 1 60  ? -3.935  -2.802  -12.629 1.00 28.39 ? 60  THR A C   1 
ATOM   291  O O   . THR A 1 60  ? -3.178  -3.494  -13.326 1.00 28.58 ? 60  THR A O   1 
ATOM   292  C CB  . THR A 1 60  ? -5.517  -3.665  -10.888 1.00 26.66 ? 60  THR A CB  1 
ATOM   293  O OG1 . THR A 1 60  ? -5.878  -3.488  -9.513  1.00 26.21 ? 60  THR A OG1 1 
ATOM   294  C CG2 . THR A 1 60  ? -5.538  -5.137  -11.218 1.00 24.55 ? 60  THR A CG2 1 
ATOM   295  N N   . ASN A 1 61  ? -4.645  -1.778  -13.102 1.00 30.33 ? 61  ASN A N   1 
ATOM   296  C CA  . ASN A 1 61  ? -4.629  -1.348  -14.491 1.00 30.94 ? 61  ASN A CA  1 
ATOM   297  C C   . ASN A 1 61  ? -3.211  -1.209  -15.041 1.00 30.93 ? 61  ASN A C   1 
ATOM   298  O O   . ASN A 1 61  ? -2.893  -1.748  -16.107 1.00 31.36 ? 61  ASN A O   1 
ATOM   299  C CB  . ASN A 1 61  ? -5.383  -0.020  -14.614 1.00 31.56 ? 61  ASN A CB  1 
ATOM   300  C CG  . ASN A 1 61  ? -5.129  0.679   -15.931 1.00 31.30 ? 61  ASN A CG  1 
ATOM   301  O OD1 . ASN A 1 61  ? -5.196  0.059   -16.993 1.00 33.30 ? 61  ASN A OD1 1 
ATOM   302  N ND2 . ASN A 1 61  ? -4.844  1.985   -15.869 1.00 32.04 ? 61  ASN A ND2 1 
ATOM   303  N N   . LYS A 1 62  ? -2.360  -0.489  -14.311 1.00 30.48 ? 62  LYS A N   1 
ATOM   304  C CA  . LYS A 1 62  ? -0.976  -0.314  -14.736 1.00 30.50 ? 62  LYS A CA  1 
ATOM   305  C C   . LYS A 1 62  ? -0.195  -1.615  -14.561 1.00 29.67 ? 62  LYS A C   1 
ATOM   306  O O   . LYS A 1 62  ? 0.750   -1.883  -15.305 1.00 30.47 ? 62  LYS A O   1 
ATOM   307  C CB  . LYS A 1 62  ? -0.317  0.833   -13.966 1.00 30.45 ? 62  LYS A CB  1 
ATOM   308  C CG  . LYS A 1 62  ? -0.770  2.193   -14.469 1.00 32.46 ? 62  LYS A CG  1 
ATOM   309  C CD  . LYS A 1 62  ? 0.137   3.315   -14.007 1.00 35.98 ? 62  LYS A CD  1 
ATOM   310  C CE  . LYS A 1 62  ? -0.015  4.553   -14.898 1.00 36.28 ? 62  LYS A CE  1 
ATOM   311  N NZ  . LYS A 1 62  ? -1.427  5.010   -14.933 1.00 37.05 ? 62  LYS A NZ  1 
ATOM   312  N N   . LEU A 1 63  ? -0.605  -2.419  -13.581 1.00 29.07 ? 63  LEU A N   1 
ATOM   313  C CA  . LEU A 1 63  ? 0.017   -3.710  -13.311 1.00 28.83 ? 63  LEU A CA  1 
ATOM   314  C C   . LEU A 1 63  ? -0.280  -4.660  -14.456 1.00 29.41 ? 63  LEU A C   1 
ATOM   315  O O   . LEU A 1 63  ? 0.567   -5.451  -14.850 1.00 30.96 ? 63  LEU A O   1 
ATOM   316  C CB  . LEU A 1 63  ? -0.537  -4.312  -12.023 1.00 27.21 ? 63  LEU A CB  1 
ATOM   317  C CG  . LEU A 1 63  ? 0.006   -3.833  -10.681 1.00 24.91 ? 63  LEU A CG  1 
ATOM   318  C CD1 . LEU A 1 63  ? -0.872  -4.410  -9.568  1.00 22.18 ? 63  LEU A CD1 1 
ATOM   319  C CD2 . LEU A 1 63  ? 1.468   -4.259  -10.527 1.00 22.38 ? 63  LEU A CD2 1 
ATOM   320  N N   . LEU A 1 64  ? -1.505  -4.599  -14.967 1.00 30.25 ? 64  LEU A N   1 
ATOM   321  C CA  . LEU A 1 64  ? -1.900  -5.444  -16.083 1.00 30.78 ? 64  LEU A CA  1 
ATOM   322  C C   . LEU A 1 64  ? -1.197  -4.955  -17.351 1.00 31.30 ? 64  LEU A C   1 
ATOM   323  O O   . LEU A 1 64  ? -0.659  -5.750  -18.122 1.00 30.98 ? 64  LEU A O   1 
ATOM   324  C CB  . LEU A 1 64  ? -3.418  -5.399  -16.266 1.00 30.43 ? 64  LEU A CB  1 
ATOM   325  C CG  . LEU A 1 64  ? -4.216  -6.105  -15.166 1.00 31.09 ? 64  LEU A CG  1 
ATOM   326  C CD1 . LEU A 1 64  ? -5.708  -5.861  -15.371 1.00 30.86 ? 64  LEU A CD1 1 
ATOM   327  C CD2 . LEU A 1 64  ? -3.904  -7.593  -15.184 1.00 27.64 ? 64  LEU A CD2 1 
ATOM   328  N N   . LEU A 1 65  ? -1.197  -3.641  -17.556 1.00 31.23 ? 65  LEU A N   1 
ATOM   329  C CA  . LEU A 1 65  ? -0.539  -3.075  -18.722 1.00 32.94 ? 65  LEU A CA  1 
ATOM   330  C C   . LEU A 1 65  ? 0.909   -3.549  -18.776 1.00 33.96 ? 65  LEU A C   1 
ATOM   331  O O   . LEU A 1 65  ? 1.453   -3.797  -19.854 1.00 34.92 ? 65  LEU A O   1 
ATOM   332  C CB  . LEU A 1 65  ? -0.563  -1.544  -18.664 1.00 31.05 ? 65  LEU A CB  1 
ATOM   333  C CG  . LEU A 1 65  ? -1.899  -0.850  -18.929 1.00 31.34 ? 65  LEU A CG  1 
ATOM   334  C CD1 . LEU A 1 65  ? -1.768  0.667   -18.710 1.00 29.77 ? 65  LEU A CD1 1 
ATOM   335  C CD2 . LEU A 1 65  ? -2.345  -1.178  -20.353 1.00 29.05 ? 65  LEU A CD2 1 
ATOM   336  N N   . ALA A 1 66  ? 1.522   -3.680  -17.604 1.00 33.83 ? 66  ALA A N   1 
ATOM   337  C CA  . ALA A 1 66  ? 2.912   -4.105  -17.505 1.00 33.55 ? 66  ALA A CA  1 
ATOM   338  C C   . ALA A 1 66  ? 3.066   -5.616  -17.656 1.00 33.28 ? 66  ALA A C   1 
ATOM   339  O O   . ALA A 1 66  ? 4.131   -6.178  -17.406 1.00 33.46 ? 66  ALA A O   1 
ATOM   340  C CB  . ALA A 1 66  ? 3.496   -3.644  -16.177 1.00 33.07 ? 66  ALA A CB  1 
ATOM   341  N N   . GLY A 1 67  ? 1.992   -6.279  -18.062 1.00 33.45 ? 67  GLY A N   1 
ATOM   342  C CA  . GLY A 1 67  ? 2.061   -7.714  -18.242 1.00 33.32 ? 67  GLY A CA  1 
ATOM   343  C C   . GLY A 1 67  ? 2.307   -8.506  -16.968 1.00 33.40 ? 67  GLY A C   1 
ATOM   344  O O   . GLY A 1 67  ? 2.952   -9.548  -17.003 1.00 33.63 ? 67  GLY A O   1 
ATOM   345  N N   . ARG A 1 68  ? 1.811   -8.026  -15.836 1.00 33.03 ? 68  ARG A N   1 
ATOM   346  C CA  . ARG A 1 68  ? 1.991   -8.767  -14.592 1.00 31.89 ? 68  ARG A CA  1 
ATOM   347  C C   . ARG A 1 68  ? 0.773   -9.642  -14.381 1.00 30.41 ? 68  ARG A C   1 
ATOM   348  O O   . ARG A 1 68  ? -0.300  -9.352  -14.894 1.00 31.40 ? 68  ARG A O   1 
ATOM   349  C CB  . ARG A 1 68  ? 2.085   -7.826  -13.392 1.00 31.63 ? 68  ARG A CB  1 
ATOM   350  C CG  . ARG A 1 68  ? 3.254   -6.881  -13.391 1.00 32.51 ? 68  ARG A CG  1 
ATOM   351  C CD  . ARG A 1 68  ? 4.536   -7.539  -12.918 1.00 30.91 ? 68  ARG A CD  1 
ATOM   352  N NE  . ARG A 1 68  ? 5.574   -6.537  -12.656 1.00 31.11 ? 68  ARG A NE  1 
ATOM   353  C CZ  . ARG A 1 68  ? 6.246   -5.873  -13.597 1.00 30.84 ? 68  ARG A CZ  1 
ATOM   354  N NH1 . ARG A 1 68  ? 6.013   -6.099  -14.888 1.00 29.54 ? 68  ARG A NH1 1 
ATOM   355  N NH2 . ARG A 1 68  ? 7.132   -4.952  -13.246 1.00 27.99 ? 68  ARG A NH2 1 
ATOM   356  N N   . THR A 1 69  ? 0.944   -10.711 -13.619 1.00 30.88 ? 69  THR A N   1 
ATOM   357  C CA  . THR A 1 69  ? -0.162  -11.599 -13.286 1.00 29.21 ? 69  THR A CA  1 
ATOM   358  C C   . THR A 1 69  ? -0.646  -11.047 -11.946 1.00 29.37 ? 69  THR A C   1 
ATOM   359  O O   . THR A 1 69  ? 0.119   -10.981 -10.983 1.00 30.78 ? 69  THR A O   1 
ATOM   360  C CB  . THR A 1 69  ? 0.321   -13.034 -13.129 1.00 29.15 ? 69  THR A CB  1 
ATOM   361  O OG1 . THR A 1 69  ? 0.917   -13.454 -14.363 1.00 28.98 ? 69  THR A OG1 1 
ATOM   362  C CG2 . THR A 1 69  ? -0.844  -13.956 -12.759 1.00 27.37 ? 69  THR A CG2 1 
ATOM   363  N N   . VAL A 1 70  ? -1.911  -10.651 -11.884 1.00 28.09 ? 70  VAL A N   1 
ATOM   364  C CA  . VAL A 1 70  ? -2.445  -10.022 -10.686 1.00 27.44 ? 70  VAL A CA  1 
ATOM   365  C C   . VAL A 1 70  ? -3.658  -10.684 -10.049 1.00 29.08 ? 70  VAL A C   1 
ATOM   366  O O   . VAL A 1 70  ? -4.546  -11.180 -10.743 1.00 31.41 ? 70  VAL A O   1 
ATOM   367  C CB  . VAL A 1 70  ? -2.820  -8.551  -11.004 1.00 26.57 ? 70  VAL A CB  1 
ATOM   368  C CG1 . VAL A 1 70  ? -3.292  -7.844  -9.756  1.00 24.85 ? 70  VAL A CG1 1 
ATOM   369  C CG2 . VAL A 1 70  ? -1.627  -7.832  -11.644 1.00 25.20 ? 70  VAL A CG2 1 
ATOM   370  N N   . TYR A 1 71  ? -3.688  -10.661 -8.717  1.00 27.91 ? 71  TYR A N   1 
ATOM   371  C CA  . TYR A 1 71  ? -4.783  -11.213 -7.930  1.00 27.71 ? 71  TYR A CA  1 
ATOM   372  C C   . TYR A 1 71  ? -5.247  -10.082 -7.010  1.00 27.70 ? 71  TYR A C   1 
ATOM   373  O O   . TYR A 1 71  ? -4.456  -9.525  -6.247  1.00 25.53 ? 71  TYR A O   1 
ATOM   374  C CB  . TYR A 1 71  ? -4.287  -12.404 -7.125  1.00 29.68 ? 71  TYR A CB  1 
ATOM   375  C CG  . TYR A 1 71  ? -3.758  -13.527 -7.990  1.00 32.02 ? 71  TYR A CG  1 
ATOM   376  C CD1 . TYR A 1 71  ? -4.616  -14.279 -8.785  1.00 33.25 ? 71  TYR A CD1 1 
ATOM   377  C CD2 . TYR A 1 71  ? -2.398  -13.834 -8.020  1.00 32.08 ? 71  TYR A CD2 1 
ATOM   378  C CE1 . TYR A 1 71  ? -4.134  -15.314 -9.588  1.00 34.91 ? 71  TYR A CE1 1 
ATOM   379  C CE2 . TYR A 1 71  ? -1.903  -14.865 -8.820  1.00 33.09 ? 71  TYR A CE2 1 
ATOM   380  C CZ  . TYR A 1 71  ? -2.776  -15.604 -9.601  1.00 34.31 ? 71  TYR A CZ  1 
ATOM   381  O OH  . TYR A 1 71  ? -2.303  -16.639 -10.383 1.00 34.39 ? 71  TYR A OH  1 
ATOM   382  N N   . GLY A 1 72  ? -6.530  -9.745  -7.082  1.00 27.76 ? 72  GLY A N   1 
ATOM   383  C CA  . GLY A 1 72  ? -7.037  -8.647  -6.279  1.00 27.09 ? 72  GLY A CA  1 
ATOM   384  C C   . GLY A 1 72  ? -7.734  -8.972  -4.970  1.00 27.26 ? 72  GLY A C   1 
ATOM   385  O O   . GLY A 1 72  ? -8.293  -10.057 -4.800  1.00 28.09 ? 72  GLY A O   1 
ATOM   386  N N   . ILE A 1 73  ? -7.690  -8.002  -4.053  1.00 24.04 ? 73  ILE A N   1 
ATOM   387  C CA  . ILE A 1 73  ? -8.305  -8.102  -2.735  1.00 23.66 ? 73  ILE A CA  1 
ATOM   388  C C   . ILE A 1 73  ? -8.928  -6.742  -2.415  1.00 25.00 ? 73  ILE A C   1 
ATOM   389  O O   . ILE A 1 73  ? -8.279  -5.706  -2.530  1.00 26.10 ? 73  ILE A O   1 
ATOM   390  C CB  . ILE A 1 73  ? -7.263  -8.421  -1.624  1.00 21.56 ? 73  ILE A CB  1 
ATOM   391  C CG1 . ILE A 1 73  ? -6.374  -9.613  -2.024  1.00 19.81 ? 73  ILE A CG1 1 
ATOM   392  C CG2 . ILE A 1 73  ? -7.988  -8.687  -0.308  1.00 16.73 ? 73  ILE A CG2 1 
ATOM   393  C CD1 . ILE A 1 73  ? -7.071  -10.960 -2.026  1.00 17.48 ? 73  ILE A CD1 1 
ATOM   394  N N   . GLU A 1 74  ? -10.187 -6.746  -2.012  1.00 26.80 ? 74  GLU A N   1 
ATOM   395  C CA  . GLU A 1 74  ? -10.883 -5.514  -1.692  1.00 27.42 ? 74  GLU A CA  1 
ATOM   396  C C   . GLU A 1 74  ? -12.137 -5.885  -0.921  1.00 27.94 ? 74  GLU A C   1 
ATOM   397  O O   . GLU A 1 74  ? -12.978 -6.643  -1.416  1.00 26.68 ? 74  GLU A O   1 
ATOM   398  C CB  . GLU A 1 74  ? -11.255 -4.775  -2.983  1.00 29.49 ? 74  GLU A CB  1 
ATOM   399  C CG  . GLU A 1 74  ? -12.112 -3.513  -2.789  1.00 29.28 ? 74  GLU A CG  1 
ATOM   400  C CD  . GLU A 1 74  ? -11.445 -2.466  -1.908  1.00 31.23 ? 74  GLU A CD  1 
ATOM   401  O OE1 . GLU A 1 74  ? -10.279 -2.097  -2.195  1.00 28.17 ? 74  GLU A OE1 1 
ATOM   402  O OE2 . GLU A 1 74  ? -12.092 -2.010  -0.933  1.00 32.75 ? 74  GLU A OE2 1 
ATOM   403  N N   . PRO A 1 75  ? -12.272 -5.363  0.309   1.00 27.85 ? 75  PRO A N   1 
ATOM   404  C CA  . PRO A 1 75  ? -13.432 -5.636  1.167   1.00 27.76 ? 75  PRO A CA  1 
ATOM   405  C C   . PRO A 1 75  ? -14.725 -4.971  0.699   1.00 28.49 ? 75  PRO A C   1 
ATOM   406  O O   . PRO A 1 75  ? -15.809 -5.551  0.798   1.00 28.34 ? 75  PRO A O   1 
ATOM   407  C CB  . PRO A 1 75  ? -12.976 -5.135  2.535   1.00 26.90 ? 75  PRO A CB  1 
ATOM   408  C CG  . PRO A 1 75  ? -12.047 -4.005  2.182   1.00 26.79 ? 75  PRO A CG  1 
ATOM   409  C CD  . PRO A 1 75  ? -11.258 -4.569  1.026   1.00 26.80 ? 75  PRO A CD  1 
ATOM   410  N N   . SER A 1 76  ? -14.599 -3.755  0.178   1.00 29.62 ? 76  SER A N   1 
ATOM   411  C CA  . SER A 1 76  ? -15.750 -3.007  -0.307  1.00 30.06 ? 76  SER A CA  1 
ATOM   412  C C   . SER A 1 76  ? -16.302 -3.532  -1.631  1.00 31.25 ? 76  SER A C   1 
ATOM   413  O O   . SER A 1 76  ? -15.592 -3.587  -2.646  1.00 30.44 ? 76  SER A O   1 
ATOM   414  C CB  . SER A 1 76  ? -15.380 -1.535  -0.453  1.00 28.36 ? 76  SER A CB  1 
ATOM   415  O OG  . SER A 1 76  ? -16.395 -0.824  -1.131  1.00 30.90 ? 76  SER A OG  1 
ATOM   416  N N   . ARG A 1 77  ? -17.573 -3.926  -1.613  1.00 33.58 ? 77  ARG A N   1 
ATOM   417  C CA  . ARG A 1 77  ? -18.226 -4.426  -2.812  1.00 35.76 ? 77  ARG A CA  1 
ATOM   418  C C   . ARG A 1 77  ? -18.411 -3.258  -3.781  1.00 35.81 ? 77  ARG A C   1 
ATOM   419  O O   . ARG A 1 77  ? -18.300 -3.410  -5.000  1.00 33.55 ? 77  ARG A O   1 
ATOM   420  C CB  . ARG A 1 77  ? -19.591 -5.029  -2.472  1.00 37.76 ? 77  ARG A CB  1 
ATOM   421  C CG  . ARG A 1 77  ? -20.291 -5.609  -3.697  1.00 40.61 ? 77  ARG A CG  1 
ATOM   422  C CD  . ARG A 1 77  ? -21.719 -6.045  -3.416  1.00 41.37 ? 77  ARG A CD  1 
ATOM   423  N NE  . ARG A 1 77  ? -21.807 -7.198  -2.523  1.00 43.18 ? 77  ARG A NE  1 
ATOM   424  C CZ  . ARG A 1 77  ? -21.442 -8.436  -2.851  1.00 45.26 ? 77  ARG A CZ  1 
ATOM   425  N NH1 . ARG A 1 77  ? -20.952 -8.693  -4.060  1.00 46.57 ? 77  ARG A NH1 1 
ATOM   426  N NH2 . ARG A 1 77  ? -21.590 -9.424  -1.973  1.00 44.43 ? 77  ARG A NH2 1 
ATOM   427  N N   . GLU A 1 78  ? -18.687 -2.087  -3.220  1.00 37.49 ? 78  GLU A N   1 
ATOM   428  C CA  . GLU A 1 78  ? -18.880 -0.883  -4.011  1.00 39.74 ? 78  GLU A CA  1 
ATOM   429  C C   . GLU A 1 78  ? -17.647 -0.655  -4.898  1.00 41.12 ? 78  GLU A C   1 
ATOM   430  O O   . GLU A 1 78  ? -17.774 -0.281  -6.074  1.00 42.74 ? 78  GLU A O   1 
ATOM   431  C CB  . GLU A 1 78  ? -19.093 0.305   -3.073  1.00 41.37 ? 78  GLU A CB  1 
ATOM   432  C CG  . GLU A 1 78  ? -19.478 1.613   -3.752  1.00 46.08 ? 78  GLU A CG  1 
ATOM   433  C CD  . GLU A 1 78  ? -19.553 2.777   -2.766  1.00 47.97 ? 78  GLU A CD  1 
ATOM   434  O OE1 . GLU A 1 78  ? -20.264 2.648   -1.741  1.00 47.48 ? 78  GLU A OE1 1 
ATOM   435  O OE2 . GLU A 1 78  ? -18.904 3.821   -3.012  1.00 49.65 ? 78  GLU A OE2 1 
ATOM   436  N N   . MET A 1 79  ? -16.461 -0.898  -4.336  1.00 39.46 ? 79  MET A N   1 
ATOM   437  C CA  . MET A 1 79  ? -15.209 -0.716  -5.064  1.00 37.15 ? 79  MET A CA  1 
ATOM   438  C C   . MET A 1 79  ? -14.954 -1.848  -6.042  1.00 37.05 ? 79  MET A C   1 
ATOM   439  O O   . MET A 1 79  ? -14.604 -1.609  -7.200  1.00 36.08 ? 79  MET A O   1 
ATOM   440  C CB  . MET A 1 79  ? -14.029 -0.627  -4.093  1.00 38.00 ? 79  MET A CB  1 
ATOM   441  C CG  . MET A 1 79  ? -13.908 0.678   -3.341  1.00 35.22 ? 79  MET A CG  1 
ATOM   442  S SD  . MET A 1 79  ? -13.617 2.072   -4.433  1.00 35.82 ? 79  MET A SD  1 
ATOM   443  C CE  . MET A 1 79  ? -14.628 3.365   -3.658  1.00 35.58 ? 79  MET A CE  1 
ATOM   444  N N   . ARG A 1 80  ? -15.125 -3.083  -5.577  1.00 37.82 ? 80  ARG A N   1 
ATOM   445  C CA  . ARG A 1 80  ? -14.897 -4.243  -6.434  1.00 39.81 ? 80  ARG A CA  1 
ATOM   446  C C   . ARG A 1 80  ? -15.687 -4.154  -7.731  1.00 42.23 ? 80  ARG A C   1 
ATOM   447  O O   . ARG A 1 80  ? -15.284 -4.713  -8.755  1.00 42.43 ? 80  ARG A O   1 
ATOM   448  C CB  . ARG A 1 80  ? -15.241 -5.544  -5.696  1.00 36.66 ? 80  ARG A CB  1 
ATOM   449  C CG  . ARG A 1 80  ? -14.310 -5.831  -4.517  1.00 34.44 ? 80  ARG A CG  1 
ATOM   450  C CD  . ARG A 1 80  ? -14.241 -7.316  -4.180  1.00 29.64 ? 80  ARG A CD  1 
ATOM   451  N NE  . ARG A 1 80  ? -15.533 -7.833  -3.750  1.00 29.11 ? 80  ARG A NE  1 
ATOM   452  C CZ  . ARG A 1 80  ? -16.153 -7.481  -2.625  1.00 29.90 ? 80  ARG A CZ  1 
ATOM   453  N NH1 . ARG A 1 80  ? -15.595 -6.606  -1.797  1.00 30.95 ? 80  ARG A NH1 1 
ATOM   454  N NH2 . ARG A 1 80  ? -17.350 -7.986  -2.342  1.00 29.33 ? 80  ARG A NH2 1 
ATOM   455  N N   . MET A 1 81  ? -16.805 -3.434  -7.691  1.00 45.49 ? 81  MET A N   1 
ATOM   456  C CA  . MET A 1 81  ? -17.636 -3.269  -8.880  1.00 48.11 ? 81  MET A CA  1 
ATOM   457  C C   . MET A 1 81  ? -16.949 -2.358  -9.897  1.00 48.24 ? 81  MET A C   1 
ATOM   458  O O   . MET A 1 81  ? -16.683 -2.759  -11.029 1.00 47.82 ? 81  MET A O   1 
ATOM   459  C CB  . MET A 1 81  ? -19.004 -2.682  -8.503  1.00 49.92 ? 81  MET A CB  1 
ATOM   460  C CG  . MET A 1 81  ? -19.864 -3.585  -7.622  1.00 52.42 ? 81  MET A CG  1 
ATOM   461  S SD  . MET A 1 81  ? -20.045 -5.281  -8.244  1.00 54.71 ? 81  MET A SD  1 
ATOM   462  C CE  . MET A 1 81  ? -21.407 -5.086  -9.363  1.00 53.55 ? 81  MET A CE  1 
ATOM   463  N N   . ILE A 1 82  ? -16.658 -1.134  -9.482  1.00 47.78 ? 82  ILE A N   1 
ATOM   464  C CA  . ILE A 1 82  ? -16.015 -0.178  -10.362 1.00 48.29 ? 82  ILE A CA  1 
ATOM   465  C C   . ILE A 1 82  ? -14.770 -0.761  -11.015 1.00 49.50 ? 82  ILE A C   1 
ATOM   466  O O   . ILE A 1 82  ? -14.488 -0.484  -12.182 1.00 50.36 ? 82  ILE A O   1 
ATOM   467  C CB  . ILE A 1 82  ? -15.629 1.090   -9.602  1.00 47.66 ? 82  ILE A CB  1 
ATOM   468  C CG1 . ILE A 1 82  ? -16.853 1.625   -8.862  1.00 45.58 ? 82  ILE A CG1 1 
ATOM   469  C CG2 . ILE A 1 82  ? -15.099 2.127   -10.574 1.00 47.64 ? 82  ILE A CG2 1 
ATOM   470  C CD1 . ILE A 1 82  ? -16.587 2.832   -8.023  1.00 45.40 ? 82  ILE A CD1 1 
ATOM   471  N N   . ALA A 1 83  ? -14.028 -1.569  -10.265 1.00 48.81 ? 83  ALA A N   1 
ATOM   472  C CA  . ALA A 1 83  ? -12.811 -2.181  -10.793 1.00 48.33 ? 83  ALA A CA  1 
ATOM   473  C C   . ALA A 1 83  ? -13.137 -3.247  -11.838 1.00 47.72 ? 83  ALA A C   1 
ATOM   474  O O   . ALA A 1 83  ? -12.511 -3.314  -12.895 1.00 46.84 ? 83  ALA A O   1 
ATOM   475  C CB  . ALA A 1 83  ? -11.990 -2.786  -9.657  1.00 47.16 ? 83  ALA A CB  1 
ATOM   476  N N   . LYS A 1 84  ? -14.116 -4.087  -11.541 1.00 48.02 ? 84  LYS A N   1 
ATOM   477  C CA  . LYS A 1 84  ? -14.517 -5.127  -12.473 1.00 48.82 ? 84  LYS A CA  1 
ATOM   478  C C   . LYS A 1 84  ? -15.004 -4.462  -13.762 1.00 48.92 ? 84  LYS A C   1 
ATOM   479  O O   . LYS A 1 84  ? -15.039 -5.079  -14.828 1.00 48.31 ? 84  LYS A O   1 
ATOM   480  C CB  . LYS A 1 84  ? -15.647 -5.943  -11.857 1.00 49.73 ? 84  LYS A CB  1 
ATOM   481  C CG  . LYS A 1 84  ? -16.307 -6.915  -12.812 1.00 53.31 ? 84  LYS A CG  1 
ATOM   482  C CD  . LYS A 1 84  ? -15.408 -8.105  -13.112 1.00 55.88 ? 84  LYS A CD  1 
ATOM   483  C CE  . LYS A 1 84  ? -14.997 -8.797  -11.819 1.00 57.92 ? 84  LYS A CE  1 
ATOM   484  N NZ  . LYS A 1 84  ? -16.161 -8.939  -10.883 1.00 58.59 ? 84  LYS A NZ  1 
ATOM   485  N N   . GLU A 1 85  ? -15.376 -3.192  -13.641 1.00 49.22 ? 85  GLU A N   1 
ATOM   486  C CA  . GLU A 1 85  ? -15.887 -2.401  -14.754 1.00 48.53 ? 85  GLU A CA  1 
ATOM   487  C C   . GLU A 1 85  ? -14.764 -1.964  -15.690 1.00 47.83 ? 85  GLU A C   1 
ATOM   488  O O   . GLU A 1 85  ? -14.857 -2.113  -16.910 1.00 47.61 ? 85  GLU A O   1 
ATOM   489  C CB  . GLU A 1 85  ? -16.598 -1.158  -14.209 1.00 50.21 ? 85  GLU A CB  1 
ATOM   490  C CG  . GLU A 1 85  ? -17.836 -0.766  -14.981 1.00 52.86 ? 85  GLU A CG  1 
ATOM   491  C CD  . GLU A 1 85  ? -18.930 -1.814  -14.874 1.00 54.83 ? 85  GLU A CD  1 
ATOM   492  O OE1 . GLU A 1 85  ? -18.693 -2.966  -15.310 1.00 54.95 ? 85  GLU A OE1 1 
ATOM   493  O OE2 . GLU A 1 85  ? -20.021 -1.492  -14.351 1.00 54.04 ? 85  GLU A OE2 1 
ATOM   494  N N   . LYS A 1 86  ? -13.703 -1.427  -15.098 1.00 46.25 ? 86  LYS A N   1 
ATOM   495  C CA  . LYS A 1 86  ? -12.542 -0.936  -15.834 1.00 45.47 ? 86  LYS A CA  1 
ATOM   496  C C   . LYS A 1 86  ? -11.548 -2.023  -16.249 1.00 45.65 ? 86  LYS A C   1 
ATOM   497  O O   . LYS A 1 86  ? -10.959 -1.964  -17.334 1.00 46.11 ? 86  LYS A O   1 
ATOM   498  C CB  . LYS A 1 86  ? -11.823 0.126   -14.988 1.00 44.78 ? 86  LYS A CB  1 
ATOM   499  C CG  . LYS A 1 86  ? -12.690 1.344   -14.661 1.00 43.01 ? 86  LYS A CG  1 
ATOM   500  C CD  . LYS A 1 86  ? -12.178 2.117   -13.451 1.00 41.92 ? 86  LYS A CD  1 
ATOM   501  C CE  . LYS A 1 86  ? -10.764 2.633   -13.652 1.00 41.03 ? 86  LYS A CE  1 
ATOM   502  N NZ  . LYS A 1 86  ? -10.351 3.528   -12.536 1.00 40.47 ? 86  LYS A NZ  1 
ATOM   503  N N   . LEU A 1 87  ? -11.364 -3.016  -15.387 1.00 45.32 ? 87  LEU A N   1 
ATOM   504  C CA  . LEU A 1 87  ? -10.425 -4.093  -15.670 1.00 46.11 ? 87  LEU A CA  1 
ATOM   505  C C   . LEU A 1 87  ? -11.037 -5.162  -16.565 1.00 47.58 ? 87  LEU A C   1 
ATOM   506  O O   . LEU A 1 87  ? -12.257 -5.307  -16.633 1.00 47.64 ? 87  LEU A O   1 
ATOM   507  C CB  . LEU A 1 87  ? -9.953  -4.738  -14.363 1.00 45.46 ? 87  LEU A CB  1 
ATOM   508  C CG  . LEU A 1 87  ? -9.354  -3.808  -13.310 1.00 42.37 ? 87  LEU A CG  1 
ATOM   509  C CD1 . LEU A 1 87  ? -9.066  -4.601  -12.060 1.00 42.70 ? 87  LEU A CD1 1 
ATOM   510  C CD2 . LEU A 1 87  ? -8.094  -3.159  -13.837 1.00 41.32 ? 87  LEU A CD2 1 
ATOM   511  N N   . PRO A 1 88  ? -10.192 -5.930  -17.267 1.00 48.55 ? 88  PRO A N   1 
ATOM   512  C CA  . PRO A 1 88  ? -10.692 -6.985  -18.150 1.00 50.57 ? 88  PRO A CA  1 
ATOM   513  C C   . PRO A 1 88  ? -11.588 -7.928  -17.365 1.00 51.60 ? 88  PRO A C   1 
ATOM   514  O O   . PRO A 1 88  ? -11.510 -7.987  -16.137 1.00 52.36 ? 88  PRO A O   1 
ATOM   515  C CB  . PRO A 1 88  ? -9.416  -7.685  -18.602 1.00 50.32 ? 88  PRO A CB  1 
ATOM   516  C CG  . PRO A 1 88  ? -8.402  -6.582  -18.572 1.00 50.22 ? 88  PRO A CG  1 
ATOM   517  C CD  . PRO A 1 88  ? -8.722  -5.880  -17.284 1.00 48.61 ? 88  PRO A CD  1 
ATOM   518  N N   . LYS A 1 89  ? -12.451 -8.657  -18.056 1.00 53.22 ? 89  LYS A N   1 
ATOM   519  C CA  . LYS A 1 89  ? -13.286 -9.606  -17.344 1.00 54.71 ? 89  LYS A CA  1 
ATOM   520  C C   . LYS A 1 89  ? -12.328 -10.722 -16.975 1.00 54.77 ? 89  LYS A C   1 
ATOM   521  O O   . LYS A 1 89  ? -11.172 -10.700 -17.395 1.00 55.60 ? 89  LYS A O   1 
ATOM   522  C CB  . LYS A 1 89  ? -14.419 -10.134 -18.224 1.00 55.41 ? 89  LYS A CB  1 
ATOM   523  C CG  . LYS A 1 89  ? -15.799 -9.679  -17.757 1.00 56.11 ? 89  LYS A CG  1 
ATOM   524  C CD  . LYS A 1 89  ? -15.902 -8.152  -17.733 1.00 56.17 ? 89  LYS A CD  1 
ATOM   525  C CE  . LYS A 1 89  ? -17.255 -7.681  -17.214 1.00 56.43 ? 89  LYS A CE  1 
ATOM   526  N NZ  . LYS A 1 89  ? -17.401 -6.200  -17.298 1.00 55.04 ? 89  LYS A NZ  1 
ATOM   527  N N   . GLU A 1 90  ? -12.801 -11.685 -16.193 1.00 54.10 ? 90  GLU A N   1 
ATOM   528  C CA  . GLU A 1 90  ? -11.965 -12.800 -15.764 1.00 54.24 ? 90  GLU A CA  1 
ATOM   529  C C   . GLU A 1 90  ? -11.076 -12.387 -14.596 1.00 54.09 ? 90  GLU A C   1 
ATOM   530  O O   . GLU A 1 90  ? -10.649 -13.236 -13.812 1.00 54.80 ? 90  GLU A O   1 
ATOM   531  C CB  . GLU A 1 90  ? -11.072 -13.296 -16.909 1.00 54.33 ? 90  GLU A CB  1 
ATOM   532  C CG  . GLU A 1 90  ? -11.814 -13.919 -18.074 1.00 55.20 ? 90  GLU A CG  1 
ATOM   533  C CD  . GLU A 1 90  ? -10.902 -14.191 -19.253 1.00 55.39 ? 90  GLU A CD  1 
ATOM   534  O OE1 . GLU A 1 90  ? -9.871  -14.874 -19.062 1.00 53.49 ? 90  GLU A OE1 1 
ATOM   535  O OE2 . GLU A 1 90  ? -11.219 -13.721 -20.368 1.00 54.99 ? 90  GLU A OE2 1 
ATOM   536  N N   . PHE A 1 91  ? -10.789 -11.089 -14.478 1.00 52.29 ? 91  PHE A N   1 
ATOM   537  C CA  . PHE A 1 91  ? -9.934  -10.634 -13.389 1.00 50.15 ? 91  PHE A CA  1 
ATOM   538  C C   . PHE A 1 91  ? -10.515 -11.053 -12.050 1.00 49.37 ? 91  PHE A C   1 
ATOM   539  O O   . PHE A 1 91  ? -11.667 -10.753 -11.733 1.00 49.89 ? 91  PHE A O   1 
ATOM   540  C CB  . PHE A 1 91  ? -9.755  -9.118  -13.398 1.00 47.93 ? 91  PHE A CB  1 
ATOM   541  C CG  . PHE A 1 91  ? -8.824  -8.630  -12.333 1.00 44.55 ? 91  PHE A CG  1 
ATOM   542  C CD1 . PHE A 1 91  ? -7.475  -8.956  -12.380 1.00 43.35 ? 91  PHE A CD1 1 
ATOM   543  C CD2 . PHE A 1 91  ? -9.298  -7.884  -11.258 1.00 44.08 ? 91  PHE A CD2 1 
ATOM   544  C CE1 . PHE A 1 91  ? -6.599  -8.543  -11.370 1.00 43.26 ? 91  PHE A CE1 1 
ATOM   545  C CE2 . PHE A 1 91  ? -8.435  -7.464  -10.240 1.00 43.82 ? 91  PHE A CE2 1 
ATOM   546  C CZ  . PHE A 1 91  ? -7.081  -7.797  -10.296 1.00 42.96 ? 91  PHE A CZ  1 
ATOM   547  N N   . SER A 1 92  ? -9.704  -11.752 -11.270 1.00 48.55 ? 92  SER A N   1 
ATOM   548  C CA  . SER A 1 92  ? -10.116 -12.237 -9.963  1.00 47.60 ? 92  SER A CA  1 
ATOM   549  C C   . SER A 1 92  ? -9.960  -11.171 -8.896  1.00 45.82 ? 92  SER A C   1 
ATOM   550  O O   . SER A 1 92  ? -8.921  -10.516 -8.808  1.00 45.92 ? 92  SER A O   1 
ATOM   551  C CB  . SER A 1 92  ? -9.272  -13.446 -9.562  1.00 48.86 ? 92  SER A CB  1 
ATOM   552  O OG  . SER A 1 92  ? -7.925  -13.058 -9.336  1.00 49.01 ? 92  SER A OG  1 
ATOM   553  N N   . ILE A 1 93  ? -10.989 -11.008 -8.077  1.00 43.23 ? 93  ILE A N   1 
ATOM   554  C CA  . ILE A 1 93  ? -10.951 -10.035 -7.001  1.00 41.94 ? 93  ILE A CA  1 
ATOM   555  C C   . ILE A 1 93  ? -11.913 -10.489 -5.900  1.00 40.46 ? 93  ILE A C   1 
ATOM   556  O O   . ILE A 1 93  ? -13.129 -10.332 -6.005  1.00 41.18 ? 93  ILE A O   1 
ATOM   557  C CB  . ILE A 1 93  ? -11.302 -8.613  -7.525  1.00 42.03 ? 93  ILE A CB  1 
ATOM   558  C CG1 . ILE A 1 93  ? -11.202 -7.597  -6.387  1.00 42.06 ? 93  ILE A CG1 1 
ATOM   559  C CG2 . ILE A 1 93  ? -12.672 -8.612  -8.177  1.00 40.86 ? 93  ILE A CG2 1 
ATOM   560  C CD1 . ILE A 1 93  ? -11.305 -6.149  -6.846  1.00 43.18 ? 93  ILE A CD1 1 
ATOM   561  N N   . THR A 1 94  ? -11.330 -11.073 -4.853  1.00 38.79 ? 94  THR A N   1 
ATOM   562  C CA  . THR A 1 94  ? -12.046 -11.605 -3.700  1.00 35.54 ? 94  THR A CA  1 
ATOM   563  C C   . THR A 1 94  ? -12.390 -10.523 -2.690  1.00 33.74 ? 94  THR A C   1 
ATOM   564  O O   . THR A 1 94  ? -11.796 -9.450  -2.696  1.00 32.77 ? 94  THR A O   1 
ATOM   565  C CB  . THR A 1 94  ? -11.190 -12.665 -2.996  1.00 37.75 ? 94  THR A CB  1 
ATOM   566  O OG1 . THR A 1 94  ? -10.063 -12.035 -2.370  1.00 39.47 ? 94  THR A OG1 1 
ATOM   567  C CG2 . THR A 1 94  ? -10.671 -13.677 -4.012  1.00 35.28 ? 94  THR A CG2 1 
ATOM   568  N N   . GLU A 1 95  ? -13.323 -10.819 -1.795  1.00 34.14 ? 95  GLU A N   1 
ATOM   569  C CA  . GLU A 1 95  ? -13.747 -9.840  -0.801  1.00 35.11 ? 95  GLU A CA  1 
ATOM   570  C C   . GLU A 1 95  ? -12.922 -9.749  0.476   1.00 33.75 ? 95  GLU A C   1 
ATOM   571  O O   . GLU A 1 95  ? -13.343 -9.104  1.432   1.00 34.91 ? 95  GLU A O   1 
ATOM   572  C CB  . GLU A 1 95  ? -15.199 -10.089 -0.420  1.00 37.06 ? 95  GLU A CB  1 
ATOM   573  C CG  . GLU A 1 95  ? -15.827 -8.948  0.345   1.00 41.88 ? 95  GLU A CG  1 
ATOM   574  C CD  . GLU A 1 95  ? -17.314 -9.150  0.541   1.00 44.68 ? 95  GLU A CD  1 
ATOM   575  O OE1 . GLU A 1 95  ? -17.695 -10.168 1.169   1.00 45.30 ? 95  GLU A OE1 1 
ATOM   576  O OE2 . GLU A 1 95  ? -18.099 -8.294  0.064   1.00 44.46 ? 95  GLU A OE2 1 
ATOM   577  N N   . GLY A 1 96  ? -11.758 -10.387 0.506   1.00 31.52 ? 96  GLY A N   1 
ATOM   578  C CA  . GLY A 1 96  ? -10.929 -10.338 1.699   1.00 29.73 ? 96  GLY A CA  1 
ATOM   579  C C   . GLY A 1 96  ? -10.343 -8.977  2.056   1.00 28.86 ? 96  GLY A C   1 
ATOM   580  O O   . GLY A 1 96  ? -10.774 -7.935  1.557   1.00 30.75 ? 96  GLY A O   1 
ATOM   581  N N   . ASP A 1 97  ? -9.348  -8.993  2.936   1.00 27.26 ? 97  ASP A N   1 
ATOM   582  C CA  . ASP A 1 97  ? -8.683  -7.779  3.385   1.00 24.45 ? 97  ASP A CA  1 
ATOM   583  C C   . ASP A 1 97  ? -7.243  -8.087  3.810   1.00 22.56 ? 97  ASP A C   1 
ATOM   584  O O   . ASP A 1 97  ? -6.809  -9.240  3.786   1.00 22.23 ? 97  ASP A O   1 
ATOM   585  C CB  . ASP A 1 97  ? -9.457  -7.146  4.554   1.00 25.40 ? 97  ASP A CB  1 
ATOM   586  C CG  . ASP A 1 97  ? -9.578  -8.077  5.752   1.00 28.49 ? 97  ASP A CG  1 
ATOM   587  O OD1 . ASP A 1 97  ? -8.535  -8.429  6.344   1.00 29.13 ? 97  ASP A OD1 1 
ATOM   588  O OD2 . ASP A 1 97  ? -10.713 -8.468  6.100   1.00 31.57 ? 97  ASP A OD2 1 
ATOM   589  N N   . PHE A 1 98  ? -6.516  -7.045  4.206   1.00 20.37 ? 98  PHE A N   1 
ATOM   590  C CA  . PHE A 1 98  ? -5.120  -7.151  4.624   1.00 21.41 ? 98  PHE A CA  1 
ATOM   591  C C   . PHE A 1 98  ? -4.764  -8.327  5.521   1.00 21.34 ? 98  PHE A C   1 
ATOM   592  O O   . PHE A 1 98  ? -3.715  -8.942  5.340   1.00 21.32 ? 98  PHE A O   1 
ATOM   593  C CB  . PHE A 1 98  ? -4.671  -5.853  5.316   1.00 20.79 ? 98  PHE A CB  1 
ATOM   594  C CG  . PHE A 1 98  ? -4.181  -4.795  4.367   1.00 22.87 ? 98  PHE A CG  1 
ATOM   595  C CD1 . PHE A 1 98  ? -3.091  -5.045  3.530   1.00 24.29 ? 98  PHE A CD1 1 
ATOM   596  C CD2 . PHE A 1 98  ? -4.807  -3.553  4.292   1.00 22.08 ? 98  PHE A CD2 1 
ATOM   597  C CE1 . PHE A 1 98  ? -2.634  -4.067  2.631   1.00 25.33 ? 98  PHE A CE1 1 
ATOM   598  C CE2 . PHE A 1 98  ? -4.359  -2.568  3.395   1.00 21.72 ? 98  PHE A CE2 1 
ATOM   599  C CZ  . PHE A 1 98  ? -3.273  -2.825  2.567   1.00 23.78 ? 98  PHE A CZ  1 
ATOM   600  N N   . LEU A 1 99  ? -5.633  -8.640  6.481   1.00 22.54 ? 99  LEU A N   1 
ATOM   601  C CA  . LEU A 1 99  ? -5.380  -9.727  7.430   1.00 22.18 ? 99  LEU A CA  1 
ATOM   602  C C   . LEU A 1 99  ? -6.045  -11.065 7.096   1.00 23.88 ? 99  LEU A C   1 
ATOM   603  O O   . LEU A 1 99  ? -5.455  -12.115 7.341   1.00 24.56 ? 99  LEU A O   1 
ATOM   604  C CB  . LEU A 1 99  ? -5.800  -9.284  8.827   1.00 18.75 ? 99  LEU A CB  1 
ATOM   605  C CG  . LEU A 1 99  ? -5.113  -8.011  9.322   1.00 16.77 ? 99  LEU A CG  1 
ATOM   606  C CD1 . LEU A 1 99  ? -5.870  -7.469  10.513  1.00 13.55 ? 99  LEU A CD1 1 
ATOM   607  C CD2 . LEU A 1 99  ? -3.664  -8.296  9.666   1.00 18.92 ? 99  LEU A CD2 1 
ATOM   608  N N   . SER A 1 100 ? -7.262  -11.022 6.547   1.00 25.26 ? 100 SER A N   1 
ATOM   609  C CA  . SER A 1 100 ? -8.013  -12.229 6.169   1.00 25.27 ? 100 SER A CA  1 
ATOM   610  C C   . SER A 1 100 ? -8.271  -12.193 4.669   1.00 25.48 ? 100 SER A C   1 
ATOM   611  O O   . SER A 1 100 ? -9.001  -11.327 4.197   1.00 25.18 ? 100 SER A O   1 
ATOM   612  C CB  . SER A 1 100 ? -9.349  -12.270 6.898   1.00 26.79 ? 100 SER A CB  1 
ATOM   613  O OG  . SER A 1 100 ? -9.414  -13.348 7.810   1.00 31.50 ? 100 SER A OG  1 
ATOM   614  N N   . PHE A 1 101 ? -7.718  -13.151 3.927   1.00 25.12 ? 101 PHE A N   1 
ATOM   615  C CA  . PHE A 1 101 ? -7.859  -13.153 2.469   1.00 27.72 ? 101 PHE A CA  1 
ATOM   616  C C   . PHE A 1 101 ? -7.504  -14.501 1.854   1.00 31.12 ? 101 PHE A C   1 
ATOM   617  O O   . PHE A 1 101 ? -6.891  -15.341 2.505   1.00 31.44 ? 101 PHE A O   1 
ATOM   618  C CB  . PHE A 1 101 ? -6.920  -12.096 1.889   1.00 25.77 ? 101 PHE A CB  1 
ATOM   619  C CG  . PHE A 1 101 ? -5.483  -12.307 2.284   1.00 23.46 ? 101 PHE A CG  1 
ATOM   620  C CD1 . PHE A 1 101 ? -4.642  -13.097 1.506   1.00 21.17 ? 101 PHE A CD1 1 
ATOM   621  C CD2 . PHE A 1 101 ? -4.995  -11.782 3.478   1.00 21.28 ? 101 PHE A CD2 1 
ATOM   622  C CE1 . PHE A 1 101 ? -3.334  -13.364 1.908   1.00 20.92 ? 101 PHE A CE1 1 
ATOM   623  C CE2 . PHE A 1 101 ? -3.686  -12.044 3.892   1.00 21.24 ? 101 PHE A CE2 1 
ATOM   624  C CZ  . PHE A 1 101 ? -2.853  -12.840 3.104   1.00 19.23 ? 101 PHE A CZ  1 
ATOM   625  N N   . GLU A 1 102 ? -7.871  -14.687 0.590   1.00 34.87 ? 102 GLU A N   1 
ATOM   626  C CA  . GLU A 1 102 ? -7.564  -15.930 -0.110  1.00 39.10 ? 102 GLU A CA  1 
ATOM   627  C C   . GLU A 1 102 ? -6.155  -15.886 -0.677  1.00 40.26 ? 102 GLU A C   1 
ATOM   628  O O   . GLU A 1 102 ? -5.773  -14.908 -1.325  1.00 40.96 ? 102 GLU A O   1 
ATOM   629  C CB  . GLU A 1 102 ? -8.522  -16.162 -1.272  1.00 41.79 ? 102 GLU A CB  1 
ATOM   630  C CG  . GLU A 1 102 ? -9.963  -16.321 -0.899  1.00 44.74 ? 102 GLU A CG  1 
ATOM   631  C CD  . GLU A 1 102 ? -10.713 -17.113 -1.948  1.00 48.06 ? 102 GLU A CD  1 
ATOM   632  O OE1 . GLU A 1 102 ? -10.590 -18.365 -1.949  1.00 48.97 ? 102 GLU A OE1 1 
ATOM   633  O OE2 . GLU A 1 102 ? -11.409 -16.490 -2.784  1.00 48.52 ? 102 GLU A OE2 1 
ATOM   634  N N   . VAL A 1 103 ? -5.394  -16.951 -0.445  1.00 41.48 ? 103 VAL A N   1 
ATOM   635  C CA  . VAL A 1 103 ? -4.028  -17.031 -0.937  1.00 41.91 ? 103 VAL A CA  1 
ATOM   636  C C   . VAL A 1 103 ? -4.054  -17.566 -2.364  1.00 44.01 ? 103 VAL A C   1 
ATOM   637  O O   . VAL A 1 103 ? -4.371  -18.727 -2.583  1.00 43.98 ? 103 VAL A O   1 
ATOM   638  C CB  . VAL A 1 103 ? -3.187  -17.965 -0.049  1.00 41.37 ? 103 VAL A CB  1 
ATOM   639  C CG1 . VAL A 1 103 ? -1.725  -17.902 -0.464  1.00 40.81 ? 103 VAL A CG1 1 
ATOM   640  C CG2 . VAL A 1 103 ? -3.349  -17.577 1.412   1.00 39.43 ? 103 VAL A CG2 1 
ATOM   641  N N   . PRO A 1 104 ? -3.721  -16.722 -3.354  1.00 46.12 ? 104 PRO A N   1 
ATOM   642  C CA  . PRO A 1 104 ? -3.704  -17.075 -4.780  1.00 48.48 ? 104 PRO A CA  1 
ATOM   643  C C   . PRO A 1 104 ? -2.988  -18.373 -5.158  1.00 50.21 ? 104 PRO A C   1 
ATOM   644  O O   . PRO A 1 104 ? -3.575  -19.243 -5.812  1.00 50.57 ? 104 PRO A O   1 
ATOM   645  C CB  . PRO A 1 104 ? -3.051  -15.854 -5.425  1.00 49.41 ? 104 PRO A CB  1 
ATOM   646  C CG  . PRO A 1 104 ? -3.510  -14.738 -4.552  1.00 48.14 ? 104 PRO A CG  1 
ATOM   647  C CD  . PRO A 1 104 ? -3.314  -15.319 -3.168  1.00 47.64 ? 104 PRO A CD  1 
ATOM   648  N N   . THR A 1 105 ? -1.721  -18.493 -4.768  1.00 50.52 ? 105 THR A N   1 
ATOM   649  C CA  . THR A 1 105 ? -0.935  -19.684 -5.071  1.00 51.86 ? 105 THR A CA  1 
ATOM   650  C C   . THR A 1 105 ? 0.544   -19.461 -4.793  1.00 51.52 ? 105 THR A C   1 
ATOM   651  O O   . THR A 1 105 ? 1.056   -19.861 -3.748  1.00 53.87 ? 105 THR A O   1 
ATOM   652  C CB  . THR A 1 105 ? -1.092  -20.117 -6.555  1.00 53.71 ? 105 THR A CB  1 
ATOM   653  O OG1 . THR A 1 105 ? -0.112  -21.121 -6.859  1.00 55.84 ? 105 THR A OG1 1 
ATOM   654  C CG2 . THR A 1 105 ? -0.921  -18.925 -7.506  1.00 53.59 ? 105 THR A CG2 1 
ATOM   655  N N   . SER A 1 106 ? 1.231   -18.844 -5.745  1.00 48.70 ? 106 SER A N   1 
ATOM   656  C CA  . SER A 1 106 ? 2.643   -18.546 -5.602  1.00 46.36 ? 106 SER A CA  1 
ATOM   657  C C   . SER A 1 106 ? 2.730   -17.044 -5.730  1.00 44.29 ? 106 SER A C   1 
ATOM   658  O O   . SER A 1 106 ? 2.491   -16.501 -6.805  1.00 44.78 ? 106 SER A O   1 
ATOM   659  C CB  . SER A 1 106 ? 3.457   -19.211 -6.711  1.00 47.41 ? 106 SER A CB  1 
ATOM   660  O OG  . SER A 1 106 ? 3.368   -20.622 -6.631  1.00 50.17 ? 106 SER A OG  1 
ATOM   661  N N   . ILE A 1 107 ? 3.050   -16.369 -4.633  1.00 40.00 ? 107 ILE A N   1 
ATOM   662  C CA  . ILE A 1 107 ? 3.141   -14.922 -4.653  1.00 36.26 ? 107 ILE A CA  1 
ATOM   663  C C   . ILE A 1 107 ? 4.587   -14.486 -4.648  1.00 34.68 ? 107 ILE A C   1 
ATOM   664  O O   . ILE A 1 107 ? 5.378   -14.974 -3.853  1.00 35.67 ? 107 ILE A O   1 
ATOM   665  C CB  . ILE A 1 107 ? 2.405   -14.307 -3.436  1.00 35.62 ? 107 ILE A CB  1 
ATOM   666  C CG1 . ILE A 1 107 ? 0.946   -14.764 -3.438  1.00 35.45 ? 107 ILE A CG1 1 
ATOM   667  C CG2 . ILE A 1 107 ? 2.453   -12.789 -3.494  1.00 32.50 ? 107 ILE A CG2 1 
ATOM   668  C CD1 . ILE A 1 107 ? 0.217   -14.461 -4.751  1.00 37.97 ? 107 ILE A CD1 1 
ATOM   669  N N   . ASP A 1 108 ? 4.939   -13.570 -5.540  1.00 31.81 ? 108 ASP A N   1 
ATOM   670  C CA  . ASP A 1 108 ? 6.306   -13.076 -5.603  1.00 29.68 ? 108 ASP A CA  1 
ATOM   671  C C   . ASP A 1 108 ? 6.381   -11.712 -4.973  1.00 28.11 ? 108 ASP A C   1 
ATOM   672  O O   . ASP A 1 108 ? 7.375   -11.341 -4.351  1.00 28.84 ? 108 ASP A O   1 
ATOM   673  C CB  . ASP A 1 108 ? 6.785   -12.981 -7.050  1.00 30.01 ? 108 ASP A CB  1 
ATOM   674  C CG  . ASP A 1 108 ? 7.206   -14.317 -7.602  1.00 32.42 ? 108 ASP A CG  1 
ATOM   675  O OD1 . ASP A 1 108 ? 8.176   -14.900 -7.061  1.00 33.43 ? 108 ASP A OD1 1 
ATOM   676  O OD2 . ASP A 1 108 ? 6.566   -14.786 -8.569  1.00 31.45 ? 108 ASP A OD2 1 
ATOM   677  N N   . THR A 1 109 ? 5.309   -10.960 -5.131  1.00 26.01 ? 109 THR A N   1 
ATOM   678  C CA  . THR A 1 109 ? 5.285   -9.625  -4.596  1.00 25.72 ? 109 THR A CA  1 
ATOM   679  C C   . THR A 1 109 ? 3.867   -9.204  -4.221  1.00 23.83 ? 109 THR A C   1 
ATOM   680  O O   . THR A 1 109 ? 2.903   -9.445  -4.955  1.00 23.03 ? 109 THR A O   1 
ATOM   681  C CB  . THR A 1 109 ? 5.919   -8.637  -5.620  1.00 26.94 ? 109 THR A CB  1 
ATOM   682  O OG1 . THR A 1 109 ? 5.914   -7.309  -5.083  1.00 29.62 ? 109 THR A OG1 1 
ATOM   683  C CG2 . THR A 1 109 ? 5.159   -8.656  -6.917  1.00 25.90 ? 109 THR A CG2 1 
ATOM   684  N N   . ILE A 1 110 ? 3.771   -8.587  -3.051  1.00 22.02 ? 110 ILE A N   1 
ATOM   685  C CA  . ILE A 1 110 ? 2.524   -8.099  -2.491  1.00 21.70 ? 110 ILE A CA  1 
ATOM   686  C C   . ILE A 1 110 ? 2.500   -6.564  -2.576  1.00 21.34 ? 110 ILE A C   1 
ATOM   687  O O   . ILE A 1 110 ? 3.432   -5.888  -2.117  1.00 20.63 ? 110 ILE A O   1 
ATOM   688  C CB  . ILE A 1 110 ? 2.414   -8.543  -1.023  1.00 20.74 ? 110 ILE A CB  1 
ATOM   689  C CG1 . ILE A 1 110 ? 2.414   -10.072 -0.947  1.00 20.19 ? 110 ILE A CG1 1 
ATOM   690  C CG2 . ILE A 1 110 ? 1.181   -7.938  -0.384  1.00 21.73 ? 110 ILE A CG2 1 
ATOM   691  C CD1 . ILE A 1 110 ? 2.456   -10.620 0.459   1.00 20.58 ? 110 ILE A CD1 1 
ATOM   692  N N   . VAL A 1 111 ? 1.440   -6.007  -3.157  1.00 20.60 ? 111 VAL A N   1 
ATOM   693  C CA  . VAL A 1 111 ? 1.363   -4.554  -3.279  1.00 23.09 ? 111 VAL A CA  1 
ATOM   694  C C   . VAL A 1 111 ? 0.047   -3.909  -2.846  1.00 24.35 ? 111 VAL A C   1 
ATOM   695  O O   . VAL A 1 111 ? -0.956  -4.585  -2.613  1.00 24.52 ? 111 VAL A O   1 
ATOM   696  C CB  . VAL A 1 111 ? 1.650   -4.090  -4.739  1.00 24.09 ? 111 VAL A CB  1 
ATOM   697  C CG1 . VAL A 1 111 ? 2.989   -4.621  -5.199  1.00 24.87 ? 111 VAL A CG1 1 
ATOM   698  C CG2 . VAL A 1 111 ? 0.522   -4.537  -5.671  1.00 23.74 ? 111 VAL A CG2 1 
ATOM   699  N N   . SER A 1 112 ? 0.085   -2.580  -2.752  1.00 25.34 ? 112 SER A N   1 
ATOM   700  C CA  . SER A 1 112 ? -1.062  -1.762  -2.382  1.00 22.75 ? 112 SER A CA  1 
ATOM   701  C C   . SER A 1 112 ? -0.638  -0.307  -2.406  1.00 22.30 ? 112 SER A C   1 
ATOM   702  O O   . SER A 1 112 ? 0.526   0.014   -2.161  1.00 21.67 ? 112 SER A O   1 
ATOM   703  C CB  . SER A 1 112 ? -1.548  -2.095  -0.980  1.00 22.41 ? 112 SER A CB  1 
ATOM   704  O OG  . SER A 1 112 ? -0.687  -1.534  -0.011  1.00 22.93 ? 112 SER A OG  1 
ATOM   705  N N   . THR A 1 113 ? -1.586  0.573   -2.691  1.00 21.96 ? 113 THR A N   1 
ATOM   706  C CA  . THR A 1 113 ? -1.317  2.001   -2.717  1.00 20.72 ? 113 THR A CA  1 
ATOM   707  C C   . THR A 1 113 ? -2.433  2.704   -1.944  1.00 20.64 ? 113 THR A C   1 
ATOM   708  O O   . THR A 1 113 ? -3.606  2.345   -2.075  1.00 20.32 ? 113 THR A O   1 
ATOM   709  C CB  . THR A 1 113 ? -1.263  2.520   -4.174  1.00 19.78 ? 113 THR A CB  1 
ATOM   710  O OG1 . THR A 1 113 ? -2.465  2.161   -4.858  1.00 21.87 ? 113 THR A OG1 1 
ATOM   711  C CG2 . THR A 1 113 ? -0.098  1.902   -4.910  1.00 20.65 ? 113 THR A CG2 1 
ATOM   712  N N   . TYR A 1 114 ? -2.064  3.669   -1.108  1.00 21.52 ? 114 TYR A N   1 
ATOM   713  C CA  . TYR A 1 114 ? -3.036  4.428   -0.321  1.00 22.23 ? 114 TYR A CA  1 
ATOM   714  C C   . TYR A 1 114 ? -4.017  3.555   0.463   1.00 22.85 ? 114 TYR A C   1 
ATOM   715  O O   . TYR A 1 114 ? -5.208  3.860   0.495   1.00 25.09 ? 114 TYR A O   1 
ATOM   716  C CB  . TYR A 1 114 ? -3.841  5.338   -1.246  1.00 24.00 ? 114 TYR A CB  1 
ATOM   717  C CG  . TYR A 1 114 ? -3.062  6.477   -1.851  1.00 23.87 ? 114 TYR A CG  1 
ATOM   718  C CD1 . TYR A 1 114 ? -2.745  7.603   -1.097  1.00 24.26 ? 114 TYR A CD1 1 
ATOM   719  C CD2 . TYR A 1 114 ? -2.679  6.448   -3.186  1.00 23.98 ? 114 TYR A CD2 1 
ATOM   720  C CE1 . TYR A 1 114 ? -2.066  8.687   -1.660  1.00 25.32 ? 114 TYR A CE1 1 
ATOM   721  C CE2 . TYR A 1 114 ? -1.997  7.524   -3.765  1.00 27.92 ? 114 TYR A CE2 1 
ATOM   722  C CZ  . TYR A 1 114 ? -1.698  8.644   -2.996  1.00 27.01 ? 114 TYR A CZ  1 
ATOM   723  O OH  . TYR A 1 114 ? -1.063  9.727   -3.564  1.00 29.38 ? 114 TYR A OH  1 
ATOM   724  N N   . ALA A 1 115 ? -3.538  2.487   1.098   1.00 23.95 ? 115 ALA A N   1 
ATOM   725  C CA  . ALA A 1 115 ? -4.437  1.606   1.844   1.00 21.55 ? 115 ALA A CA  1 
ATOM   726  C C   . ALA A 1 115 ? -3.918  1.112   3.195   1.00 20.87 ? 115 ALA A C   1 
ATOM   727  O O   . ALA A 1 115 ? -4.664  1.062   4.175   1.00 22.49 ? 115 ALA A O   1 
ATOM   728  C CB  . ALA A 1 115 ? -4.814  0.415   0.979   1.00 21.46 ? 115 ALA A CB  1 
ATOM   729  N N   . PHE A 1 116 ? -2.640  0.756   3.258   1.00 20.14 ? 116 PHE A N   1 
ATOM   730  C CA  . PHE A 1 116 ? -2.065  0.220   4.491   1.00 18.36 ? 116 PHE A CA  1 
ATOM   731  C C   . PHE A 1 116 ? -2.348  1.021   5.775   1.00 18.82 ? 116 PHE A C   1 
ATOM   732  O O   . PHE A 1 116 ? -2.296  0.459   6.877   1.00 19.00 ? 116 PHE A O   1 
ATOM   733  C CB  . PHE A 1 116 ? -0.556  0.004   4.306   1.00 17.51 ? 116 PHE A CB  1 
ATOM   734  C CG  . PHE A 1 116 ? 0.009   -1.112  5.157   1.00 19.37 ? 116 PHE A CG  1 
ATOM   735  C CD1 . PHE A 1 116 ? -0.611  -2.368  5.199   1.00 18.46 ? 116 PHE A CD1 1 
ATOM   736  C CD2 . PHE A 1 116 ? 1.150   -0.902  5.934   1.00 19.67 ? 116 PHE A CD2 1 
ATOM   737  C CE1 . PHE A 1 116 ? -0.105  -3.386  6.012   1.00 16.35 ? 116 PHE A CE1 1 
ATOM   738  C CE2 . PHE A 1 116 ? 1.658   -1.908  6.747   1.00 19.29 ? 116 PHE A CE2 1 
ATOM   739  C CZ  . PHE A 1 116 ? 1.036   -3.154  6.788   1.00 17.47 ? 116 PHE A CZ  1 
ATOM   740  N N   . HIS A 1 117 ? -2.664  2.311   5.648   1.00 18.84 ? 117 HIS A N   1 
ATOM   741  C CA  . HIS A 1 117 ? -2.969  3.150   6.813   1.00 18.52 ? 117 HIS A CA  1 
ATOM   742  C C   . HIS A 1 117 ? -4.351  2.845   7.438   1.00 20.47 ? 117 HIS A C   1 
ATOM   743  O O   . HIS A 1 117 ? -4.733  3.439   8.448   1.00 18.41 ? 117 HIS A O   1 
ATOM   744  C CB  . HIS A 1 117 ? -2.921  4.625   6.423   1.00 18.93 ? 117 HIS A CB  1 
ATOM   745  C CG  . HIS A 1 117 ? -3.910  4.996   5.364   1.00 17.13 ? 117 HIS A CG  1 
ATOM   746  N ND1 . HIS A 1 117 ? -3.652  4.837   4.022   1.00 20.48 ? 117 HIS A ND1 1 
ATOM   747  C CD2 . HIS A 1 117 ? -5.183  5.438   5.452   1.00 17.69 ? 117 HIS A CD2 1 
ATOM   748  C CE1 . HIS A 1 117 ? -4.725  5.162   3.322   1.00 17.24 ? 117 HIS A CE1 1 
ATOM   749  N NE2 . HIS A 1 117 ? -5.669  5.528   4.166   1.00 21.10 ? 117 HIS A NE2 1 
ATOM   750  N N   . HIS A 1 118 ? -5.106  1.938   6.824   1.00 20.27 ? 118 HIS A N   1 
ATOM   751  C CA  . HIS A 1 118 ? -6.415  1.548   7.341   1.00 21.08 ? 118 HIS A CA  1 
ATOM   752  C C   . HIS A 1 118 ? -6.227  0.486   8.417   1.00 22.02 ? 118 HIS A C   1 
ATOM   753  O O   . HIS A 1 118 ? -7.195  -0.055  8.952   1.00 21.86 ? 118 HIS A O   1 
ATOM   754  C CB  . HIS A 1 118 ? -7.289  0.976   6.223   1.00 22.25 ? 118 HIS A CB  1 
ATOM   755  C CG  . HIS A 1 118 ? -7.874  2.016   5.323   1.00 26.46 ? 118 HIS A CG  1 
ATOM   756  N ND1 . HIS A 1 118 ? -8.718  3.006   5.785   1.00 27.05 ? 118 HIS A ND1 1 
ATOM   757  C CD2 . HIS A 1 118 ? -7.713  2.244   3.999   1.00 25.28 ? 118 HIS A CD2 1 
ATOM   758  C CE1 . HIS A 1 118 ? -9.048  3.799   4.782   1.00 27.22 ? 118 HIS A CE1 1 
ATOM   759  N NE2 . HIS A 1 118 ? -8.452  3.360   3.686   1.00 28.30 ? 118 HIS A NE2 1 
ATOM   760  N N   . LEU A 1 119 ? -4.968  0.194   8.719   1.00 21.43 ? 119 LEU A N   1 
ATOM   761  C CA  . LEU A 1 119 ? -4.602  -0.800  9.718   1.00 19.63 ? 119 LEU A CA  1 
ATOM   762  C C   . LEU A 1 119 ? -3.811  -0.145  10.849  1.00 18.52 ? 119 LEU A C   1 
ATOM   763  O O   . LEU A 1 119 ? -2.899  0.647   10.598  1.00 18.85 ? 119 LEU A O   1 
ATOM   764  C CB  . LEU A 1 119 ? -3.721  -1.879  9.074   1.00 19.67 ? 119 LEU A CB  1 
ATOM   765  C CG  . LEU A 1 119 ? -4.269  -3.244  8.643   1.00 16.43 ? 119 LEU A CG  1 
ATOM   766  C CD1 . LEU A 1 119 ? -5.391  -3.081  7.647   1.00 12.52 ? 119 LEU A CD1 1 
ATOM   767  C CD2 . LEU A 1 119 ? -3.135  -4.058  8.039   1.00 14.26 ? 119 LEU A CD2 1 
ATOM   768  N N   . THR A 1 120 ? -4.152  -0.478  12.090  1.00 17.40 ? 120 THR A N   1 
ATOM   769  C CA  . THR A 1 120 ? -3.419  0.062   13.233  1.00 17.45 ? 120 THR A CA  1 
ATOM   770  C C   . THR A 1 120 ? -1.999  -0.488  13.134  1.00 19.65 ? 120 THR A C   1 
ATOM   771  O O   . THR A 1 120 ? -1.742  -1.454  12.405  1.00 22.26 ? 120 THR A O   1 
ATOM   772  C CB  . THR A 1 120 ? -4.022  -0.395  14.587  1.00 19.28 ? 120 THR A CB  1 
ATOM   773  O OG1 . THR A 1 120 ? -4.030  -1.830  14.657  1.00 17.83 ? 120 THR A OG1 1 
ATOM   774  C CG2 . THR A 1 120 ? -5.441  0.129   14.752  1.00 13.60 ? 120 THR A CG2 1 
ATOM   775  N N   . ASP A 1 121 ? -1.073  0.111   13.863  1.00 21.41 ? 121 ASP A N   1 
ATOM   776  C CA  . ASP A 1 121 ? 0.296   -0.367  13.819  1.00 23.94 ? 121 ASP A CA  1 
ATOM   777  C C   . ASP A 1 121 ? 0.426   -1.845  14.223  1.00 23.53 ? 121 ASP A C   1 
ATOM   778  O O   . ASP A 1 121 ? 1.247   -2.562  13.662  1.00 22.95 ? 121 ASP A O   1 
ATOM   779  C CB  . ASP A 1 121 ? 1.187   0.528   14.688  1.00 26.06 ? 121 ASP A CB  1 
ATOM   780  C CG  . ASP A 1 121 ? 1.564   1.837   13.986  1.00 28.83 ? 121 ASP A CG  1 
ATOM   781  O OD1 . ASP A 1 121 ? 1.136   2.035   12.824  1.00 26.95 ? 121 ASP A OD1 1 
ATOM   782  O OD2 . ASP A 1 121 ? 2.293   2.661   14.595  1.00 28.68 ? 121 ASP A OD2 1 
ATOM   783  N N   . ASP A 1 122 ? -0.386  -2.304  15.177  1.00 24.12 ? 122 ASP A N   1 
ATOM   784  C CA  . ASP A 1 122 ? -0.340  -3.705  15.609  1.00 23.53 ? 122 ASP A CA  1 
ATOM   785  C C   . ASP A 1 122 ? -0.803  -4.639  14.507  1.00 23.33 ? 122 ASP A C   1 
ATOM   786  O O   . ASP A 1 122 ? -0.292  -5.753  14.354  1.00 23.48 ? 122 ASP A O   1 
ATOM   787  C CB  . ASP A 1 122 ? -1.236  -3.948  16.819  1.00 25.03 ? 122 ASP A CB  1 
ATOM   788  C CG  . ASP A 1 122 ? -0.687  -3.342  18.080  1.00 27.42 ? 122 ASP A CG  1 
ATOM   789  O OD1 . ASP A 1 122 ? 0.546   -3.355  18.261  1.00 30.14 ? 122 ASP A OD1 1 
ATOM   790  O OD2 . ASP A 1 122 ? -1.494  -2.872  18.905  1.00 24.91 ? 122 ASP A OD2 1 
ATOM   791  N N   . GLU A 1 123 ? -1.799  -4.187  13.756  1.00 21.91 ? 123 GLU A N   1 
ATOM   792  C CA  . GLU A 1 123 ? -2.335  -4.977  12.664  1.00 20.00 ? 123 GLU A CA  1 
ATOM   793  C C   . GLU A 1 123 ? -1.348  -4.972  11.503  1.00 19.21 ? 123 GLU A C   1 
ATOM   794  O O   . GLU A 1 123 ? -1.216  -5.977  10.797  1.00 19.31 ? 123 GLU A O   1 
ATOM   795  C CB  . GLU A 1 123 ? -3.693  -4.420  12.232  1.00 20.89 ? 123 GLU A CB  1 
ATOM   796  C CG  . GLU A 1 123 ? -4.744  -4.404  13.341  1.00 20.74 ? 123 GLU A CG  1 
ATOM   797  C CD  . GLU A 1 123 ? -6.075  -3.827  12.884  1.00 24.38 ? 123 GLU A CD  1 
ATOM   798  O OE1 . GLU A 1 123 ? -6.102  -2.694  12.346  1.00 25.14 ? 123 GLU A OE1 1 
ATOM   799  O OE2 . GLU A 1 123 ? -7.105  -4.511  13.070  1.00 23.44 ? 123 GLU A OE2 1 
ATOM   800  N N   . LYS A 1 124 ? -0.661  -3.842  11.308  1.00 17.99 ? 124 LYS A N   1 
ATOM   801  C CA  . LYS A 1 124 ? 0.332   -3.722  10.241  1.00 17.43 ? 124 LYS A CA  1 
ATOM   802  C C   . LYS A 1 124 ? 1.429   -4.759  10.457  1.00 18.09 ? 124 LYS A C   1 
ATOM   803  O O   . LYS A 1 124 ? 1.994   -5.296  9.503   1.00 16.76 ? 124 LYS A O   1 
ATOM   804  C CB  . LYS A 1 124 ? 0.976   -2.332  10.232  1.00 20.16 ? 124 LYS A CB  1 
ATOM   805  C CG  . LYS A 1 124 ? 0.118   -1.197  9.662   1.00 20.59 ? 124 LYS A CG  1 
ATOM   806  C CD  . LYS A 1 124 ? 0.982   0.039   9.373   1.00 19.72 ? 124 LYS A CD  1 
ATOM   807  C CE  . LYS A 1 124 ? 0.157   1.312   9.210   1.00 20.29 ? 124 LYS A CE  1 
ATOM   808  N NZ  . LYS A 1 124 ? -0.312  1.858   10.518  1.00 22.37 ? 124 LYS A NZ  1 
ATOM   809  N N   . ASN A 1 125 ? 1.729   -5.016  11.725  1.00 18.53 ? 125 ASN A N   1 
ATOM   810  C CA  . ASN A 1 125 ? 2.743   -5.986  12.116  1.00 21.07 ? 125 ASN A CA  1 
ATOM   811  C C   . ASN A 1 125 ? 2.239   -7.415  11.853  1.00 21.31 ? 125 ASN A C   1 
ATOM   812  O O   . ASN A 1 125 ? 3.002   -8.289  11.431  1.00 21.08 ? 125 ASN A O   1 
ATOM   813  C CB  . ASN A 1 125 ? 3.085   -5.811  13.599  1.00 24.31 ? 125 ASN A CB  1 
ATOM   814  C CG  . ASN A 1 125 ? 4.267   -6.655  14.026  1.00 27.10 ? 125 ASN A CG  1 
ATOM   815  O OD1 . ASN A 1 125 ? 5.331   -6.606  13.401  1.00 30.39 ? 125 ASN A OD1 1 
ATOM   816  N ND2 . ASN A 1 125 ? 4.096   -7.431  15.096  1.00 27.92 ? 125 ASN A ND2 1 
ATOM   817  N N   . VAL A 1 126 ? 0.960   -7.659  12.126  1.00 19.71 ? 126 VAL A N   1 
ATOM   818  C CA  . VAL A 1 126 ? 0.392   -8.972  11.864  1.00 18.44 ? 126 VAL A CA  1 
ATOM   819  C C   . VAL A 1 126 ? 0.439   -9.205  10.363  1.00 18.97 ? 126 VAL A C   1 
ATOM   820  O O   . VAL A 1 126 ? 0.841   -10.276 9.908   1.00 20.26 ? 126 VAL A O   1 
ATOM   821  C CB  . VAL A 1 126 ? -1.086  -9.084  12.327  1.00 18.44 ? 126 VAL A CB  1 
ATOM   822  C CG1 . VAL A 1 126 ? -1.706  -10.410 11.827  1.00 14.60 ? 126 VAL A CG1 1 
ATOM   823  C CG2 . VAL A 1 126 ? -1.151  -9.011  13.847  1.00 12.87 ? 126 VAL A CG2 1 
ATOM   824  N N   . ALA A 1 127 ? 0.030   -8.195  9.599   1.00 18.23 ? 127 ALA A N   1 
ATOM   825  C CA  . ALA A 1 127 ? 0.026   -8.303  8.145   1.00 18.74 ? 127 ALA A CA  1 
ATOM   826  C C   . ALA A 1 127 ? 1.414   -8.645  7.611   1.00 18.00 ? 127 ALA A C   1 
ATOM   827  O O   . ALA A 1 127 ? 1.579   -9.631  6.886   1.00 18.95 ? 127 ALA A O   1 
ATOM   828  C CB  . ALA A 1 127 ? -0.471  -7.004  7.522   1.00 19.66 ? 127 ALA A CB  1 
ATOM   829  N N   . ILE A 1 128 ? 2.411   -7.836  7.960   1.00 17.72 ? 128 ILE A N   1 
ATOM   830  C CA  . ILE A 1 128 ? 3.780   -8.077  7.495   1.00 15.82 ? 128 ILE A CA  1 
ATOM   831  C C   . ILE A 1 128 ? 4.308   -9.441  7.951   1.00 15.92 ? 128 ILE A C   1 
ATOM   832  O O   . ILE A 1 128 ? 4.995   -10.134 7.199   1.00 15.89 ? 128 ILE A O   1 
ATOM   833  C CB  . ILE A 1 128 ? 4.729   -6.939  7.963   1.00 13.93 ? 128 ILE A CB  1 
ATOM   834  C CG1 . ILE A 1 128 ? 4.224   -5.603  7.403   1.00 13.46 ? 128 ILE A CG1 1 
ATOM   835  C CG2 . ILE A 1 128 ? 6.166   -7.224  7.543   1.00 14.72 ? 128 ILE A CG2 1 
ATOM   836  C CD1 . ILE A 1 128 ? 3.788   -5.647  5.944   1.00 9.19  ? 128 ILE A CD1 1 
ATOM   837  N N   . ALA A 1 129 ? 3.978   -9.827  9.178   1.00 17.15 ? 129 ALA A N   1 
ATOM   838  C CA  . ALA A 1 129 ? 4.389   -11.123 9.715   1.00 18.12 ? 129 ALA A CA  1 
ATOM   839  C C   . ALA A 1 129 ? 3.794   -12.238 8.852   1.00 19.80 ? 129 ALA A C   1 
ATOM   840  O O   . ALA A 1 129 ? 4.427   -13.273 8.610   1.00 21.99 ? 129 ALA A O   1 
ATOM   841  C CB  . ALA A 1 129 ? 3.901   -11.267 11.141  1.00 16.73 ? 129 ALA A CB  1 
ATOM   842  N N   . LYS A 1 130 ? 2.572   -12.003 8.382   1.00 20.47 ? 130 LYS A N   1 
ATOM   843  C CA  . LYS A 1 130 ? 1.856   -12.965 7.557   1.00 21.90 ? 130 LYS A CA  1 
ATOM   844  C C   . LYS A 1 130 ? 2.364   -13.019 6.118   1.00 21.13 ? 130 LYS A C   1 
ATOM   845  O O   . LYS A 1 130 ? 2.360   -14.075 5.484   1.00 21.21 ? 130 LYS A O   1 
ATOM   846  C CB  . LYS A 1 130 ? 0.359   -12.644 7.568   1.00 24.48 ? 130 LYS A CB  1 
ATOM   847  C CG  . LYS A 1 130 ? -0.495  -13.820 7.139   1.00 29.09 ? 130 LYS A CG  1 
ATOM   848  C CD  . LYS A 1 130 ? -1.988  -13.552 7.282   1.00 32.13 ? 130 LYS A CD  1 
ATOM   849  C CE  . LYS A 1 130 ? -2.394  -13.303 8.726   1.00 32.70 ? 130 LYS A CE  1 
ATOM   850  N NZ  . LYS A 1 130 ? -3.877  -13.171 8.859   1.00 33.21 ? 130 LYS A NZ  1 
ATOM   851  N N   . TYR A 1 131 ? 2.810   -11.881 5.599   1.00 19.50 ? 131 TYR A N   1 
ATOM   852  C CA  . TYR A 1 131 ? 3.314   -11.849 4.242   1.00 18.97 ? 131 TYR A CA  1 
ATOM   853  C C   . TYR A 1 131 ? 4.701   -12.442 4.228   1.00 20.20 ? 131 TYR A C   1 
ATOM   854  O O   . TYR A 1 131 ? 5.150   -13.000 3.217   1.00 20.17 ? 131 TYR A O   1 
ATOM   855  C CB  . TYR A 1 131 ? 3.352   -10.423 3.719   1.00 19.52 ? 131 TYR A CB  1 
ATOM   856  C CG  . TYR A 1 131 ? 2.030   -9.703  3.841   1.00 21.58 ? 131 TYR A CG  1 
ATOM   857  C CD1 . TYR A 1 131 ? 0.818   -10.395 3.746   1.00 21.30 ? 131 TYR A CD1 1 
ATOM   858  C CD2 . TYR A 1 131 ? 1.984   -8.324  4.026   1.00 20.03 ? 131 TYR A CD2 1 
ATOM   859  C CE1 . TYR A 1 131 ? -0.400  -9.720  3.838   1.00 21.25 ? 131 TYR A CE1 1 
ATOM   860  C CE2 . TYR A 1 131 ? 0.771   -7.647  4.112   1.00 21.26 ? 131 TYR A CE2 1 
ATOM   861  C CZ  . TYR A 1 131 ? -0.414  -8.351  4.017   1.00 20.30 ? 131 TYR A CZ  1 
ATOM   862  O OH  . TYR A 1 131 ? -1.620  -7.692  4.077   1.00 21.44 ? 131 TYR A OH  1 
ATOM   863  N N   . SER A 1 132 ? 5.388   -12.313 5.358   1.00 19.27 ? 132 SER A N   1 
ATOM   864  C CA  . SER A 1 132 ? 6.727   -12.869 5.482   1.00 19.47 ? 132 SER A CA  1 
ATOM   865  C C   . SER A 1 132 ? 6.612   -14.383 5.468   1.00 21.01 ? 132 SER A C   1 
ATOM   866  O O   . SER A 1 132 ? 7.491   -15.087 4.965   1.00 22.90 ? 132 SER A O   1 
ATOM   867  C CB  . SER A 1 132 ? 7.379   -12.434 6.791   1.00 18.59 ? 132 SER A CB  1 
ATOM   868  O OG  . SER A 1 132 ? 8.681   -12.976 6.903   1.00 14.95 ? 132 SER A OG  1 
ATOM   869  N N   . GLN A 1 133 ? 5.515   -14.879 6.027   1.00 22.34 ? 133 GLN A N   1 
ATOM   870  C CA  . GLN A 1 133 ? 5.275   -16.309 6.087   1.00 24.52 ? 133 GLN A CA  1 
ATOM   871  C C   . GLN A 1 133 ? 4.929   -16.914 4.723   1.00 24.58 ? 133 GLN A C   1 
ATOM   872  O O   . GLN A 1 133 ? 5.267   -18.070 4.456   1.00 24.85 ? 133 GLN A O   1 
ATOM   873  C CB  . GLN A 1 133 ? 4.160   -16.598 7.094   1.00 26.99 ? 133 GLN A CB  1 
ATOM   874  C CG  . GLN A 1 133 ? 3.963   -18.072 7.439   1.00 29.35 ? 133 GLN A CG  1 
ATOM   875  C CD  . GLN A 1 133 ? 3.191   -18.815 6.374   1.00 32.87 ? 133 GLN A CD  1 
ATOM   876  O OE1 . GLN A 1 133 ? 2.139   -18.350 5.914   1.00 33.86 ? 133 GLN A OE1 1 
ATOM   877  N NE2 . GLN A 1 133 ? 3.699   -19.980 5.977   1.00 32.08 ? 133 GLN A NE2 1 
ATOM   878  N N   . LEU A 1 134 ? 4.276   -16.124 3.868   1.00 24.83 ? 134 LEU A N   1 
ATOM   879  C CA  . LEU A 1 134 ? 3.853   -16.576 2.535   1.00 26.83 ? 134 LEU A CA  1 
ATOM   880  C C   . LEU A 1 134 ? 4.877   -16.401 1.421   1.00 27.53 ? 134 LEU A C   1 
ATOM   881  O O   . LEU A 1 134 ? 4.949   -17.234 0.527   1.00 27.86 ? 134 LEU A O   1 
ATOM   882  C CB  . LEU A 1 134 ? 2.573   -15.851 2.093   1.00 27.78 ? 134 LEU A CB  1 
ATOM   883  C CG  . LEU A 1 134 ? 1.389   -15.766 3.057   1.00 28.70 ? 134 LEU A CG  1 
ATOM   884  C CD1 . LEU A 1 134 ? 0.263   -14.954 2.410   1.00 25.27 ? 134 LEU A CD1 1 
ATOM   885  C CD2 . LEU A 1 134 ? 0.916   -17.183 3.409   1.00 28.82 ? 134 LEU A CD2 1 
ATOM   886  N N   . LEU A 1 135 ? 5.654   -15.320 1.464   1.00 28.54 ? 135 LEU A N   1 
ATOM   887  C CA  . LEU A 1 135 ? 6.644   -15.055 0.422   1.00 26.48 ? 135 LEU A CA  1 
ATOM   888  C C   . LEU A 1 135 ? 7.914   -15.900 0.515   1.00 27.68 ? 135 LEU A C   1 
ATOM   889  O O   . LEU A 1 135 ? 8.282   -16.374 1.593   1.00 27.12 ? 135 LEU A O   1 
ATOM   890  C CB  . LEU A 1 135 ? 7.030   -13.577 0.429   1.00 25.57 ? 135 LEU A CB  1 
ATOM   891  C CG  . LEU A 1 135 ? 5.991   -12.530 0.031   1.00 23.12 ? 135 LEU A CG  1 
ATOM   892  C CD1 . LEU A 1 135 ? 6.514   -11.163 0.429   1.00 23.05 ? 135 LEU A CD1 1 
ATOM   893  C CD2 . LEU A 1 135 ? 5.719   -12.584 -1.466  1.00 22.60 ? 135 LEU A CD2 1 
ATOM   894  N N   . ASN A 1 136 ? 8.571   -16.096 -0.626  1.00 28.14 ? 136 ASN A N   1 
ATOM   895  C CA  . ASN A 1 136 ? 9.820   -16.859 -0.684  1.00 27.67 ? 136 ASN A CA  1 
ATOM   896  C C   . ASN A 1 136 ? 10.998  -15.891 -0.635  1.00 28.41 ? 136 ASN A C   1 
ATOM   897  O O   . ASN A 1 136 ? 10.834  -14.698 -0.888  1.00 29.01 ? 136 ASN A O   1 
ATOM   898  C CB  . ASN A 1 136 ? 9.909   -17.687 -1.977  1.00 25.55 ? 136 ASN A CB  1 
ATOM   899  C CG  . ASN A 1 136 ? 9.047   -18.937 -1.937  1.00 23.72 ? 136 ASN A CG  1 
ATOM   900  O OD1 . ASN A 1 136 ? 8.304   -19.153 -0.991  1.00 27.62 ? 136 ASN A OD1 1 
ATOM   901  N ND2 . ASN A 1 136 ? 9.143   -19.758 -2.968  1.00 23.01 ? 136 ASN A ND2 1 
ATOM   902  N N   . LYS A 1 137 ? 12.177  -16.407 -0.294  1.00 30.52 ? 137 LYS A N   1 
ATOM   903  C CA  . LYS A 1 137 ? 13.383  -15.586 -0.240  1.00 31.14 ? 137 LYS A CA  1 
ATOM   904  C C   . LYS A 1 137 ? 13.407  -14.795 -1.550  1.00 31.16 ? 137 LYS A C   1 
ATOM   905  O O   . LYS A 1 137 ? 13.236  -15.357 -2.634  1.00 30.83 ? 137 LYS A O   1 
ATOM   906  C CB  . LYS A 1 137 ? 14.628  -16.487 -0.088  1.00 31.53 ? 137 LYS A CB  1 
ATOM   907  C CG  . LYS A 1 137 ? 15.985  -15.767 -0.045  1.00 31.13 ? 137 LYS A CG  1 
ATOM   908  C CD  . LYS A 1 137 ? 16.423  -15.366 -1.456  1.00 36.39 ? 137 LYS A CD  1 
ATOM   909  C CE  . LYS A 1 137 ? 17.713  -14.564 -1.472  1.00 36.99 ? 137 LYS A CE  1 
ATOM   910  N NZ  . LYS A 1 137 ? 18.869  -15.343 -0.953  1.00 37.81 ? 137 LYS A NZ  1 
ATOM   911  N N   . GLY A 1 138 ? 13.585  -13.485 -1.441  1.00 31.67 ? 138 GLY A N   1 
ATOM   912  C CA  . GLY A 1 138 ? 13.587  -12.663 -2.631  1.00 30.39 ? 138 GLY A CA  1 
ATOM   913  C C   . GLY A 1 138 ? 12.205  -12.110 -2.937  1.00 30.01 ? 138 GLY A C   1 
ATOM   914  O O   . GLY A 1 138 ? 12.055  -11.298 -3.849  1.00 31.14 ? 138 GLY A O   1 
ATOM   915  N N   . GLY A 1 139 ? 11.189  -12.553 -2.196  1.00 27.73 ? 139 GLY A N   1 
ATOM   916  C CA  . GLY A 1 139 ? 9.845   -12.042 -2.416  1.00 27.42 ? 139 GLY A CA  1 
ATOM   917  C C   . GLY A 1 139 ? 9.784   -10.590 -1.954  1.00 27.51 ? 139 GLY A C   1 
ATOM   918  O O   . GLY A 1 139 ? 10.499  -10.215 -1.021  1.00 27.10 ? 139 GLY A O   1 
ATOM   919  N N   . LYS A 1 140 ? 8.947   -9.764  -2.579  1.00 25.98 ? 140 LYS A N   1 
ATOM   920  C CA  . LYS A 1 140 ? 8.887   -8.352  -2.179  1.00 25.12 ? 140 LYS A CA  1 
ATOM   921  C C   . LYS A 1 140 ? 7.515   -7.814  -1.745  1.00 24.80 ? 140 LYS A C   1 
ATOM   922  O O   . LYS A 1 140 ? 6.459   -8.354  -2.089  1.00 21.32 ? 140 LYS A O   1 
ATOM   923  C CB  . LYS A 1 140 ? 9.416   -7.462  -3.311  1.00 24.45 ? 140 LYS A CB  1 
ATOM   924  C CG  . LYS A 1 140 ? 10.773  -7.875  -3.851  1.00 29.56 ? 140 LYS A CG  1 
ATOM   925  C CD  . LYS A 1 140 ? 11.106  -7.144  -5.129  1.00 27.73 ? 140 LYS A CD  1 
ATOM   926  C CE  . LYS A 1 140 ? 11.297  -5.661  -4.891  1.00 29.32 ? 140 LYS A CE  1 
ATOM   927  N NZ  . LYS A 1 140 ? 11.622  -4.941  -6.167  1.00 32.99 ? 140 LYS A NZ  1 
ATOM   928  N N   . ILE A 1 141 ? 7.558   -6.746  -0.958  1.00 25.06 ? 141 ILE A N   1 
ATOM   929  C CA  . ILE A 1 141 ? 6.357   -6.057  -0.513  1.00 24.09 ? 141 ILE A CA  1 
ATOM   930  C C   . ILE A 1 141 ? 6.598   -4.618  -0.923  1.00 24.60 ? 141 ILE A C   1 
ATOM   931  O O   . ILE A 1 141 ? 7.553   -3.995  -0.469  1.00 24.35 ? 141 ILE A O   1 
ATOM   932  C CB  . ILE A 1 141 ? 6.181   -6.098  1.002   1.00 22.91 ? 141 ILE A CB  1 
ATOM   933  C CG1 . ILE A 1 141 ? 5.918   -7.525  1.465   1.00 22.91 ? 141 ILE A CG1 1 
ATOM   934  C CG2 . ILE A 1 141 ? 5.023   -5.222  1.401   1.00 22.23 ? 141 ILE A CG2 1 
ATOM   935  C CD1 . ILE A 1 141 ? 5.820   -7.647  2.966   1.00 21.07 ? 141 ILE A CD1 1 
ATOM   936  N N   . VAL A 1 142 ? 5.768   -4.097  -1.815  1.00 25.40 ? 142 VAL A N   1 
ATOM   937  C CA  . VAL A 1 142 ? 5.939   -2.718  -2.244  1.00 24.50 ? 142 VAL A CA  1 
ATOM   938  C C   . VAL A 1 142 ? 4.622   -2.025  -1.955  1.00 24.00 ? 142 VAL A C   1 
ATOM   939  O O   . VAL A 1 142 ? 3.593   -2.348  -2.541  1.00 23.18 ? 142 VAL A O   1 
ATOM   940  C CB  . VAL A 1 142 ? 6.268   -2.620  -3.765  1.00 24.86 ? 142 VAL A CB  1 
ATOM   941  C CG1 . VAL A 1 142 ? 6.678   -1.196  -4.126  1.00 23.18 ? 142 VAL A CG1 1 
ATOM   942  C CG2 . VAL A 1 142 ? 7.381   -3.596  -4.119  1.00 23.88 ? 142 VAL A CG2 1 
ATOM   943  N N   . PHE A 1 143 ? 4.658   -1.100  -1.011  1.00 23.43 ? 143 PHE A N   1 
ATOM   944  C CA  . PHE A 1 143 ? 3.468   -0.353  -0.644  1.00 21.80 ? 143 PHE A CA  1 
ATOM   945  C C   . PHE A 1 143 ? 3.766   1.103   -0.838  1.00 21.24 ? 143 PHE A C   1 
ATOM   946  O O   . PHE A 1 143 ? 4.878   1.551   -0.586  1.00 23.32 ? 143 PHE A O   1 
ATOM   947  C CB  . PHE A 1 143 ? 3.091   -0.579  0.822   1.00 21.26 ? 143 PHE A CB  1 
ATOM   948  C CG  . PHE A 1 143 ? 2.520   -1.937  1.101   1.00 23.03 ? 143 PHE A CG  1 
ATOM   949  C CD1 . PHE A 1 143 ? 2.193   -2.796  0.055   1.00 23.98 ? 143 PHE A CD1 1 
ATOM   950  C CD2 . PHE A 1 143 ? 2.274   -2.347  2.411   1.00 22.99 ? 143 PHE A CD2 1 
ATOM   951  C CE1 . PHE A 1 143 ? 1.630   -4.037  0.304   1.00 22.62 ? 143 PHE A CE1 1 
ATOM   952  C CE2 . PHE A 1 143 ? 1.712   -3.582  2.669   1.00 21.65 ? 143 PHE A CE2 1 
ATOM   953  C CZ  . PHE A 1 143 ? 1.388   -4.430  1.611   1.00 22.41 ? 143 PHE A CZ  1 
ATOM   954  N N   . ALA A 1 144 ? 2.774   1.828   -1.321  1.00 18.99 ? 144 ALA A N   1 
ATOM   955  C CA  . ALA A 1 144 ? 2.899   3.258   -1.497  1.00 20.55 ? 144 ALA A CA  1 
ATOM   956  C C   . ALA A 1 144 ? 1.847   3.792   -0.540  1.00 21.30 ? 144 ALA A C   1 
ATOM   957  O O   . ALA A 1 144 ? 0.717   3.311   -0.537  1.00 22.91 ? 144 ALA A O   1 
ATOM   958  C CB  . ALA A 1 144 ? 2.566   3.648   -2.922  1.00 18.68 ? 144 ALA A CB  1 
ATOM   959  N N   . ASP A 1 145 ? 2.203   4.742   0.309   1.00 19.94 ? 145 ASP A N   1 
ATOM   960  C CA  . ASP A 1 145 ? 1.200   5.277   1.210   1.00 22.36 ? 145 ASP A CA  1 
ATOM   961  C C   . ASP A 1 145 ? 1.676   6.505   1.949   1.00 22.51 ? 145 ASP A C   1 
ATOM   962  O O   . ASP A 1 145 ? 2.864   6.797   1.987   1.00 23.30 ? 145 ASP A O   1 
ATOM   963  C CB  . ASP A 1 145 ? 0.755   4.215   2.226   1.00 24.13 ? 145 ASP A CB  1 
ATOM   964  C CG  . ASP A 1 145 ? -0.589  4.554   2.891   1.00 25.74 ? 145 ASP A CG  1 
ATOM   965  O OD1 . ASP A 1 145 ? -1.168  5.618   2.575   1.00 25.65 ? 145 ASP A OD1 1 
ATOM   966  O OD2 . ASP A 1 145 ? -1.074  3.753   3.726   1.00 24.66 ? 145 ASP A OD2 1 
ATOM   967  N N   . THR A 1 146 ? 0.724   7.237   2.512   1.00 21.89 ? 146 THR A N   1 
ATOM   968  C CA  . THR A 1 146 ? 1.023   8.422   3.285   1.00 21.53 ? 146 THR A CA  1 
ATOM   969  C C   . THR A 1 146 ? 1.668   7.934   4.567   1.00 21.24 ? 146 THR A C   1 
ATOM   970  O O   . THR A 1 146 ? 1.120   7.072   5.249   1.00 21.18 ? 146 THR A O   1 
ATOM   971  C CB  . THR A 1 146 ? -0.254  9.197   3.608   1.00 21.58 ? 146 THR A CB  1 
ATOM   972  O OG1 . THR A 1 146 ? -0.709  9.847   2.414   1.00 22.38 ? 146 THR A OG1 1 
ATOM   973  C CG2 . THR A 1 146 ? -0.005  10.223  4.704   1.00 19.47 ? 146 THR A CG2 1 
ATOM   974  N N   . ILE A 1 147 ? 2.841   8.477   4.878   1.00 20.40 ? 147 ILE A N   1 
ATOM   975  C CA  . ILE A 1 147 ? 3.582   8.087   6.069   1.00 19.40 ? 147 ILE A CA  1 
ATOM   976  C C   . ILE A 1 147 ? 4.520   9.234   6.437   1.00 21.56 ? 147 ILE A C   1 
ATOM   977  O O   . ILE A 1 147 ? 4.921   10.003  5.560   1.00 23.36 ? 147 ILE A O   1 
ATOM   978  C CB  . ILE A 1 147 ? 4.373   6.786   5.805   1.00 18.52 ? 147 ILE A CB  1 
ATOM   979  C CG1 . ILE A 1 147 ? 5.077   6.356   7.084   1.00 16.90 ? 147 ILE A CG1 1 
ATOM   980  C CG2 . ILE A 1 147 ? 5.357   6.980   4.644   1.00 17.81 ? 147 ILE A CG2 1 
ATOM   981  C CD1 . ILE A 1 147 ? 5.645   4.986   7.004   1.00 12.22 ? 147 ILE A CD1 1 
ATOM   982  N N   . PHE A 1 148 ? 4.877   9.361   7.712   1.00 21.57 ? 148 PHE A N   1 
ATOM   983  C CA  . PHE A 1 148 ? 5.719   10.477  8.133   1.00 22.63 ? 148 PHE A CA  1 
ATOM   984  C C   . PHE A 1 148 ? 7.101   10.165  8.703   1.00 26.07 ? 148 PHE A C   1 
ATOM   985  O O   . PHE A 1 148 ? 7.283   9.178   9.409   1.00 27.58 ? 148 PHE A O   1 
ATOM   986  C CB  . PHE A 1 148 ? 4.922   11.345  9.105   1.00 22.43 ? 148 PHE A CB  1 
ATOM   987  C CG  . PHE A 1 148 ? 3.709   11.962  8.481   1.00 21.89 ? 148 PHE A CG  1 
ATOM   988  C CD1 . PHE A 1 148 ? 3.806   13.144  7.742   1.00 21.85 ? 148 PHE A CD1 1 
ATOM   989  C CD2 . PHE A 1 148 ? 2.483   11.310  8.539   1.00 21.98 ? 148 PHE A CD2 1 
ATOM   990  C CE1 . PHE A 1 148 ? 2.710   13.659  7.069   1.00 20.08 ? 148 PHE A CE1 1 
ATOM   991  C CE2 . PHE A 1 148 ? 1.376   11.817  7.864   1.00 23.35 ? 148 PHE A CE2 1 
ATOM   992  C CZ  . PHE A 1 148 ? 1.491   12.996  7.128   1.00 23.86 ? 148 PHE A CZ  1 
ATOM   993  N N   . ALA A 1 149 ? 8.074   11.025  8.387   1.00 28.48 ? 149 ALA A N   1 
ATOM   994  C CA  . ALA A 1 149 ? 9.448   10.842  8.853   1.00 29.11 ? 149 ALA A CA  1 
ATOM   995  C C   . ALA A 1 149 ? 9.521   10.738  10.370  1.00 30.05 ? 149 ALA A C   1 
ATOM   996  O O   . ALA A 1 149 ? 10.209  9.873   10.895  1.00 31.06 ? 149 ALA A O   1 
ATOM   997  C CB  . ALA A 1 149 ? 10.329  11.974  8.358   1.00 28.37 ? 149 ALA A CB  1 
ATOM   998  N N   . ASP A 1 150 ? 8.814   11.611  11.077  1.00 32.28 ? 150 ASP A N   1 
ATOM   999  C CA  . ASP A 1 150 ? 8.805   11.561  12.536  1.00 33.42 ? 150 ASP A CA  1 
ATOM   1000 C C   . ASP A 1 150 ? 7.574   12.239  13.122  1.00 33.49 ? 150 ASP A C   1 
ATOM   1001 O O   . ASP A 1 150 ? 6.697   12.662  12.389  1.00 32.78 ? 150 ASP A O   1 
ATOM   1002 C CB  . ASP A 1 150 ? 10.090  12.173  13.120  1.00 34.91 ? 150 ASP A CB  1 
ATOM   1003 C CG  . ASP A 1 150 ? 10.516  13.454  12.416  1.00 37.56 ? 150 ASP A CG  1 
ATOM   1004 O OD1 . ASP A 1 150 ? 9.756   14.450  12.417  1.00 36.84 ? 150 ASP A OD1 1 
ATOM   1005 O OD2 . ASP A 1 150 ? 11.636  13.464  11.862  1.00 40.81 ? 150 ASP A OD2 1 
ATOM   1006 N N   . GLN A 1 151 ? 7.498   12.322  14.445  1.00 36.17 ? 151 GLN A N   1 
ATOM   1007 C CA  . GLN A 1 151 ? 6.351   12.953  15.090  1.00 37.29 ? 151 GLN A CA  1 
ATOM   1008 C C   . GLN A 1 151 ? 6.268   14.443  14.707  1.00 38.03 ? 151 GLN A C   1 
ATOM   1009 O O   . GLN A 1 151 ? 5.183   14.995  14.524  1.00 37.03 ? 151 GLN A O   1 
ATOM   1010 C CB  . GLN A 1 151 ? 6.460   12.788  16.611  1.00 36.87 ? 151 GLN A CB  1 
ATOM   1011 C CG  . GLN A 1 151 ? 5.251   13.261  17.406  1.00 38.97 ? 151 GLN A CG  1 
ATOM   1012 C CD  . GLN A 1 151 ? 3.958   12.625  16.927  1.00 39.38 ? 151 GLN A CD  1 
ATOM   1013 O OE1 . GLN A 1 151 ? 3.876   11.411  16.758  1.00 40.38 ? 151 GLN A OE1 1 
ATOM   1014 N NE2 . GLN A 1 151 ? 2.937   13.448  16.706  1.00 40.61 ? 151 GLN A NE2 1 
ATOM   1015 N N   . ASP A 1 152 ? 7.427   15.078  14.569  1.00 38.79 ? 152 ASP A N   1 
ATOM   1016 C CA  . ASP A 1 152 ? 7.494   16.488  14.225  1.00 39.31 ? 152 ASP A CA  1 
ATOM   1017 C C   . ASP A 1 152 ? 6.941   16.758  12.816  1.00 38.77 ? 152 ASP A C   1 
ATOM   1018 O O   . ASP A 1 152 ? 6.198   17.717  12.606  1.00 38.22 ? 152 ASP A O   1 
ATOM   1019 C CB  . ASP A 1 152 ? 8.949   16.959  14.342  1.00 43.42 ? 152 ASP A CB  1 
ATOM   1020 C CG  . ASP A 1 152 ? 9.081   18.474  14.375  1.00 47.83 ? 152 ASP A CG  1 
ATOM   1021 O OD1 . ASP A 1 152 ? 8.895   19.128  13.322  1.00 48.81 ? 152 ASP A OD1 1 
ATOM   1022 O OD2 . ASP A 1 152 ? 9.372   19.013  15.462  1.00 49.25 ? 152 ASP A OD2 1 
ATOM   1023 N N   . ALA A 1 153 ? 7.298   15.906  11.857  1.00 37.50 ? 153 ALA A N   1 
ATOM   1024 C CA  . ALA A 1 153 ? 6.837   16.060  10.477  1.00 36.20 ? 153 ALA A CA  1 
ATOM   1025 C C   . ALA A 1 153 ? 5.320   15.902  10.393  1.00 36.64 ? 153 ALA A C   1 
ATOM   1026 O O   . ALA A 1 153 ? 4.663   16.555  9.581   1.00 36.90 ? 153 ALA A O   1 
ATOM   1027 C CB  . ALA A 1 153 ? 7.527   15.031  9.573   1.00 34.27 ? 153 ALA A CB  1 
ATOM   1028 N N   . TYR A 1 154 ? 4.778   15.036  11.244  1.00 36.57 ? 154 TYR A N   1 
ATOM   1029 C CA  . TYR A 1 154 ? 3.341   14.775  11.292  1.00 37.26 ? 154 TYR A CA  1 
ATOM   1030 C C   . TYR A 1 154 ? 2.564   15.957  11.892  1.00 37.83 ? 154 TYR A C   1 
ATOM   1031 O O   . TYR A 1 154 ? 1.654   16.495  11.267  1.00 37.81 ? 154 TYR A O   1 
ATOM   1032 C CB  . TYR A 1 154 ? 3.076   13.499  12.114  1.00 37.39 ? 154 TYR A CB  1 
ATOM   1033 C CG  . TYR A 1 154 ? 1.616   13.237  12.432  1.00 36.50 ? 154 TYR A CG  1 
ATOM   1034 C CD1 . TYR A 1 154 ? 0.741   12.747  11.459  1.00 37.39 ? 154 TYR A CD1 1 
ATOM   1035 C CD2 . TYR A 1 154 ? 1.102   13.509  13.699  1.00 36.44 ? 154 TYR A CD2 1 
ATOM   1036 C CE1 . TYR A 1 154 ? -0.610  12.534  11.742  1.00 37.96 ? 154 TYR A CE1 1 
ATOM   1037 C CE2 . TYR A 1 154 ? -0.245  13.306  13.989  1.00 36.24 ? 154 TYR A CE2 1 
ATOM   1038 C CZ  . TYR A 1 154 ? -1.095  12.817  13.008  1.00 36.91 ? 154 TYR A CZ  1 
ATOM   1039 O OH  . TYR A 1 154 ? -2.429  12.629  13.297  1.00 38.39 ? 154 TYR A OH  1 
ATOM   1040 N N   . ASP A 1 155 ? 2.918   16.359  13.106  1.00 38.86 ? 155 ASP A N   1 
ATOM   1041 C CA  . ASP A 1 155 ? 2.228   17.468  13.749  1.00 41.44 ? 155 ASP A CA  1 
ATOM   1042 C C   . ASP A 1 155 ? 2.323   18.742  12.926  1.00 41.94 ? 155 ASP A C   1 
ATOM   1043 O O   . ASP A 1 155 ? 1.405   19.567  12.925  1.00 42.78 ? 155 ASP A O   1 
ATOM   1044 C CB  . ASP A 1 155 ? 2.810   17.717  15.134  1.00 43.32 ? 155 ASP A CB  1 
ATOM   1045 C CG  . ASP A 1 155 ? 2.711   16.505  16.024  1.00 46.71 ? 155 ASP A CG  1 
ATOM   1046 O OD1 . ASP A 1 155 ? 1.643   15.852  16.022  1.00 49.21 ? 155 ASP A OD1 1 
ATOM   1047 O OD2 . ASP A 1 155 ? 3.700   16.209  16.728  1.00 48.75 ? 155 ASP A OD2 1 
ATOM   1048 N N   . LYS A 1 156 ? 3.445   18.899  12.229  1.00 41.75 ? 156 LYS A N   1 
ATOM   1049 C CA  . LYS A 1 156 ? 3.664   20.073  11.402  1.00 41.23 ? 156 LYS A CA  1 
ATOM   1050 C C   . LYS A 1 156 ? 2.780   20.002  10.156  1.00 39.09 ? 156 LYS A C   1 
ATOM   1051 O O   . LYS A 1 156 ? 2.409   21.030  9.582   1.00 40.81 ? 156 LYS A O   1 
ATOM   1052 C CB  . LYS A 1 156 ? 5.143   20.168  11.005  1.00 42.89 ? 156 LYS A CB  1 
ATOM   1053 C CG  . LYS A 1 156 ? 5.486   21.401  10.168  1.00 46.13 ? 156 LYS A CG  1 
ATOM   1054 C CD  . LYS A 1 156 ? 6.982   21.502  9.884   1.00 47.16 ? 156 LYS A CD  1 
ATOM   1055 C CE  . LYS A 1 156 ? 7.777   21.611  11.178  1.00 50.30 ? 156 LYS A CE  1 
ATOM   1056 N NZ  . LYS A 1 156 ? 9.238   21.805  10.946  1.00 51.30 ? 156 LYS A NZ  1 
ATOM   1057 N N   . THR A 1 157 ? 2.430   18.787  9.750   1.00 35.73 ? 157 THR A N   1 
ATOM   1058 C CA  . THR A 1 157 ? 1.583   18.607  8.583   1.00 32.11 ? 157 THR A CA  1 
ATOM   1059 C C   . THR A 1 157 ? 0.124   18.772  8.980   1.00 32.07 ? 157 THR A C   1 
ATOM   1060 O O   . THR A 1 157 ? -0.675  19.317  8.222   1.00 29.86 ? 157 THR A O   1 
ATOM   1061 C CB  . THR A 1 157 ? 1.816   17.213  7.933   1.00 29.67 ? 157 THR A CB  1 
ATOM   1062 O OG1 . THR A 1 157 ? 3.159   17.141  7.441   1.00 27.23 ? 157 THR A OG1 1 
ATOM   1063 C CG2 . THR A 1 157 ? 0.858   16.987  6.767   1.00 27.51 ? 157 THR A CG2 1 
ATOM   1064 N N   . VAL A 1 158 ? -0.220  18.311  10.175  1.00 31.99 ? 158 VAL A N   1 
ATOM   1065 C CA  . VAL A 1 158 ? -1.592  18.446  10.640  1.00 34.19 ? 158 VAL A CA  1 
ATOM   1066 C C   . VAL A 1 158 ? -1.897  19.933  10.819  1.00 35.92 ? 158 VAL A C   1 
ATOM   1067 O O   . VAL A 1 158 ? -2.998  20.401  10.521  1.00 35.54 ? 158 VAL A O   1 
ATOM   1068 C CB  . VAL A 1 158 ? -1.815  17.731  11.988  1.00 33.68 ? 158 VAL A CB  1 
ATOM   1069 C CG1 . VAL A 1 158 ? -3.223  17.992  12.478  1.00 34.84 ? 158 VAL A CG1 1 
ATOM   1070 C CG2 . VAL A 1 158 ? -1.595  16.242  11.833  1.00 34.58 ? 158 VAL A CG2 1 
ATOM   1071 N N   . GLU A 1 159 ? -0.912  20.676  11.310  1.00 37.60 ? 159 GLU A N   1 
ATOM   1072 C CA  . GLU A 1 159 ? -1.089  22.099  11.520  1.00 39.34 ? 159 GLU A CA  1 
ATOM   1073 C C   . GLU A 1 159 ? -1.266  22.815  10.184  1.00 39.95 ? 159 GLU A C   1 
ATOM   1074 O O   . GLU A 1 159 ? -2.225  23.572  10.000  1.00 40.40 ? 159 GLU A O   1 
ATOM   1075 C CB  . GLU A 1 159 ? 0.106   22.670  12.269  1.00 40.67 ? 159 GLU A CB  1 
ATOM   1076 C CG  . GLU A 1 159 ? -0.075  24.122  12.663  1.00 45.36 ? 159 GLU A CG  1 
ATOM   1077 C CD  . GLU A 1 159 ? -1.340  24.362  13.479  1.00 46.90 ? 159 GLU A CD  1 
ATOM   1078 O OE1 . GLU A 1 159 ? -1.503  23.731  14.551  1.00 45.86 ? 159 GLU A OE1 1 
ATOM   1079 O OE2 . GLU A 1 159 ? -2.166  25.191  13.041  1.00 48.18 ? 159 GLU A OE2 1 
ATOM   1080 N N   . ALA A 1 160 ? -0.347  22.570  9.251   1.00 38.53 ? 160 ALA A N   1 
ATOM   1081 C CA  . ALA A 1 160 ? -0.420  23.185  7.931   1.00 37.31 ? 160 ALA A CA  1 
ATOM   1082 C C   . ALA A 1 160 ? -1.826  22.994  7.353   1.00 37.38 ? 160 ALA A C   1 
ATOM   1083 O O   . ALA A 1 160 ? -2.410  23.926  6.796   1.00 38.23 ? 160 ALA A O   1 
ATOM   1084 C CB  . ALA A 1 160 ? 0.627   22.570  7.003   1.00 35.81 ? 160 ALA A CB  1 
ATOM   1085 N N   . ALA A 1 161 ? -2.365  21.783  7.495   1.00 36.01 ? 161 ALA A N   1 
ATOM   1086 C CA  . ALA A 1 161 ? -3.702  21.465  7.000   1.00 32.61 ? 161 ALA A CA  1 
ATOM   1087 C C   . ALA A 1 161 ? -4.736  22.331  7.716   1.00 32.42 ? 161 ALA A C   1 
ATOM   1088 O O   . ALA A 1 161 ? -5.721  22.761  7.114   1.00 32.31 ? 161 ALA A O   1 
ATOM   1089 C CB  . ALA A 1 161 ? -4.002  20.001  7.222   1.00 28.86 ? 161 ALA A CB  1 
ATOM   1090 N N   . LYS A 1 162 ? -4.512  22.567  9.007   1.00 32.50 ? 162 LYS A N   1 
ATOM   1091 C CA  . LYS A 1 162 ? -5.413  23.405  9.789   1.00 34.09 ? 162 LYS A CA  1 
ATOM   1092 C C   . LYS A 1 162 ? -5.189  24.843  9.341   1.00 35.63 ? 162 LYS A C   1 
ATOM   1093 O O   . LYS A 1 162 ? -6.140  25.586  9.105   1.00 33.01 ? 162 LYS A O   1 
ATOM   1094 C CB  . LYS A 1 162 ? -5.100  23.289  11.276  1.00 32.72 ? 162 LYS A CB  1 
ATOM   1095 C CG  . LYS A 1 162 ? -5.351  21.917  11.857  1.00 32.70 ? 162 LYS A CG  1 
ATOM   1096 C CD  . LYS A 1 162 ? -5.071  21.951  13.344  1.00 31.02 ? 162 LYS A CD  1 
ATOM   1097 C CE  . LYS A 1 162 ? -5.332  20.629  14.018  1.00 30.82 ? 162 LYS A CE  1 
ATOM   1098 N NZ  . LYS A 1 162 ? -5.093  20.761  15.486  1.00 31.12 ? 162 LYS A NZ  1 
ATOM   1099 N N   . GLN A 1 163 ? -3.910  25.211  9.241   1.00 37.69 ? 163 GLN A N   1 
ATOM   1100 C CA  . GLN A 1 163 ? -3.479  26.534  8.802   1.00 38.65 ? 163 GLN A CA  1 
ATOM   1101 C C   . GLN A 1 163 ? -4.354  26.945  7.614   1.00 37.92 ? 163 GLN A C   1 
ATOM   1102 O O   . GLN A 1 163 ? -5.023  27.978  7.641   1.00 37.77 ? 163 GLN A O   1 
ATOM   1103 C CB  . GLN A 1 163 ? -2.010  26.472  8.369   1.00 41.64 ? 163 GLN A CB  1 
ATOM   1104 C CG  . GLN A 1 163 ? -1.230  27.746  8.621   1.00 46.23 ? 163 GLN A CG  1 
ATOM   1105 C CD  . GLN A 1 163 ? -0.992  27.993  10.102  1.00 48.92 ? 163 GLN A CD  1 
ATOM   1106 O OE1 . GLN A 1 163 ? -0.470  29.049  10.496  1.00 50.01 ? 163 GLN A OE1 1 
ATOM   1107 N NE2 . GLN A 1 163 ? -1.368  27.018  10.933  1.00 46.93 ? 163 GLN A NE2 1 
ATOM   1108 N N   . ARG A 1 164 ? -4.333  26.123  6.571   1.00 36.95 ? 164 ARG A N   1 
ATOM   1109 C CA  . ARG A 1 164 ? -5.134  26.363  5.382   1.00 36.94 ? 164 ARG A CA  1 
ATOM   1110 C C   . ARG A 1 164 ? -6.564  26.001  5.759   1.00 37.48 ? 164 ARG A C   1 
ATOM   1111 O O   . ARG A 1 164 ? -6.839  25.690  6.918   1.00 37.99 ? 164 ARG A O   1 
ATOM   1112 C CB  . ARG A 1 164 ? -4.624  25.485  4.238   1.00 35.40 ? 164 ARG A CB  1 
ATOM   1113 C CG  . ARG A 1 164 ? -3.118  25.606  4.077   1.00 35.63 ? 164 ARG A CG  1 
ATOM   1114 C CD  . ARG A 1 164 ? -2.570  24.845  2.891   1.00 36.10 ? 164 ARG A CD  1 
ATOM   1115 N NE  . ARG A 1 164 ? -1.113  24.984  2.813   1.00 38.12 ? 164 ARG A NE  1 
ATOM   1116 C CZ  . ARG A 1 164 ? -0.357  24.471  1.842   1.00 40.21 ? 164 ARG A CZ  1 
ATOM   1117 N NH1 . ARG A 1 164 ? -0.917  23.779  0.852   1.00 39.48 ? 164 ARG A NH1 1 
ATOM   1118 N NH2 . ARG A 1 164 ? 0.961   24.648  1.862   1.00 38.75 ? 164 ARG A NH2 1 
ATOM   1119 N N   . GLY A 1 165 ? -7.486  26.036  4.808   1.00 37.75 ? 165 GLY A N   1 
ATOM   1120 C CA  . GLY A 1 165 ? -8.861  25.709  5.157   1.00 38.50 ? 165 GLY A CA  1 
ATOM   1121 C C   . GLY A 1 165 ? -9.164  24.222  5.164   1.00 38.54 ? 165 GLY A C   1 
ATOM   1122 O O   . GLY A 1 165 ? -10.324 23.832  5.293   1.00 37.95 ? 165 GLY A O   1 
ATOM   1123 N N   . PHE A 1 166 ? -8.120  23.402  5.046   1.00 39.40 ? 166 PHE A N   1 
ATOM   1124 C CA  . PHE A 1 166 ? -8.247  21.944  4.996   1.00 40.19 ? 166 PHE A CA  1 
ATOM   1125 C C   . PHE A 1 166 ? -8.685  21.262  6.296   1.00 40.87 ? 166 PHE A C   1 
ATOM   1126 O O   . PHE A 1 166 ? -7.848  20.784  7.068   1.00 43.12 ? 166 PHE A O   1 
ATOM   1127 C CB  . PHE A 1 166 ? -6.921  21.332  4.536   1.00 39.21 ? 166 PHE A CB  1 
ATOM   1128 C CG  . PHE A 1 166 ? -6.348  21.969  3.298   1.00 39.04 ? 166 PHE A CG  1 
ATOM   1129 C CD1 . PHE A 1 166 ? -7.141  22.746  2.450   1.00 39.54 ? 166 PHE A CD1 1 
ATOM   1130 C CD2 . PHE A 1 166 ? -5.012  21.769  2.964   1.00 38.90 ? 166 PHE A CD2 1 
ATOM   1131 C CE1 . PHE A 1 166 ? -6.608  23.313  1.288   1.00 38.84 ? 166 PHE A CE1 1 
ATOM   1132 C CE2 . PHE A 1 166 ? -4.470  22.330  1.803   1.00 38.54 ? 166 PHE A CE2 1 
ATOM   1133 C CZ  . PHE A 1 166 ? -5.271  23.104  0.965   1.00 39.43 ? 166 PHE A CZ  1 
ATOM   1134 N N   . HIS A 1 167 ? -9.996  21.190  6.518   1.00 39.33 ? 167 HIS A N   1 
ATOM   1135 C CA  . HIS A 1 167 ? -10.545 20.575  7.724   1.00 38.61 ? 167 HIS A CA  1 
ATOM   1136 C C   . HIS A 1 167 ? -10.808 19.082  7.556   1.00 37.92 ? 167 HIS A C   1 
ATOM   1137 O O   . HIS A 1 167 ? -10.604 18.306  8.489   1.00 37.06 ? 167 HIS A O   1 
ATOM   1138 C CB  . HIS A 1 167 ? -11.834 21.296  8.127   1.00 40.65 ? 167 HIS A CB  1 
ATOM   1139 C CG  . HIS A 1 167 ? -11.620 22.716  8.549   1.00 42.49 ? 167 HIS A CG  1 
ATOM   1140 N ND1 . HIS A 1 167 ? -12.619 23.665  8.504   1.00 42.78 ? 167 HIS A ND1 1 
ATOM   1141 C CD2 . HIS A 1 167 ? -10.522 23.346  9.025   1.00 43.21 ? 167 HIS A CD2 1 
ATOM   1142 C CE1 . HIS A 1 167 ? -12.142 24.820  8.930   1.00 44.02 ? 167 HIS A CE1 1 
ATOM   1143 N NE2 . HIS A 1 167 ? -10.873 24.654  9.253   1.00 44.93 ? 167 HIS A NE2 1 
ATOM   1144 N N   . GLN A 1 168 ? -11.271 18.681  6.376   1.00 36.77 ? 168 GLN A N   1 
ATOM   1145 C CA  . GLN A 1 168 ? -11.530 17.274  6.123   1.00 36.18 ? 168 GLN A CA  1 
ATOM   1146 C C   . GLN A 1 168 ? -10.196 16.536  6.136   1.00 36.62 ? 168 GLN A C   1 
ATOM   1147 O O   . GLN A 1 168 ? -10.087 15.441  6.686   1.00 38.37 ? 168 GLN A O   1 
ATOM   1148 C CB  . GLN A 1 168 ? -12.241 17.076  4.778   1.00 36.95 ? 168 GLN A CB  1 
ATOM   1149 C CG  . GLN A 1 168 ? -13.778 17.239  4.808   1.00 37.84 ? 168 GLN A CG  1 
ATOM   1150 C CD  . GLN A 1 168 ? -14.244 18.696  4.863   1.00 39.86 ? 168 GLN A CD  1 
ATOM   1151 O OE1 . GLN A 1 168 ? -14.911 19.114  5.813   1.00 38.24 ? 168 GLN A OE1 1 
ATOM   1152 N NE2 . GLN A 1 168 ? -13.895 19.470  3.836   1.00 39.10 ? 168 GLN A NE2 1 
ATOM   1153 N N   . LEU A 1 169 ? -9.172  17.148  5.549   1.00 35.90 ? 169 LEU A N   1 
ATOM   1154 C CA  . LEU A 1 169 ? -7.844  16.541  5.510   1.00 35.24 ? 169 LEU A CA  1 
ATOM   1155 C C   . LEU A 1 169 ? -7.263  16.401  6.919   1.00 34.27 ? 169 LEU A C   1 
ATOM   1156 O O   . LEU A 1 169 ? -6.687  15.371  7.255   1.00 33.77 ? 169 LEU A O   1 
ATOM   1157 C CB  . LEU A 1 169 ? -6.887  17.385  4.657   1.00 35.26 ? 169 LEU A CB  1 
ATOM   1158 C CG  . LEU A 1 169 ? -5.653  16.738  3.992   1.00 35.28 ? 169 LEU A CG  1 
ATOM   1159 C CD1 . LEU A 1 169 ? -4.548  17.785  3.929   1.00 33.21 ? 169 LEU A CD1 1 
ATOM   1160 C CD2 . LEU A 1 169 ? -5.152  15.515  4.754   1.00 32.89 ? 169 LEU A CD2 1 
ATOM   1161 N N   . ALA A 1 170 ? -7.397  17.443  7.734   1.00 34.79 ? 170 ALA A N   1 
ATOM   1162 C CA  . ALA A 1 170 ? -6.880  17.420  9.105   1.00 33.67 ? 170 ALA A CA  1 
ATOM   1163 C C   . ALA A 1 170 ? -7.564  16.320  9.902   1.00 34.10 ? 170 ALA A C   1 
ATOM   1164 O O   . ALA A 1 170 ? -6.955  15.694  10.777  1.00 33.95 ? 170 ALA A O   1 
ATOM   1165 C CB  . ALA A 1 170 ? -7.108  18.768  9.781   1.00 33.14 ? 170 ALA A CB  1 
ATOM   1166 N N   . ASN A 1 171 ? -8.838  16.082  9.612   1.00 34.15 ? 171 ASN A N   1 
ATOM   1167 C CA  . ASN A 1 171 ? -9.551  15.027  10.316  1.00 33.07 ? 171 ASN A CA  1 
ATOM   1168 C C   . ASN A 1 171 ? -8.903  13.715  9.877   1.00 31.56 ? 171 ASN A C   1 
ATOM   1169 O O   . ASN A 1 171 ? -8.433  12.937  10.707  1.00 32.07 ? 171 ASN A O   1 
ATOM   1170 C CB  . ASN A 1 171 ? -11.040 15.026  9.958   1.00 33.24 ? 171 ASN A CB  1 
ATOM   1171 C CG  . ASN A 1 171 ? -11.892 14.316  11.008  1.00 34.16 ? 171 ASN A CG  1 
ATOM   1172 O OD1 . ASN A 1 171 ? -12.931 13.744  10.690  1.00 35.30 ? 171 ASN A OD1 1 
ATOM   1173 N ND2 . ASN A 1 171 ? -11.458 14.365  12.270  1.00 31.20 ? 171 ASN A ND2 1 
ATOM   1174 N N   . ASP A 1 172 ? -8.867  13.490  8.567   1.00 29.98 ? 172 ASP A N   1 
ATOM   1175 C CA  . ASP A 1 172 ? -8.269  12.287  8.002   1.00 27.51 ? 172 ASP A CA  1 
ATOM   1176 C C   . ASP A 1 172 ? -6.958  11.953  8.717   1.00 28.08 ? 172 ASP A C   1 
ATOM   1177 O O   . ASP A 1 172 ? -6.766  10.837  9.205   1.00 30.59 ? 172 ASP A O   1 
ATOM   1178 C CB  . ASP A 1 172 ? -7.992  12.495  6.510   1.00 29.68 ? 172 ASP A CB  1 
ATOM   1179 C CG  . ASP A 1 172 ? -7.638  11.203  5.798   1.00 31.80 ? 172 ASP A CG  1 
ATOM   1180 O OD1 . ASP A 1 172 ? -6.982  10.343  6.420   1.00 35.21 ? 172 ASP A OD1 1 
ATOM   1181 O OD2 . ASP A 1 172 ? -8.004  11.045  4.616   1.00 30.98 ? 172 ASP A OD2 1 
ATOM   1182 N N   . LEU A 1 173 ? -6.063  12.933  8.787   1.00 25.72 ? 173 LEU A N   1 
ATOM   1183 C CA  . LEU A 1 173 ? -4.763  12.761  9.414   1.00 26.56 ? 173 LEU A CA  1 
ATOM   1184 C C   . LEU A 1 173 ? -4.779  12.365  10.877  1.00 27.95 ? 173 LEU A C   1 
ATOM   1185 O O   . LEU A 1 173 ? -3.858  11.710  11.348  1.00 29.00 ? 173 LEU A O   1 
ATOM   1186 C CB  . LEU A 1 173 ? -3.943  14.036  9.274   1.00 25.47 ? 173 LEU A CB  1 
ATOM   1187 C CG  . LEU A 1 173 ? -3.692  14.452  7.832   1.00 26.49 ? 173 LEU A CG  1 
ATOM   1188 C CD1 . LEU A 1 173 ? -3.161  15.876  7.797   1.00 25.26 ? 173 LEU A CD1 1 
ATOM   1189 C CD2 . LEU A 1 173 ? -2.724  13.468  7.181   1.00 26.00 ? 173 LEU A CD2 1 
ATOM   1190 N N   . GLN A 1 174 ? -5.807  12.765  11.610  1.00 29.65 ? 174 GLN A N   1 
ATOM   1191 C CA  . GLN A 1 174 ? -5.866  12.432  13.029  1.00 30.19 ? 174 GLN A CA  1 
ATOM   1192 C C   . GLN A 1 174 ? -6.789  11.248  13.306  1.00 31.37 ? 174 GLN A C   1 
ATOM   1193 O O   . GLN A 1 174 ? -6.912  10.800  14.443  1.00 31.30 ? 174 GLN A O   1 
ATOM   1194 C CB  . GLN A 1 174 ? -6.335  13.641  13.827  1.00 30.43 ? 174 GLN A CB  1 
ATOM   1195 C CG  . GLN A 1 174 ? -5.638  14.929  13.470  1.00 31.71 ? 174 GLN A CG  1 
ATOM   1196 C CD  . GLN A 1 174 ? -6.189  16.104  14.246  1.00 32.50 ? 174 GLN A CD  1 
ATOM   1197 O OE1 . GLN A 1 174 ? -6.070  16.160  15.474  1.00 32.00 ? 174 GLN A OE1 1 
ATOM   1198 N NE2 . GLN A 1 174 ? -6.809  17.046  13.539  1.00 31.53 ? 174 GLN A NE2 1 
ATOM   1199 N N   . THR A 1 175 ? -7.439  10.751  12.259  1.00 32.15 ? 175 THR A N   1 
ATOM   1200 C CA  . THR A 1 175 ? -8.363  9.626   12.361  1.00 32.59 ? 175 THR A CA  1 
ATOM   1201 C C   . THR A 1 175 ? -7.694  8.348   11.874  1.00 32.51 ? 175 THR A C   1 
ATOM   1202 O O   . THR A 1 175 ? -7.495  7.425   12.657  1.00 33.96 ? 175 THR A O   1 
ATOM   1203 C CB  . THR A 1 175 ? -9.637  9.901   11.534  1.00 33.10 ? 175 THR A CB  1 
ATOM   1204 O OG1 . THR A 1 175 ? -10.395 10.927  12.178  1.00 35.21 ? 175 THR A OG1 1 
ATOM   1205 C CG2 . THR A 1 175 ? -10.492 8.659   11.410  1.00 34.48 ? 175 THR A CG2 1 
ATOM   1206 N N   . GLU A 1 176 ? -7.346  8.294   10.586  1.00 31.58 ? 176 GLU A N   1 
ATOM   1207 C CA  . GLU A 1 176 ? -6.684  7.123   10.017  1.00 30.41 ? 176 GLU A CA  1 
ATOM   1208 C C   . GLU A 1 176 ? -5.441  6.783   10.832  1.00 29.73 ? 176 GLU A C   1 
ATOM   1209 O O   . GLU A 1 176 ? -5.031  7.553   11.698  1.00 30.48 ? 176 GLU A O   1 
ATOM   1210 C CB  . GLU A 1 176 ? -6.270  7.385   8.570   1.00 32.37 ? 176 GLU A CB  1 
ATOM   1211 C CG  . GLU A 1 176 ? -7.417  7.646   7.616   1.00 35.56 ? 176 GLU A CG  1 
ATOM   1212 C CD  . GLU A 1 176 ? -8.494  6.583   7.690   1.00 37.52 ? 176 GLU A CD  1 
ATOM   1213 O OE1 . GLU A 1 176 ? -8.165  5.375   7.764   1.00 38.14 ? 176 GLU A OE1 1 
ATOM   1214 O OE2 . GLU A 1 176 ? -9.684  6.959   7.668   1.00 39.83 ? 176 GLU A OE2 1 
ATOM   1215 N N   . TYR A 1 177 ? -4.829  5.639   10.548  1.00 30.47 ? 177 TYR A N   1 
ATOM   1216 C CA  . TYR A 1 177 ? -3.639  5.220   11.287  1.00 29.14 ? 177 TYR A CA  1 
ATOM   1217 C C   . TYR A 1 177 ? -2.342  5.450   10.504  1.00 28.18 ? 177 TYR A C   1 
ATOM   1218 O O   . TYR A 1 177 ? -1.694  4.506   10.049  1.00 27.63 ? 177 TYR A O   1 
ATOM   1219 C CB  . TYR A 1 177 ? -3.755  3.741   11.684  1.00 28.42 ? 177 TYR A CB  1 
ATOM   1220 C CG  . TYR A 1 177 ? -5.085  3.376   12.295  1.00 28.99 ? 177 TYR A CG  1 
ATOM   1221 C CD1 . TYR A 1 177 ? -5.502  3.945   13.492  1.00 28.38 ? 177 TYR A CD1 1 
ATOM   1222 C CD2 . TYR A 1 177 ? -5.969  2.526   11.625  1.00 30.74 ? 177 TYR A CD2 1 
ATOM   1223 C CE1 . TYR A 1 177 ? -6.774  3.689   14.007  1.00 30.46 ? 177 TYR A CE1 1 
ATOM   1224 C CE2 . TYR A 1 177 ? -7.245  2.263   12.128  1.00 31.70 ? 177 TYR A CE2 1 
ATOM   1225 C CZ  . TYR A 1 177 ? -7.644  2.851   13.317  1.00 31.46 ? 177 TYR A CZ  1 
ATOM   1226 O OH  . TYR A 1 177 ? -8.916  2.631   13.803  1.00 30.98 ? 177 TYR A OH  1 
ATOM   1227 N N   . TYR A 1 178 ? -1.976  6.712   10.329  1.00 27.38 ? 178 TYR A N   1 
ATOM   1228 C CA  . TYR A 1 178 ? -0.741  7.023   9.630   1.00 25.85 ? 178 TYR A CA  1 
ATOM   1229 C C   . TYR A 1 178 ? 0.347   6.802   10.662  1.00 25.63 ? 178 TYR A C   1 
ATOM   1230 O O   . TYR A 1 178 ? 0.121   6.969   11.862  1.00 23.08 ? 178 TYR A O   1 
ATOM   1231 C CB  . TYR A 1 178 ? -0.756  8.466   9.120   1.00 24.67 ? 178 TYR A CB  1 
ATOM   1232 C CG  . TYR A 1 178 ? -1.865  8.687   8.115   1.00 23.71 ? 178 TYR A CG  1 
ATOM   1233 C CD1 . TYR A 1 178 ? -1.849  8.026   6.883   1.00 22.31 ? 178 TYR A CD1 1 
ATOM   1234 C CD2 . TYR A 1 178 ? -2.983  9.470   8.432   1.00 21.64 ? 178 TYR A CD2 1 
ATOM   1235 C CE1 . TYR A 1 178 ? -2.919  8.125   5.996   1.00 19.70 ? 178 TYR A CE1 1 
ATOM   1236 C CE2 . TYR A 1 178 ? -4.065  9.574   7.551   1.00 20.21 ? 178 TYR A CE2 1 
ATOM   1237 C CZ  . TYR A 1 178 ? -4.023  8.895   6.336   1.00 18.79 ? 178 TYR A CZ  1 
ATOM   1238 O OH  . TYR A 1 178 ? -5.096  8.963   5.464   1.00 21.98 ? 178 TYR A OH  1 
ATOM   1239 N N   . THR A 1 179 ? 1.522   6.390   10.216  1.00 26.11 ? 179 THR A N   1 
ATOM   1240 C CA  . THR A 1 179 ? 2.585   6.157   11.177  1.00 25.70 ? 179 THR A CA  1 
ATOM   1241 C C   . THR A 1 179 ? 3.886   6.795   10.714  1.00 25.24 ? 179 THR A C   1 
ATOM   1242 O O   . THR A 1 179 ? 3.908   7.574   9.764   1.00 22.54 ? 179 THR A O   1 
ATOM   1243 C CB  . THR A 1 179 ? 2.768   4.636   11.426  1.00 26.98 ? 179 THR A CB  1 
ATOM   1244 O OG1 . THR A 1 179 ? 3.730   4.432   12.468  1.00 30.50 ? 179 THR A OG1 1 
ATOM   1245 C CG2 . THR A 1 179 ? 3.220   3.928   10.156  1.00 24.46 ? 179 THR A CG2 1 
ATOM   1246 N N   . ARG A 1 180 ? 4.970   6.461   11.391  1.00 27.22 ? 180 ARG A N   1 
ATOM   1247 C CA  . ARG A 1 180 ? 6.269   7.012   11.058  1.00 27.79 ? 180 ARG A CA  1 
ATOM   1248 C C   . ARG A 1 180 ? 7.126   6.011   10.303  1.00 27.20 ? 180 ARG A C   1 
ATOM   1249 O O   . ARG A 1 180 ? 6.925   4.800   10.407  1.00 24.11 ? 180 ARG A O   1 
ATOM   1250 C CB  . ARG A 1 180 ? 6.956   7.449   12.342  1.00 30.27 ? 180 ARG A CB  1 
ATOM   1251 C CG  . ARG A 1 180 ? 6.192   8.546   13.080  1.00 34.76 ? 180 ARG A CG  1 
ATOM   1252 C CD  . ARG A 1 180 ? 6.355   8.415   14.586  1.00 40.10 ? 180 ARG A CD  1 
ATOM   1253 N NE  . ARG A 1 180 ? 5.613   7.266   15.087  1.00 44.79 ? 180 ARG A NE  1 
ATOM   1254 C CZ  . ARG A 1 180 ? 5.641   6.846   16.346  1.00 45.57 ? 180 ARG A CZ  1 
ATOM   1255 N NH1 . ARG A 1 180 ? 6.384   7.486   17.239  1.00 46.74 ? 180 ARG A NH1 1 
ATOM   1256 N NH2 . ARG A 1 180 ? 4.914   5.797   16.713  1.00 44.06 ? 180 ARG A NH2 1 
ATOM   1257 N N   . ILE A 1 181 ? 8.078   6.530   9.533   1.00 27.31 ? 181 ILE A N   1 
ATOM   1258 C CA  . ILE A 1 181 ? 8.996   5.693   8.766   1.00 26.84 ? 181 ILE A CA  1 
ATOM   1259 C C   . ILE A 1 181 ? 9.802   4.727   9.662   1.00 26.42 ? 181 ILE A C   1 
ATOM   1260 O O   . ILE A 1 181 ? 9.956   3.550   9.328   1.00 23.33 ? 181 ILE A O   1 
ATOM   1261 C CB  . ILE A 1 181 ? 9.949   6.581   7.919   1.00 27.04 ? 181 ILE A CB  1 
ATOM   1262 C CG1 . ILE A 1 181 ? 9.140   7.269   6.814   1.00 27.99 ? 181 ILE A CG1 1 
ATOM   1263 C CG2 . ILE A 1 181 ? 11.079  5.734   7.312   1.00 26.85 ? 181 ILE A CG2 1 
ATOM   1264 C CD1 . ILE A 1 181 ? 9.966   8.176   5.906   1.00 30.20 ? 181 ILE A CD1 1 
ATOM   1265 N N   . PRO A 1 182 ? 10.337  5.213   10.800  1.00 27.00 ? 182 PRO A N   1 
ATOM   1266 C CA  . PRO A 1 182 ? 11.110  4.342   11.695  1.00 27.18 ? 182 PRO A CA  1 
ATOM   1267 C C   . PRO A 1 182 ? 10.319  3.159   12.261  1.00 26.61 ? 182 PRO A C   1 
ATOM   1268 O O   . PRO A 1 182 ? 10.871  2.072   12.452  1.00 27.33 ? 182 PRO A O   1 
ATOM   1269 C CB  . PRO A 1 182 ? 11.585  5.306   12.773  1.00 26.60 ? 182 PRO A CB  1 
ATOM   1270 C CG  . PRO A 1 182 ? 11.811  6.546   11.988  1.00 26.51 ? 182 PRO A CG  1 
ATOM   1271 C CD  . PRO A 1 182 ? 10.580  6.626   11.132  1.00 26.02 ? 182 PRO A CD  1 
ATOM   1272 N N   . VAL A 1 183 ? 9.034   3.374   12.537  1.00 26.24 ? 183 VAL A N   1 
ATOM   1273 C CA  . VAL A 1 183 ? 8.172   2.311   13.054  1.00 23.51 ? 183 VAL A CA  1 
ATOM   1274 C C   . VAL A 1 183 ? 8.004   1.234   11.978  1.00 22.82 ? 183 VAL A C   1 
ATOM   1275 O O   . VAL A 1 183 ? 8.154   0.041   12.243  1.00 25.46 ? 183 VAL A O   1 
ATOM   1276 C CB  . VAL A 1 183 ? 6.777   2.858   13.447  1.00 22.88 ? 183 VAL A CB  1 
ATOM   1277 C CG1 . VAL A 1 183 ? 5.836   1.710   13.776  1.00 21.76 ? 183 VAL A CG1 1 
ATOM   1278 C CG2 . VAL A 1 183 ? 6.904   3.777   14.649  1.00 20.95 ? 183 VAL A CG2 1 
ATOM   1279 N N   . MET A 1 184 ? 7.705   1.668   10.761  1.00 21.94 ? 184 MET A N   1 
ATOM   1280 C CA  . MET A 1 184 ? 7.524   0.766   9.639   1.00 22.29 ? 184 MET A CA  1 
ATOM   1281 C C   . MET A 1 184 ? 8.832   0.029   9.358   1.00 24.36 ? 184 MET A C   1 
ATOM   1282 O O   . MET A 1 184 ? 8.843   -1.123  8.927   1.00 25.56 ? 184 MET A O   1 
ATOM   1283 C CB  . MET A 1 184 ? 7.106   1.571   8.414   1.00 21.50 ? 184 MET A CB  1 
ATOM   1284 C CG  . MET A 1 184 ? 6.249   0.794   7.456   1.00 27.50 ? 184 MET A CG  1 
ATOM   1285 S SD  . MET A 1 184 ? 4.720   0.223   8.253   1.00 24.33 ? 184 MET A SD  1 
ATOM   1286 C CE  . MET A 1 184 ? 3.572   1.375   7.595   1.00 26.39 ? 184 MET A CE  1 
ATOM   1287 N N   . GLN A 1 185 ? 9.934   0.726   9.602   1.00 27.18 ? 185 GLN A N   1 
ATOM   1288 C CA  . GLN A 1 185 ? 11.286  0.199   9.416   1.00 28.03 ? 185 GLN A CA  1 
ATOM   1289 C C   . GLN A 1 185 ? 11.510  -1.008  10.334  1.00 27.01 ? 185 GLN A C   1 
ATOM   1290 O O   . GLN A 1 185 ? 11.996  -2.055  9.902   1.00 24.67 ? 185 GLN A O   1 
ATOM   1291 C CB  . GLN A 1 185 ? 12.301  1.293   9.772   1.00 31.25 ? 185 GLN A CB  1 
ATOM   1292 C CG  . GLN A 1 185 ? 13.751  0.888   9.649   1.00 34.69 ? 185 GLN A CG  1 
ATOM   1293 C CD  . GLN A 1 185 ? 14.225  0.903   8.218   1.00 36.59 ? 185 GLN A CD  1 
ATOM   1294 O OE1 . GLN A 1 185 ? 14.300  1.960   7.583   1.00 38.33 ? 185 GLN A OE1 1 
ATOM   1295 N NE2 . GLN A 1 185 ? 14.541  -0.273  7.693   1.00 37.97 ? 185 GLN A NE2 1 
ATOM   1296 N N   . THR A 1 186 ? 11.159  -0.839  11.606  1.00 25.35 ? 186 THR A N   1 
ATOM   1297 C CA  . THR A 1 186 ? 11.318  -1.903  12.578  1.00 25.38 ? 186 THR A CA  1 
ATOM   1298 C C   . THR A 1 186 ? 10.430  -3.100  12.283  1.00 25.25 ? 186 THR A C   1 
ATOM   1299 O O   . THR A 1 186 ? 10.849  -4.242  12.447  1.00 24.05 ? 186 THR A O   1 
ATOM   1300 C CB  . THR A 1 186 ? 10.989  -1.418  13.986  1.00 26.81 ? 186 THR A CB  1 
ATOM   1301 O OG1 . THR A 1 186 ? 11.958  -0.445  14.389  1.00 28.27 ? 186 THR A OG1 1 
ATOM   1302 C CG2 . THR A 1 186 ? 11.011  -2.581  14.959  1.00 23.41 ? 186 THR A CG2 1 
ATOM   1303 N N   . ILE A 1 187 ? 9.197   -2.838  11.860  1.00 25.01 ? 187 ILE A N   1 
ATOM   1304 C CA  . ILE A 1 187 ? 8.268   -3.921  11.556  1.00 25.08 ? 187 ILE A CA  1 
ATOM   1305 C C   . ILE A 1 187 ? 8.772   -4.784  10.412  1.00 25.00 ? 187 ILE A C   1 
ATOM   1306 O O   . ILE A 1 187 ? 8.809   -6.007  10.524  1.00 28.03 ? 187 ILE A O   1 
ATOM   1307 C CB  . ILE A 1 187 ? 6.850   -3.385  11.191  1.00 24.86 ? 187 ILE A CB  1 
ATOM   1308 C CG1 . ILE A 1 187 ? 6.155   -2.840  12.440  1.00 23.40 ? 187 ILE A CG1 1 
ATOM   1309 C CG2 . ILE A 1 187 ? 6.002   -4.502  10.609  1.00 22.55 ? 187 ILE A CG2 1 
ATOM   1310 C CD1 . ILE A 1 187 ? 4.800   -2.262  12.173  1.00 21.56 ? 187 ILE A CD1 1 
ATOM   1311 N N   . PHE A 1 188 ? 9.158   -4.153  9.311   1.00 24.80 ? 188 PHE A N   1 
ATOM   1312 C CA  . PHE A 1 188 ? 9.644   -4.900  8.154   1.00 26.25 ? 188 PHE A CA  1 
ATOM   1313 C C   . PHE A 1 188 ? 10.866  -5.763  8.481   1.00 25.88 ? 188 PHE A C   1 
ATOM   1314 O O   . PHE A 1 188 ? 10.933  -6.938  8.106   1.00 26.45 ? 188 PHE A O   1 
ATOM   1315 C CB  . PHE A 1 188 ? 9.989   -3.940  6.999   1.00 26.33 ? 188 PHE A CB  1 
ATOM   1316 C CG  . PHE A 1 188 ? 8.821   -3.584  6.123   1.00 26.58 ? 188 PHE A CG  1 
ATOM   1317 C CD1 . PHE A 1 188 ? 8.119   -4.571  5.444   1.00 26.55 ? 188 PHE A CD1 1 
ATOM   1318 C CD2 . PHE A 1 188 ? 8.427   -2.259  5.964   1.00 28.57 ? 188 PHE A CD2 1 
ATOM   1319 C CE1 . PHE A 1 188 ? 7.038   -4.248  4.611   1.00 27.52 ? 188 PHE A CE1 1 
ATOM   1320 C CE2 . PHE A 1 188 ? 7.340   -1.920  5.127   1.00 28.03 ? 188 PHE A CE2 1 
ATOM   1321 C CZ  . PHE A 1 188 ? 6.648   -2.921  4.454   1.00 27.12 ? 188 PHE A CZ  1 
ATOM   1322 N N   . GLU A 1 189 ? 11.832  -5.175  9.184   1.00 26.93 ? 189 GLU A N   1 
ATOM   1323 C CA  . GLU A 1 189 ? 13.062  -5.882  9.530   1.00 28.17 ? 189 GLU A CA  1 
ATOM   1324 C C   . GLU A 1 189 ? 12.832  -6.958  10.579  1.00 28.01 ? 189 GLU A C   1 
ATOM   1325 O O   . GLU A 1 189 ? 13.451  -8.026  10.532  1.00 28.23 ? 189 GLU A O   1 
ATOM   1326 C CB  . GLU A 1 189 ? 14.121  -4.887  10.003  1.00 29.13 ? 189 GLU A CB  1 
ATOM   1327 C CG  . GLU A 1 189 ? 14.323  -3.741  9.032   1.00 33.58 ? 189 GLU A CG  1 
ATOM   1328 C CD  . GLU A 1 189 ? 15.485  -2.841  9.417   1.00 35.63 ? 189 GLU A CD  1 
ATOM   1329 O OE1 . GLU A 1 189 ? 15.603  -2.503  10.614  1.00 35.57 ? 189 GLU A OE1 1 
ATOM   1330 O OE2 . GLU A 1 189 ? 16.272  -2.462  8.517   1.00 35.66 ? 189 GLU A OE2 1 
ATOM   1331 N N   . ASN A 1 190 ? 11.946  -6.675  11.530  1.00 26.38 ? 190 ASN A N   1 
ATOM   1332 C CA  . ASN A 1 190 ? 11.616  -7.648  12.561  1.00 24.28 ? 190 ASN A CA  1 
ATOM   1333 C C   . ASN A 1 190 ? 10.969  -8.863  11.924  1.00 23.77 ? 190 ASN A C   1 
ATOM   1334 O O   . ASN A 1 190 ? 10.961  -9.936  12.520  1.00 23.23 ? 190 ASN A O   1 
ATOM   1335 C CB  . ASN A 1 190 ? 10.657  -7.058  13.588  1.00 23.67 ? 190 ASN A CB  1 
ATOM   1336 C CG  . ASN A 1 190 ? 11.371  -6.299  14.672  1.00 24.43 ? 190 ASN A CG  1 
ATOM   1337 O OD1 . ASN A 1 190 ? 10.743  -5.759  15.586  1.00 24.90 ? 190 ASN A OD1 1 
ATOM   1338 N ND2 . ASN A 1 190 ? 12.700  -6.254  14.583  1.00 25.57 ? 190 ASN A ND2 1 
ATOM   1339 N N   . ASN A 1 191 ? 10.415  -8.697  10.723  1.00 22.17 ? 191 ASN A N   1 
ATOM   1340 C CA  . ASN A 1 191 ? 9.787   -9.813  10.029  1.00 21.95 ? 191 ASN A CA  1 
ATOM   1341 C C   . ASN A 1 191 ? 10.593  -10.307 8.826   1.00 20.83 ? 191 ASN A C   1 
ATOM   1342 O O   . ASN A 1 191 ? 10.025  -10.763 7.825   1.00 22.32 ? 191 ASN A O   1 
ATOM   1343 C CB  . ASN A 1 191 ? 8.355   -9.457  9.601   1.00 22.84 ? 191 ASN A CB  1 
ATOM   1344 C CG  . ASN A 1 191 ? 7.428   -9.247  10.791  1.00 24.66 ? 191 ASN A CG  1 
ATOM   1345 O OD1 . ASN A 1 191 ? 7.076   -8.117  11.130  1.00 21.80 ? 191 ASN A OD1 1 
ATOM   1346 N ND2 . ASN A 1 191 ? 7.047   -10.344 11.447  1.00 24.33 ? 191 ASN A ND2 1 
ATOM   1347 N N   . GLY A 1 192 ? 11.916  -10.208 8.922   1.00 17.95 ? 192 GLY A N   1 
ATOM   1348 C CA  . GLY A 1 192 ? 12.778  -10.699 7.858   1.00 16.31 ? 192 GLY A CA  1 
ATOM   1349 C C   . GLY A 1 192 ? 12.936  -9.890  6.587   1.00 16.75 ? 192 GLY A C   1 
ATOM   1350 O O   . GLY A 1 192 ? 13.361  -10.434 5.565   1.00 15.94 ? 192 GLY A O   1 
ATOM   1351 N N   . PHE A 1 193 ? 12.623  -8.599  6.634   1.00 18.98 ? 193 PHE A N   1 
ATOM   1352 C CA  . PHE A 1 193 ? 12.762  -7.776  5.441   1.00 21.14 ? 193 PHE A CA  1 
ATOM   1353 C C   . PHE A 1 193 ? 13.798  -6.667  5.510   1.00 23.33 ? 193 PHE A C   1 
ATOM   1354 O O   . PHE A 1 193 ? 14.151  -6.184  6.581   1.00 25.31 ? 193 PHE A O   1 
ATOM   1355 C CB  . PHE A 1 193 ? 11.419  -7.142  5.063   1.00 18.45 ? 193 PHE A CB  1 
ATOM   1356 C CG  . PHE A 1 193 ? 10.404  -8.117  4.515   1.00 16.70 ? 193 PHE A CG  1 
ATOM   1357 C CD1 . PHE A 1 193 ? 9.458   -8.709  5.346   1.00 15.17 ? 193 PHE A CD1 1 
ATOM   1358 C CD2 . PHE A 1 193 ? 10.380  -8.417  3.162   1.00 14.14 ? 193 PHE A CD2 1 
ATOM   1359 C CE1 . PHE A 1 193 ? 8.500   -9.568  4.829   1.00 12.10 ? 193 PHE A CE1 1 
ATOM   1360 C CE2 . PHE A 1 193 ? 9.428   -9.273  2.644   1.00 13.44 ? 193 PHE A CE2 1 
ATOM   1361 C CZ  . PHE A 1 193 ? 8.486   -9.852  3.478   1.00 13.16 ? 193 PHE A CZ  1 
ATOM   1362 N N   . HIS A 1 194 ? 14.300  -6.296  4.339   1.00 26.15 ? 194 HIS A N   1 
ATOM   1363 C CA  . HIS A 1 194 ? 15.240  -5.202  4.189   1.00 26.44 ? 194 HIS A CA  1 
ATOM   1364 C C   . HIS A 1 194 ? 14.421  -4.273  3.319   1.00 27.06 ? 194 HIS A C   1 
ATOM   1365 O O   . HIS A 1 194 ? 14.049  -4.616  2.192   1.00 25.34 ? 194 HIS A O   1 
ATOM   1366 C CB  . HIS A 1 194 ? 16.513  -5.647  3.475   1.00 29.63 ? 194 HIS A CB  1 
ATOM   1367 C CG  . HIS A 1 194 ? 17.596  -6.094  4.408   1.00 32.85 ? 194 HIS A CG  1 
ATOM   1368 N ND1 . HIS A 1 194 ? 18.820  -6.559  3.972   1.00 33.63 ? 194 HIS A ND1 1 
ATOM   1369 C CD2 . HIS A 1 194 ? 17.638  -6.145  5.763   1.00 33.02 ? 194 HIS A CD2 1 
ATOM   1370 C CE1 . HIS A 1 194 ? 19.565  -6.878  5.016   1.00 35.14 ? 194 HIS A CE1 1 
ATOM   1371 N NE2 . HIS A 1 194 ? 18.869  -6.637  6.114   1.00 35.10 ? 194 HIS A NE2 1 
ATOM   1372 N N   . VAL A 1 195 ? 14.112  -3.102  3.859   1.00 27.54 ? 195 VAL A N   1 
ATOM   1373 C CA  . VAL A 1 195 ? 13.273  -2.155  3.149   1.00 27.37 ? 195 VAL A CA  1 
ATOM   1374 C C   . VAL A 1 195 ? 13.950  -0.837  2.831   1.00 28.11 ? 195 VAL A C   1 
ATOM   1375 O O   . VAL A 1 195 ? 14.807  -0.376  3.575   1.00 27.51 ? 195 VAL A O   1 
ATOM   1376 C CB  . VAL A 1 195 ? 12.001  -1.876  3.977   1.00 26.77 ? 195 VAL A CB  1 
ATOM   1377 C CG1 . VAL A 1 195 ? 12.383  -1.218  5.311   1.00 24.68 ? 195 VAL A CG1 1 
ATOM   1378 C CG2 . VAL A 1 195 ? 11.032  -1.012  3.177   1.00 25.59 ? 195 VAL A CG2 1 
ATOM   1379 N N   . THR A 1 196 ? 13.549  -0.243  1.711   1.00 28.40 ? 196 THR A N   1 
ATOM   1380 C CA  . THR A 1 196 ? 14.070  1.046   1.277   1.00 28.95 ? 196 THR A CA  1 
ATOM   1381 C C   . THR A 1 196 ? 12.877  1.991   1.092   1.00 29.82 ? 196 THR A C   1 
ATOM   1382 O O   . THR A 1 196 ? 11.843  1.589   0.556   1.00 28.42 ? 196 THR A O   1 
ATOM   1383 C CB  . THR A 1 196 ? 14.839  0.915   -0.053  1.00 29.04 ? 196 THR A CB  1 
ATOM   1384 O OG1 . THR A 1 196 ? 15.998  0.103   0.156   1.00 30.80 ? 196 THR A OG1 1 
ATOM   1385 C CG2 . THR A 1 196 ? 15.271  2.280   -0.566  1.00 27.88 ? 196 THR A CG2 1 
ATOM   1386 N N   . PHE A 1 197 ? 13.018  3.234   1.550   1.00 28.89 ? 197 PHE A N   1 
ATOM   1387 C CA  . PHE A 1 197 ? 11.952  4.224   1.423   1.00 30.24 ? 197 PHE A CA  1 
ATOM   1388 C C   . PHE A 1 197 ? 12.299  5.332   0.436   1.00 32.95 ? 197 PHE A C   1 
ATOM   1389 O O   . PHE A 1 197 ? 13.360  5.950   0.527   1.00 34.84 ? 197 PHE A O   1 
ATOM   1390 C CB  . PHE A 1 197 ? 11.656  4.880   2.771   1.00 29.08 ? 197 PHE A CB  1 
ATOM   1391 C CG  . PHE A 1 197 ? 11.290  3.914   3.850   1.00 29.21 ? 197 PHE A CG  1 
ATOM   1392 C CD1 . PHE A 1 197 ? 12.273  3.344   4.642   1.00 26.99 ? 197 PHE A CD1 1 
ATOM   1393 C CD2 . PHE A 1 197 ? 9.956   3.572   4.075   1.00 27.65 ? 197 PHE A CD2 1 
ATOM   1394 C CE1 . PHE A 1 197 ? 11.949  2.444   5.646   1.00 27.48 ? 197 PHE A CE1 1 
ATOM   1395 C CE2 . PHE A 1 197 ? 9.614   2.669   5.079   1.00 27.78 ? 197 PHE A CE2 1 
ATOM   1396 C CZ  . PHE A 1 197 ? 10.615  2.105   5.868   1.00 27.62 ? 197 PHE A CZ  1 
ATOM   1397 N N   . THR A 1 198 ? 11.395  5.595   -0.499  1.00 35.08 ? 198 THR A N   1 
ATOM   1398 C CA  . THR A 1 198 ? 11.604  6.658   -1.479  1.00 37.00 ? 198 THR A CA  1 
ATOM   1399 C C   . THR A 1 198 ? 10.383  7.576   -1.453  1.00 37.08 ? 198 THR A C   1 
ATOM   1400 O O   . THR A 1 198 ? 9.249   7.121   -1.633  1.00 38.39 ? 198 THR A O   1 
ATOM   1401 C CB  . THR A 1 198 ? 11.788  6.089   -2.902  1.00 39.31 ? 198 THR A CB  1 
ATOM   1402 O OG1 . THR A 1 198 ? 10.621  5.344   -3.270  1.00 43.14 ? 198 THR A OG1 1 
ATOM   1403 C CG2 . THR A 1 198 ? 13.005  5.174   -2.959  1.00 40.17 ? 198 THR A CG2 1 
ATOM   1404 N N   . ARG A 1 199 ? 10.617  8.863   -1.218  1.00 34.97 ? 199 ARG A N   1 
ATOM   1405 C CA  . ARG A 1 199 ? 9.545   9.847   -1.147  1.00 33.48 ? 199 ARG A CA  1 
ATOM   1406 C C   . ARG A 1 199 ? 9.104   10.264  -2.545  1.00 34.48 ? 199 ARG A C   1 
ATOM   1407 O O   . ARG A 1 199 ? 9.932   10.600  -3.379  1.00 36.32 ? 199 ARG A O   1 
ATOM   1408 C CB  . ARG A 1 199 ? 10.033  11.060  -0.358  1.00 31.90 ? 199 ARG A CB  1 
ATOM   1409 C CG  . ARG A 1 199 ? 8.967   12.072  -0.047  1.00 30.36 ? 199 ARG A CG  1 
ATOM   1410 C CD  . ARG A 1 199 ? 9.425   13.030  1.036   1.00 27.56 ? 199 ARG A CD  1 
ATOM   1411 N NE  . ARG A 1 199 ? 8.335   13.914  1.443   1.00 29.46 ? 199 ARG A NE  1 
ATOM   1412 C CZ  . ARG A 1 199 ? 8.376   14.749  2.478   1.00 28.80 ? 199 ARG A CZ  1 
ATOM   1413 N NH1 . ARG A 1 199 ? 9.465   14.821  3.230   1.00 28.51 ? 199 ARG A NH1 1 
ATOM   1414 N NH2 . ARG A 1 199 ? 7.324   15.513  2.764   1.00 28.03 ? 199 ARG A NH2 1 
ATOM   1415 N N   . LEU A 1 200 ? 7.802   10.233  -2.806  1.00 34.43 ? 200 LEU A N   1 
ATOM   1416 C CA  . LEU A 1 200 ? 7.291   10.609  -4.120  1.00 34.13 ? 200 LEU A CA  1 
ATOM   1417 C C   . LEU A 1 200 ? 6.430   11.875  -4.077  1.00 34.02 ? 200 LEU A C   1 
ATOM   1418 O O   . LEU A 1 200 ? 5.961   12.366  -5.107  1.00 33.12 ? 200 LEU A O   1 
ATOM   1419 C CB  . LEU A 1 200 ? 6.469   9.461   -4.720  1.00 34.98 ? 200 LEU A CB  1 
ATOM   1420 C CG  . LEU A 1 200 ? 7.203   8.318   -5.425  1.00 38.23 ? 200 LEU A CG  1 
ATOM   1421 C CD1 . LEU A 1 200 ? 8.116   7.595   -4.444  1.00 39.78 ? 200 LEU A CD1 1 
ATOM   1422 C CD2 . LEU A 1 200 ? 6.185   7.362   -6.025  1.00 39.31 ? 200 LEU A CD2 1 
ATOM   1423 N N   . ASN A 1 201 ? 6.230   12.404  -2.880  1.00 33.93 ? 201 ASN A N   1 
ATOM   1424 C CA  . ASN A 1 201 ? 5.416   13.591  -2.702  1.00 32.21 ? 201 ASN A CA  1 
ATOM   1425 C C   . ASN A 1 201 ? 5.509   13.971  -1.225  1.00 30.65 ? 201 ASN A C   1 
ATOM   1426 O O   . ASN A 1 201 ? 6.110   13.233  -0.442  1.00 31.58 ? 201 ASN A O   1 
ATOM   1427 C CB  . ASN A 1 201 ? 3.983   13.262  -3.110  1.00 35.47 ? 201 ASN A CB  1 
ATOM   1428 C CG  . ASN A 1 201 ? 2.975   13.781  -2.138  1.00 37.37 ? 201 ASN A CG  1 
ATOM   1429 O OD1 . ASN A 1 201 ? 2.834   14.996  -1.964  1.00 42.61 ? 201 ASN A OD1 1 
ATOM   1430 N ND2 . ASN A 1 201 ? 2.270   12.870  -1.477  1.00 34.73 ? 201 ASN A ND2 1 
ATOM   1431 N N   . HIS A 1 202 ? 4.935   15.107  -0.834  1.00 28.32 ? 202 HIS A N   1 
ATOM   1432 C CA  . HIS A 1 202 ? 5.025   15.497  0.561   1.00 25.55 ? 202 HIS A CA  1 
ATOM   1433 C C   . HIS A 1 202 ? 4.411   14.484  1.518   1.00 25.10 ? 202 HIS A C   1 
ATOM   1434 O O   . HIS A 1 202 ? 4.878   14.340  2.645   1.00 23.28 ? 202 HIS A O   1 
ATOM   1435 C CB  . HIS A 1 202 ? 4.374   16.857  0.817   1.00 24.99 ? 202 HIS A CB  1 
ATOM   1436 C CG  . HIS A 1 202 ? 4.432   17.274  2.256   1.00 22.77 ? 202 HIS A CG  1 
ATOM   1437 N ND1 . HIS A 1 202 ? 5.604   17.672  2.868   1.00 23.06 ? 202 HIS A ND1 1 
ATOM   1438 C CD2 . HIS A 1 202 ? 3.492   17.256  3.230   1.00 21.57 ? 202 HIS A CD2 1 
ATOM   1439 C CE1 . HIS A 1 202 ? 5.386   17.870  4.156   1.00 21.27 ? 202 HIS A CE1 1 
ATOM   1440 N NE2 . HIS A 1 202 ? 4.110   17.622  4.403   1.00 22.55 ? 202 HIS A NE2 1 
ATOM   1441 N N   . PHE A 1 203 ? 3.366   13.783  1.086   1.00 25.20 ? 203 PHE A N   1 
ATOM   1442 C CA  . PHE A 1 203 ? 2.713   12.809  1.971   1.00 25.18 ? 203 PHE A CA  1 
ATOM   1443 C C   . PHE A 1 203 ? 3.102   11.357  1.755   1.00 23.26 ? 203 PHE A C   1 
ATOM   1444 O O   . PHE A 1 203 ? 3.375   10.629  2.702   1.00 22.62 ? 203 PHE A O   1 
ATOM   1445 C CB  . PHE A 1 203 ? 1.188   12.892  1.852   1.00 25.92 ? 203 PHE A CB  1 
ATOM   1446 C CG  . PHE A 1 203 ? 0.618   14.184  2.313   1.00 27.66 ? 203 PHE A CG  1 
ATOM   1447 C CD1 . PHE A 1 203 ? 0.717   15.324  1.523   1.00 27.80 ? 203 PHE A CD1 1 
ATOM   1448 C CD2 . PHE A 1 203 ? 0.019   14.279  3.565   1.00 26.65 ? 203 PHE A CD2 1 
ATOM   1449 C CE1 . PHE A 1 203 ? 0.224   16.545  1.969   1.00 26.81 ? 203 PHE A CE1 1 
ATOM   1450 C CE2 . PHE A 1 203 ? -0.479  15.495  4.021   1.00 28.20 ? 203 PHE A CE2 1 
ATOM   1451 C CZ  . PHE A 1 203 ? -0.372  16.632  3.223   1.00 26.51 ? 203 PHE A CZ  1 
ATOM   1452 N N   . VAL A 1 204 ? 3.104   10.946  0.498   1.00 23.50 ? 204 VAL A N   1 
ATOM   1453 C CA  . VAL A 1 204 ? 3.396   9.572   0.146   1.00 24.09 ? 204 VAL A CA  1 
ATOM   1454 C C   . VAL A 1 204 ? 4.871   9.200   -0.016  1.00 26.81 ? 204 VAL A C   1 
ATOM   1455 O O   . VAL A 1 204 ? 5.697   9.993   -0.467  1.00 27.45 ? 204 VAL A O   1 
ATOM   1456 C CB  . VAL A 1 204 ? 2.645   9.191   -1.156  1.00 21.57 ? 204 VAL A CB  1 
ATOM   1457 C CG1 . VAL A 1 204 ? 2.915   7.748   -1.521  1.00 18.94 ? 204 VAL A CG1 1 
ATOM   1458 C CG2 . VAL A 1 204 ? 1.153   9.441   -0.983  1.00 16.57 ? 204 VAL A CG2 1 
ATOM   1459 N N   . TRP A 1 205 ? 5.178   7.970   0.376   1.00 27.32 ? 205 TRP A N   1 
ATOM   1460 C CA  . TRP A 1 205 ? 6.509   7.397   0.251   1.00 28.23 ? 205 TRP A CA  1 
ATOM   1461 C C   . TRP A 1 205 ? 6.273   5.990   -0.261  1.00 28.62 ? 205 TRP A C   1 
ATOM   1462 O O   . TRP A 1 205 ? 5.257   5.372   0.056   1.00 29.65 ? 205 TRP A O   1 
ATOM   1463 C CB  . TRP A 1 205 ? 7.209   7.253   1.596   1.00 28.72 ? 205 TRP A CB  1 
ATOM   1464 C CG  . TRP A 1 205 ? 7.592   8.506   2.258   1.00 29.05 ? 205 TRP A CG  1 
ATOM   1465 C CD1 . TRP A 1 205 ? 6.762   9.444   2.777   1.00 29.77 ? 205 TRP A CD1 1 
ATOM   1466 C CD2 . TRP A 1 205 ? 8.918   8.931   2.555   1.00 28.50 ? 205 TRP A CD2 1 
ATOM   1467 N NE1 . TRP A 1 205 ? 7.485   10.432  3.389   1.00 30.50 ? 205 TRP A NE1 1 
ATOM   1468 C CE2 . TRP A 1 205 ? 8.817   10.144  3.266   1.00 29.43 ? 205 TRP A CE2 1 
ATOM   1469 C CE3 . TRP A 1 205 ? 10.187  8.403   2.287   1.00 29.31 ? 205 TRP A CE3 1 
ATOM   1470 C CZ2 . TRP A 1 205 ? 9.940   10.843  3.724   1.00 30.56 ? 205 TRP A CZ2 1 
ATOM   1471 C CZ3 . TRP A 1 205 ? 11.307  9.097   2.743   1.00 30.38 ? 205 TRP A CZ3 1 
ATOM   1472 C CH2 . TRP A 1 205 ? 11.173  10.308  3.452   1.00 28.88 ? 205 TRP A CH2 1 
ATOM   1473 N N   . VAL A 1 206 ? 7.204   5.481   -1.052  1.00 28.74 ? 206 VAL A N   1 
ATOM   1474 C CA  . VAL A 1 206 ? 7.079   4.118   -1.537  1.00 27.97 ? 206 VAL A CA  1 
ATOM   1475 C C   . VAL A 1 206 ? 8.068   3.274   -0.737  1.00 28.51 ? 206 VAL A C   1 
ATOM   1476 O O   . VAL A 1 206 ? 9.245   3.613   -0.645  1.00 28.41 ? 206 VAL A O   1 
ATOM   1477 C CB  . VAL A 1 206 ? 7.423   3.999   -3.039  1.00 27.24 ? 206 VAL A CB  1 
ATOM   1478 C CG1 . VAL A 1 206 ? 7.395   2.548   -3.458  1.00 26.14 ? 206 VAL A CG1 1 
ATOM   1479 C CG2 . VAL A 1 206 ? 6.435   4.782   -3.860  1.00 27.17 ? 206 VAL A CG2 1 
ATOM   1480 N N   . MET A 1 207 ? 7.582   2.204   -0.124  1.00 28.34 ? 207 MET A N   1 
ATOM   1481 C CA  . MET A 1 207 ? 8.465   1.325   0.621   1.00 28.91 ? 207 MET A CA  1 
ATOM   1482 C C   . MET A 1 207 ? 8.674   0.030   -0.159  1.00 28.84 ? 207 MET A C   1 
ATOM   1483 O O   . MET A 1 207 ? 7.718   -0.692  -0.466  1.00 30.43 ? 207 MET A O   1 
ATOM   1484 C CB  . MET A 1 207 ? 7.917   1.044   2.031   1.00 29.35 ? 207 MET A CB  1 
ATOM   1485 C CG  . MET A 1 207 ? 6.429   0.758   2.128   1.00 31.04 ? 207 MET A CG  1 
ATOM   1486 S SD  . MET A 1 207 ? 5.697   1.402   3.692   1.00 30.60 ? 207 MET A SD  1 
ATOM   1487 C CE  . MET A 1 207 ? 5.251   3.052   3.148   1.00 27.62 ? 207 MET A CE  1 
ATOM   1488 N N   . GLU A 1 208 ? 9.932   -0.227  -0.517  1.00 28.26 ? 208 GLU A N   1 
ATOM   1489 C CA  . GLU A 1 208 ? 10.317  -1.426  -1.261  1.00 25.16 ? 208 GLU A CA  1 
ATOM   1490 C C   . GLU A 1 208 ? 10.957  -2.403  -0.280  1.00 24.55 ? 208 GLU A C   1 
ATOM   1491 O O   . GLU A 1 208 ? 12.013  -2.125  0.289   1.00 24.56 ? 208 GLU A O   1 
ATOM   1492 C CB  . GLU A 1 208 ? 11.319  -1.064  -2.363  1.00 24.81 ? 208 GLU A CB  1 
ATOM   1493 C CG  . GLU A 1 208 ? 11.704  -2.205  -3.294  1.00 27.27 ? 208 GLU A CG  1 
ATOM   1494 C CD  . GLU A 1 208 ? 12.698  -1.765  -4.372  1.00 28.25 ? 208 GLU A CD  1 
ATOM   1495 O OE1 . GLU A 1 208 ? 12.998  -2.582  -5.278  1.00 26.56 ? 208 GLU A OE1 1 
ATOM   1496 O OE2 . GLU A 1 208 ? 13.180  -0.600  -4.311  1.00 28.35 ? 208 GLU A OE2 1 
ATOM   1497 N N   . ALA A 1 209 ? 10.305  -3.542  -0.073  1.00 24.50 ? 209 ALA A N   1 
ATOM   1498 C CA  . ALA A 1 209 ? 10.813  -4.547  0.851   1.00 23.12 ? 209 ALA A CA  1 
ATOM   1499 C C   . ALA A 1 209 ? 11.096  -5.879  0.162   1.00 23.55 ? 209 ALA A C   1 
ATOM   1500 O O   . ALA A 1 209 ? 10.323  -6.331  -0.681  1.00 23.88 ? 209 ALA A O   1 
ATOM   1501 C CB  . ALA A 1 209 ? 9.823   -4.744  1.998   1.00 21.97 ? 209 ALA A CB  1 
ATOM   1502 N N   . THR A 1 210 ? 12.219  -6.496  0.514   1.00 24.45 ? 210 THR A N   1 
ATOM   1503 C CA  . THR A 1 210 ? 12.599  -7.781  -0.059  1.00 25.09 ? 210 THR A CA  1 
ATOM   1504 C C   . THR A 1 210 ? 12.869  -8.759  1.075   1.00 26.70 ? 210 THR A C   1 
ATOM   1505 O O   . THR A 1 210 ? 13.594  -8.431  2.014   1.00 27.86 ? 210 THR A O   1 
ATOM   1506 C CB  . THR A 1 210 ? 13.860  -7.660  -0.923  1.00 26.23 ? 210 THR A CB  1 
ATOM   1507 O OG1 . THR A 1 210 ? 13.587  -6.841  -2.069  1.00 25.49 ? 210 THR A OG1 1 
ATOM   1508 C CG2 . THR A 1 210 ? 14.313  -9.039  -1.375  1.00 27.49 ? 210 THR A CG2 1 
ATOM   1509 N N   . LYS A 1 211 ? 12.275  -9.951  1.000   1.00 28.29 ? 211 LYS A N   1 
ATOM   1510 C CA  . LYS A 1 211 ? 12.454  -10.967 2.040   1.00 28.17 ? 211 LYS A CA  1 
ATOM   1511 C C   . LYS A 1 211 ? 13.903  -11.449 2.041   1.00 29.40 ? 211 LYS A C   1 
ATOM   1512 O O   . LYS A 1 211 ? 14.454  -11.791 0.990   1.00 29.00 ? 211 LYS A O   1 
ATOM   1513 C CB  . LYS A 1 211 ? 11.496  -12.139 1.811   1.00 27.83 ? 211 LYS A CB  1 
ATOM   1514 C CG  . LYS A 1 211 ? 11.498  -13.171 2.932   1.00 24.75 ? 211 LYS A CG  1 
ATOM   1515 C CD  . LYS A 1 211 ? 10.363  -14.181 2.793   1.00 22.19 ? 211 LYS A CD  1 
ATOM   1516 C CE  . LYS A 1 211 ? 10.461  -15.264 3.865   1.00 17.82 ? 211 LYS A CE  1 
ATOM   1517 N NZ  . LYS A 1 211 ? 10.706  -14.663 5.202   1.00 14.57 ? 211 LYS A NZ  1 
ATOM   1518 N N   . GLN A 1 212 ? 14.512  -11.469 3.224   1.00 30.62 ? 212 GLN A N   1 
ATOM   1519 C CA  . GLN A 1 212 ? 15.910  -11.869 3.369   1.00 34.21 ? 212 GLN A CA  1 
ATOM   1520 C C   . GLN A 1 212 ? 16.204  -13.364 3.449   1.00 35.76 ? 212 GLN A C   1 
ATOM   1521 O O   . GLN A 1 212 ? 17.226  -13.822 2.932   1.00 37.76 ? 212 GLN A O   1 
ATOM   1522 C CB  . GLN A 1 212 ? 16.526  -11.177 4.589   1.00 34.75 ? 212 GLN A CB  1 
ATOM   1523 C CG  . GLN A 1 212 ? 16.648  -9.669  4.439   1.00 36.49 ? 212 GLN A CG  1 
ATOM   1524 C CD  . GLN A 1 212 ? 17.198  -9.271  3.080   1.00 38.16 ? 212 GLN A CD  1 
ATOM   1525 O OE1 . GLN A 1 212 ? 16.512  -9.381  2.064   1.00 37.76 ? 212 GLN A OE1 1 
ATOM   1526 N NE2 . GLN A 1 212 ? 18.446  -8.820  3.052   1.00 39.52 ? 212 GLN A NE2 1 
ATOM   1527 N N   . LEU A 1 213 ? 15.322  -14.121 4.098   1.00 36.76 ? 213 LEU A N   1 
ATOM   1528 C CA  . LEU A 1 213 ? 15.519  -15.561 4.259   1.00 37.07 ? 213 LEU A CA  1 
ATOM   1529 C C   . LEU A 1 213 ? 14.418  -16.366 3.585   1.00 38.17 ? 213 LEU A C   1 
ATOM   1530 O O   . LEU A 1 213 ? 13.370  -15.824 3.246   1.00 37.79 ? 213 LEU A O   1 
ATOM   1531 C CB  . LEU A 1 213 ? 15.568  -15.911 5.745   1.00 36.98 ? 213 LEU A CB  1 
ATOM   1532 C CG  . LEU A 1 213 ? 16.263  -14.896 6.665   1.00 38.41 ? 213 LEU A CG  1 
ATOM   1533 C CD1 . LEU A 1 213 ? 16.497  -15.554 8.012   1.00 38.13 ? 213 LEU A CD1 1 
ATOM   1534 C CD2 . LEU A 1 213 ? 17.584  -14.426 6.076   1.00 35.84 ? 213 LEU A CD2 1 
ATOM   1535 N N   . GLU A 1 214 ? 14.648  -17.664 3.390   1.00 39.63 ? 214 GLU A N   1 
ATOM   1536 C CA  . GLU A 1 214 ? 13.636  -18.494 2.748   1.00 41.16 ? 214 GLU A CA  1 
ATOM   1537 C C   . GLU A 1 214 ? 12.604  -19.144 3.663   1.00 40.48 ? 214 GLU A C   1 
ATOM   1538 O O   . GLU A 1 214 ? 12.851  -19.425 4.840   1.00 38.44 ? 214 GLU A O   1 
ATOM   1539 C CB  . GLU A 1 214 ? 14.263  -19.566 1.849   1.00 42.63 ? 214 GLU A CB  1 
ATOM   1540 C CG  . GLU A 1 214 ? 15.595  -20.114 2.292   1.00 44.20 ? 214 GLU A CG  1 
ATOM   1541 C CD  . GLU A 1 214 ? 16.676  -19.794 1.276   1.00 45.72 ? 214 GLU A CD  1 
ATOM   1542 O OE1 . GLU A 1 214 ? 16.468  -20.086 0.074   1.00 44.57 ? 214 GLU A OE1 1 
ATOM   1543 O OE2 . GLU A 1 214 ? 17.728  -19.246 1.680   1.00 46.20 ? 214 GLU A OE2 1 
ATOM   1544 N N   . HIS A 1 215 ? 11.444  -19.372 3.052   1.00 41.39 ? 215 HIS A N   1 
ATOM   1545 C CA  . HIS A 1 215 ? 10.240  -19.950 3.643   1.00 42.40 ? 215 HIS A CA  1 
ATOM   1546 C C   . HIS A 1 215 ? 10.312  -21.314 4.346   1.00 43.63 ? 215 HIS A C   1 
ATOM   1547 O O   . HIS A 1 215 ? 11.219  -22.120 4.110   1.00 42.16 ? 215 HIS A O   1 
ATOM   1548 C CB  . HIS A 1 215 ? 9.168   -19.968 2.543   1.00 41.97 ? 215 HIS A CB  1 
ATOM   1549 C CG  . HIS A 1 215 ? 7.973   -20.816 2.850   1.00 43.36 ? 215 HIS A CG  1 
ATOM   1550 N ND1 . HIS A 1 215 ? 7.942   -22.175 2.612   1.00 43.63 ? 215 HIS A ND1 1 
ATOM   1551 C CD2 . HIS A 1 215 ? 6.757   -20.495 3.353   1.00 42.60 ? 215 HIS A CD2 1 
ATOM   1552 C CE1 . HIS A 1 215 ? 6.760   -22.653 2.952   1.00 44.52 ? 215 HIS A CE1 1 
ATOM   1553 N NE2 . HIS A 1 215 ? 6.021   -21.656 3.405   1.00 43.57 ? 215 HIS A NE2 1 
ATOM   1554 N N   . HIS A 1 216 ? 9.324   -21.534 5.219   1.00 45.54 ? 216 HIS A N   1 
ATOM   1555 C CA  . HIS A 1 216 ? 9.155   -22.759 5.998   1.00 44.77 ? 216 HIS A CA  1 
ATOM   1556 C C   . HIS A 1 216 ? 10.061  -22.756 7.216   1.00 44.84 ? 216 HIS A C   1 
ATOM   1557 O O   . HIS A 1 216 ? 10.208  -21.679 7.843   1.00 42.76 ? 216 HIS A O   1 
ATOM   1558 C CB  . HIS A 1 216 ? 9.444   -23.999 5.140   1.00 46.68 ? 216 HIS A CB  1 
ATOM   1559 C CG  . HIS A 1 216 ? 8.588   -25.181 5.471   1.00 48.47 ? 216 HIS A CG  1 
ATOM   1560 N ND1 . HIS A 1 216 ? 8.533   -25.741 6.731   1.00 48.84 ? 216 HIS A ND1 1 
ATOM   1561 C CD2 . HIS A 1 216 ? 7.732   -25.904 4.707   1.00 48.19 ? 216 HIS A CD2 1 
ATOM   1562 C CE1 . HIS A 1 216 ? 7.682   -26.750 6.731   1.00 46.93 ? 216 HIS A CE1 1 
ATOM   1563 N NE2 . HIS A 1 216 ? 7.180   -26.871 5.512   1.00 47.26 ? 216 HIS A NE2 1 
HETATM 1564 O O   . HOH B 2 .   ? 1.424   12.125  -3.769  1.00 46.81 ? 221 HOH A O   1 
HETATM 1565 O O   . HOH B 2 .   ? -10.279 0.269   0.071   1.00 22.47 ? 222 HOH A O   1 
HETATM 1566 O O   . HOH B 2 .   ? -5.756  2.153   -4.717  1.00 28.43 ? 223 HOH A O   1 
HETATM 1567 O O   . HOH B 2 .   ? -18.477 -9.926  -4.881  1.00 18.87 ? 224 HOH A O   1 
HETATM 1568 O O   . HOH B 2 .   ? -0.923  0.906   0.914   1.00 15.90 ? 225 HOH A O   1 
HETATM 1569 O O   . HOH B 2 .   ? 11.786  -19.076 0.294   1.00 45.15 ? 226 HOH A O   1 
HETATM 1570 O O   . HOH B 2 .   ? 12.784  -25.761 7.155   1.00 15.42 ? 227 HOH A O   1 
HETATM 1571 O O   . HOH B 2 .   ? 0.406   -16.497 6.318   1.00 46.79 ? 228 HOH A O   1 
HETATM 1572 O O   . HOH B 2 .   ? -10.462 10.608  3.588   1.00 26.53 ? 229 HOH A O   1 
HETATM 1573 O O   . HOH B 2 .   ? -7.604  -12.651 -5.063  1.00 22.17 ? 230 HOH A O   1 
HETATM 1574 O O   . HOH B 2 .   ? 6.489   12.779  5.865   1.00 31.96 ? 231 HOH A O   1 
HETATM 1575 O O   . HOH B 2 .   ? -19.197 -2.027  -0.732  1.00 20.42 ? 232 HOH A O   1 
HETATM 1576 O O   . HOH B 2 .   ? 1.447   -7.291  16.230  1.00 16.17 ? 233 HOH A O   1 
HETATM 1577 O O   . HOH B 2 .   ? 20.569  -6.417  1.945   1.00 22.74 ? 234 HOH A O   1 
HETATM 1578 O O   . HOH B 2 .   ? -9.262  18.159  -9.233  1.00 24.73 ? 235 HOH A O   1 
HETATM 1579 O O   . HOH B 2 .   ? 7.895   18.459  1.036   1.00 28.96 ? 236 HOH A O   1 
HETATM 1580 O O   . HOH B 2 .   ? 1.562   11.578  -11.908 1.00 11.78 ? 237 HOH A O   1 
HETATM 1581 O O   . HOH B 2 .   ? 1.232   5.130   7.457   1.00 19.90 ? 238 HOH A O   1 
HETATM 1582 O O   . HOH B 2 .   ? 8.767   -11.216 -12.811 1.00 49.15 ? 239 HOH A O   1 
HETATM 1583 O O   . HOH B 2 .   ? 19.602  -8.642  7.971   1.00 19.82 ? 240 HOH A O   1 
HETATM 1584 O O   . HOH B 2 .   ? 9.544   11.011  16.305  1.00 26.71 ? 241 HOH A O   1 
HETATM 1585 O O   . HOH B 2 .   ? -9.746  21.729  -7.316  1.00 26.23 ? 242 HOH A O   1 
HETATM 1586 O O   . HOH B 2 .   ? -3.641  -0.716  -3.812  1.00 30.69 ? 243 HOH A O   1 
HETATM 1587 O O   . HOH B 2 .   ? 9.210   -15.684 -4.987  1.00 25.08 ? 244 HOH A O   1 
HETATM 1588 O O   . HOH B 2 .   ? 7.643   -15.054 -2.891  1.00 23.41 ? 245 HOH A O   1 
HETATM 1589 O O   . HOH B 2 .   ? -9.964  1.698   8.517   1.00 16.57 ? 246 HOH A O   1 
HETATM 1590 O O   . HOH B 2 .   ? -11.996 -0.372  1.503   1.00 40.47 ? 247 HOH A O   1 
HETATM 1591 O O   . HOH B 2 .   ? 11.198  2.829   -2.169  1.00 22.55 ? 248 HOH A O   1 
HETATM 1592 O O   . HOH B 2 .   ? -17.124 4.898   -4.663  1.00 50.82 ? 249 HOH A O   1 
HETATM 1593 O O   . HOH B 2 .   ? -4.811  4.199   -5.586  1.00 20.99 ? 250 HOH A O   1 
HETATM 1594 O O   . HOH B 2 .   ? -3.827  3.704   -13.909 1.00 41.82 ? 251 HOH A O   1 
HETATM 1595 O O   . HOH B 2 .   ? 1.886   16.451  -9.169  1.00 23.92 ? 252 HOH A O   1 
HETATM 1596 O O   . HOH B 2 .   ? -12.654 21.655  -3.609  1.00 20.81 ? 253 HOH A O   1 
HETATM 1597 O O   . HOH B 2 .   ? 19.610  -14.813 1.592   1.00 28.51 ? 254 HOH A O   1 
HETATM 1598 O O   . HOH B 2 .   ? 4.023   -22.275 -9.045  1.00 20.01 ? 255 HOH A O   1 
HETATM 1599 O O   . HOH B 2 .   ? 13.224  -13.468 5.882   1.00 26.15 ? 256 HOH A O   1 
HETATM 1600 O O   . HOH B 2 .   ? -7.025  20.131  -6.182  1.00 47.36 ? 257 HOH A O   1 
HETATM 1601 O O   . HOH B 2 .   ? -11.542 19.397  -9.032  1.00 24.88 ? 258 HOH A O   1 
HETATM 1602 O O   . HOH B 2 .   ? -9.359  -1.047  3.031   1.00 12.68 ? 259 HOH A O   1 
HETATM 1603 O O   . HOH B 2 .   ? 12.468  -20.857 9.601   1.00 21.71 ? 260 HOH A O   1 
# 
